data_1L1R
# 
_entry.id   1L1R 
# 
_audit_conform.dict_name       mmcif_pdbx.dic 
_audit_conform.dict_version    5.376 
_audit_conform.dict_location   http://mmcif.pdb.org/dictionaries/ascii/mmcif_pdbx.dic 
# 
loop_
_database_2.database_id 
_database_2.database_code 
_database_2.pdbx_database_accession 
_database_2.pdbx_DOI 
PDB   1L1R         pdb_00001l1r 10.2210/pdb1l1r/pdb 
RCSB  RCSB015565   ?            ?                   
WWPDB D_1000015565 ?            ?                   
# 
_pdbx_database_related.db_name        PDB 
_pdbx_database_related.db_id          1L1Q 
_pdbx_database_related.details        'APRTase from Giardia lamblia complexed with 9-deazaadenine and sulfate' 
_pdbx_database_related.content_type   unspecified 
# 
_pdbx_database_status.status_code                     REL 
_pdbx_database_status.entry_id                        1L1R 
_pdbx_database_status.recvd_initial_deposition_date   2002-02-19 
_pdbx_database_status.deposit_site                    RCSB 
_pdbx_database_status.process_site                    RCSB 
_pdbx_database_status.SG_entry                        . 
_pdbx_database_status.pdb_format_compatible           Y 
_pdbx_database_status.status_code_mr                  ? 
_pdbx_database_status.status_code_sf                  ? 
_pdbx_database_status.status_code_cs                  ? 
_pdbx_database_status.status_code_nmr_data            ? 
_pdbx_database_status.methods_development_category    ? 
# 
loop_
_audit_author.name 
_audit_author.pdbx_ordinal 
'Shi, W.'       1 
'Sarver, A.E.'  2 
'Wang, C.C.'    3 
'Tanaka, K.S.'  4 
'Almo, S.C.'    5 
'Schramm, V.L.' 6 
# 
_citation.id                        primary 
_citation.title                     
;Closed Site Complexes of Adenine Phosphoribosyltransferase from Giardia lamblia  
Reveal a Mechanism of Ribosyl Migration.
;
_citation.journal_abbrev            J.Biol.Chem. 
_citation.journal_volume            277 
_citation.page_first                39981 
_citation.page_last                 39988 
_citation.year                      2002 
_citation.journal_id_ASTM           JBCHA3 
_citation.country                   US 
_citation.journal_id_ISSN           0021-9258 
_citation.journal_id_CSD            0071 
_citation.book_publisher            ? 
_citation.pdbx_database_id_PubMed   12171925 
_citation.pdbx_database_id_DOI      10.1074/jbc.M205596200 
# 
loop_
_citation_author.citation_id 
_citation_author.name 
_citation_author.ordinal 
_citation_author.identifier_ORCID 
primary 'Shi, W.'       1 ? 
primary 'Sarver, A.E.'  2 ? 
primary 'Wang, C.C.'    3 ? 
primary 'Tanaka, K.S.'  4 ? 
primary 'Almo, S.C.'    5 ? 
primary 'Schramm, V.L.' 6 ? 
# 
_cell.entry_id           1L1R 
_cell.length_a           54.325 
_cell.length_b           54.325 
_cell.length_c           108.744 
_cell.angle_alpha        90 
_cell.angle_beta         90 
_cell.angle_gamma        120 
_cell.Z_PDB              6 
_cell.pdbx_unique_axis   ? 
# 
_symmetry.entry_id                         1L1R 
_symmetry.space_group_name_H-M             'P 31 2 1' 
_symmetry.pdbx_full_space_group_name_H-M   ? 
_symmetry.cell_setting                     ? 
_symmetry.Int_Tables_number                152 
# 
loop_
_entity.id 
_entity.type 
_entity.src_method 
_entity.pdbx_description 
_entity.formula_weight 
_entity.pdbx_number_of_molecules 
_entity.pdbx_ec 
_entity.pdbx_mutation 
_entity.pdbx_fragment 
_entity.details 
1 polymer     man 'Adenine phosphoribosyltransferase'                  20290.617 1  2.4.2.7 ? ? ? 
2 non-polymer syn 'MAGNESIUM ION'                                      24.305    1  ?       ? ? ? 
3 non-polymer syn 9-DEAZAADENINE                                       134.139   1  ?       ? ? ? 
4 non-polymer syn 1-O-pyrophosphono-5-O-phosphono-alpha-D-ribofuranose 390.070   1  ?       ? ? ? 
5 water       nat water                                                18.015    79 ?       ? ? ? 
# 
_entity_poly.entity_id                      1 
_entity_poly.type                           'polypeptide(L)' 
_entity_poly.nstd_linkage                   no 
_entity_poly.nstd_monomer                   no 
_entity_poly.pdbx_seq_one_letter_code       
;MTMSVADAHALIKTIPDFPTKGIAFKDLSDILSTPAALDAVRKEVTAHYKDVPITKVVGIESRGFILGGIVANSLGVGFV
ALRKAGKLPGDVCKCTFDMEYQKGVTIEVQKRQLGPHDVVLLHDDVLATGGTLLAAIELCETAGVKPENIYINVLYEIEA
LKGREKVGQKCTRLFSVIREHHHHHH
;
_entity_poly.pdbx_seq_one_letter_code_can   
;MTMSVADAHALIKTIPDFPTKGIAFKDLSDILSTPAALDAVRKEVTAHYKDVPITKVVGIESRGFILGGIVANSLGVGFV
ALRKAGKLPGDVCKCTFDMEYQKGVTIEVQKRQLGPHDVVLLHDDVLATGGTLLAAIELCETAGVKPENIYINVLYEIEA
LKGREKVGQKCTRLFSVIREHHHHHH
;
_entity_poly.pdbx_strand_id                 A 
_entity_poly.pdbx_target_identifier         ? 
# 
loop_
_entity_poly_seq.entity_id 
_entity_poly_seq.num 
_entity_poly_seq.mon_id 
_entity_poly_seq.hetero 
1 1   MET n 
1 2   THR n 
1 3   MET n 
1 4   SER n 
1 5   VAL n 
1 6   ALA n 
1 7   ASP n 
1 8   ALA n 
1 9   HIS n 
1 10  ALA n 
1 11  LEU n 
1 12  ILE n 
1 13  LYS n 
1 14  THR n 
1 15  ILE n 
1 16  PRO n 
1 17  ASP n 
1 18  PHE n 
1 19  PRO n 
1 20  THR n 
1 21  LYS n 
1 22  GLY n 
1 23  ILE n 
1 24  ALA n 
1 25  PHE n 
1 26  LYS n 
1 27  ASP n 
1 28  LEU n 
1 29  SER n 
1 30  ASP n 
1 31  ILE n 
1 32  LEU n 
1 33  SER n 
1 34  THR n 
1 35  PRO n 
1 36  ALA n 
1 37  ALA n 
1 38  LEU n 
1 39  ASP n 
1 40  ALA n 
1 41  VAL n 
1 42  ARG n 
1 43  LYS n 
1 44  GLU n 
1 45  VAL n 
1 46  THR n 
1 47  ALA n 
1 48  HIS n 
1 49  TYR n 
1 50  LYS n 
1 51  ASP n 
1 52  VAL n 
1 53  PRO n 
1 54  ILE n 
1 55  THR n 
1 56  LYS n 
1 57  VAL n 
1 58  VAL n 
1 59  GLY n 
1 60  ILE n 
1 61  GLU n 
1 62  SER n 
1 63  ARG n 
1 64  GLY n 
1 65  PHE n 
1 66  ILE n 
1 67  LEU n 
1 68  GLY n 
1 69  GLY n 
1 70  ILE n 
1 71  VAL n 
1 72  ALA n 
1 73  ASN n 
1 74  SER n 
1 75  LEU n 
1 76  GLY n 
1 77  VAL n 
1 78  GLY n 
1 79  PHE n 
1 80  VAL n 
1 81  ALA n 
1 82  LEU n 
1 83  ARG n 
1 84  LYS n 
1 85  ALA n 
1 86  GLY n 
1 87  LYS n 
1 88  LEU n 
1 89  PRO n 
1 90  GLY n 
1 91  ASP n 
1 92  VAL n 
1 93  CYS n 
1 94  LYS n 
1 95  CYS n 
1 96  THR n 
1 97  PHE n 
1 98  ASP n 
1 99  MET n 
1 100 GLU n 
1 101 TYR n 
1 102 GLN n 
1 103 LYS n 
1 104 GLY n 
1 105 VAL n 
1 106 THR n 
1 107 ILE n 
1 108 GLU n 
1 109 VAL n 
1 110 GLN n 
1 111 LYS n 
1 112 ARG n 
1 113 GLN n 
1 114 LEU n 
1 115 GLY n 
1 116 PRO n 
1 117 HIS n 
1 118 ASP n 
1 119 VAL n 
1 120 VAL n 
1 121 LEU n 
1 122 LEU n 
1 123 HIS n 
1 124 ASP n 
1 125 ASP n 
1 126 VAL n 
1 127 LEU n 
1 128 ALA n 
1 129 THR n 
1 130 GLY n 
1 131 GLY n 
1 132 THR n 
1 133 LEU n 
1 134 LEU n 
1 135 ALA n 
1 136 ALA n 
1 137 ILE n 
1 138 GLU n 
1 139 LEU n 
1 140 CYS n 
1 141 GLU n 
1 142 THR n 
1 143 ALA n 
1 144 GLY n 
1 145 VAL n 
1 146 LYS n 
1 147 PRO n 
1 148 GLU n 
1 149 ASN n 
1 150 ILE n 
1 151 TYR n 
1 152 ILE n 
1 153 ASN n 
1 154 VAL n 
1 155 LEU n 
1 156 TYR n 
1 157 GLU n 
1 158 ILE n 
1 159 GLU n 
1 160 ALA n 
1 161 LEU n 
1 162 LYS n 
1 163 GLY n 
1 164 ARG n 
1 165 GLU n 
1 166 LYS n 
1 167 VAL n 
1 168 GLY n 
1 169 GLN n 
1 170 LYS n 
1 171 CYS n 
1 172 THR n 
1 173 ARG n 
1 174 LEU n 
1 175 PHE n 
1 176 SER n 
1 177 VAL n 
1 178 ILE n 
1 179 ARG n 
1 180 GLU n 
1 181 HIS n 
1 182 HIS n 
1 183 HIS n 
1 184 HIS n 
1 185 HIS n 
1 186 HIS n 
# 
_entity_src_gen.entity_id                          1 
_entity_src_gen.pdbx_src_id                        1 
_entity_src_gen.pdbx_alt_source_flag               sample 
_entity_src_gen.pdbx_seq_type                      ? 
_entity_src_gen.pdbx_beg_seq_num                   ? 
_entity_src_gen.pdbx_end_seq_num                   ? 
_entity_src_gen.gene_src_common_name               ? 
_entity_src_gen.gene_src_genus                     Giardia 
_entity_src_gen.pdbx_gene_src_gene                 ? 
_entity_src_gen.gene_src_species                   ? 
_entity_src_gen.gene_src_strain                    ? 
_entity_src_gen.gene_src_tissue                    ? 
_entity_src_gen.gene_src_tissue_fraction           ? 
_entity_src_gen.gene_src_details                   ? 
_entity_src_gen.pdbx_gene_src_fragment             ? 
_entity_src_gen.pdbx_gene_src_scientific_name      'Giardia intestinalis' 
_entity_src_gen.pdbx_gene_src_ncbi_taxonomy_id     5741 
_entity_src_gen.pdbx_gene_src_variant              ? 
_entity_src_gen.pdbx_gene_src_cell_line            ? 
_entity_src_gen.pdbx_gene_src_atcc                 ? 
_entity_src_gen.pdbx_gene_src_organ                ? 
_entity_src_gen.pdbx_gene_src_organelle            ? 
_entity_src_gen.pdbx_gene_src_cell                 ? 
_entity_src_gen.pdbx_gene_src_cellular_location    ? 
_entity_src_gen.host_org_common_name               ? 
_entity_src_gen.pdbx_host_org_scientific_name      'Escherichia coli' 
_entity_src_gen.pdbx_host_org_ncbi_taxonomy_id     562 
_entity_src_gen.host_org_genus                     Escherichia 
_entity_src_gen.pdbx_host_org_gene                 ? 
_entity_src_gen.pdbx_host_org_organ                ? 
_entity_src_gen.host_org_species                   ? 
_entity_src_gen.pdbx_host_org_tissue               ? 
_entity_src_gen.pdbx_host_org_tissue_fraction      ? 
_entity_src_gen.pdbx_host_org_strain               ? 
_entity_src_gen.pdbx_host_org_variant              ? 
_entity_src_gen.pdbx_host_org_cell_line            ? 
_entity_src_gen.pdbx_host_org_atcc                 ? 
_entity_src_gen.pdbx_host_org_culture_collection   ? 
_entity_src_gen.pdbx_host_org_cell                 ? 
_entity_src_gen.pdbx_host_org_organelle            ? 
_entity_src_gen.pdbx_host_org_cellular_location    ? 
_entity_src_gen.pdbx_host_org_vector_type          ? 
_entity_src_gen.pdbx_host_org_vector               ? 
_entity_src_gen.host_org_details                   ? 
_entity_src_gen.expression_system_id               ? 
_entity_src_gen.plasmid_name                       ? 
_entity_src_gen.plasmid_details                    ? 
_entity_src_gen.pdbx_description                   ? 
# 
_struct_ref.id                         1 
_struct_ref.db_name                    UNP 
_struct_ref.db_code                    Q967M2_GIALA 
_struct_ref.entity_id                  1 
_struct_ref.pdbx_seq_one_letter_code   
;MTMSVADAHALIKTIPDFPTKGIAFKDLSDILSTPAALDAVRKEVTAHYKDVPITKVVGIESRGFILGGIVANSLGVGFV
ALRKAGKLPGDVCKCTFDMEYQKGVTIEVQKRQLGPHDVVLLHDDVLATGGTLLAAIELCETAGVKPENIYINVLYEIEA
LKGREKVGQKCTRLFSVIRE
;
_struct_ref.pdbx_align_begin           1 
_struct_ref.pdbx_db_accession          Q967M2 
_struct_ref.pdbx_db_isoform            ? 
# 
_struct_ref_seq.align_id                      1 
_struct_ref_seq.ref_id                        1 
_struct_ref_seq.pdbx_PDB_id_code              1L1R 
_struct_ref_seq.pdbx_strand_id                A 
_struct_ref_seq.seq_align_beg                 1 
_struct_ref_seq.pdbx_seq_align_beg_ins_code   ? 
_struct_ref_seq.seq_align_end                 180 
_struct_ref_seq.pdbx_seq_align_end_ins_code   ? 
_struct_ref_seq.pdbx_db_accession             Q967M2 
_struct_ref_seq.db_align_beg                  1 
_struct_ref_seq.pdbx_db_align_beg_ins_code    ? 
_struct_ref_seq.db_align_end                  180 
_struct_ref_seq.pdbx_db_align_end_ins_code    ? 
_struct_ref_seq.pdbx_auth_seq_align_beg       1 
_struct_ref_seq.pdbx_auth_seq_align_end       180 
# 
loop_
_struct_ref_seq_dif.align_id 
_struct_ref_seq_dif.pdbx_pdb_id_code 
_struct_ref_seq_dif.mon_id 
_struct_ref_seq_dif.pdbx_pdb_strand_id 
_struct_ref_seq_dif.seq_num 
_struct_ref_seq_dif.pdbx_pdb_ins_code 
_struct_ref_seq_dif.pdbx_seq_db_name 
_struct_ref_seq_dif.pdbx_seq_db_accession_code 
_struct_ref_seq_dif.db_mon_id 
_struct_ref_seq_dif.pdbx_seq_db_seq_num 
_struct_ref_seq_dif.details 
_struct_ref_seq_dif.pdbx_auth_seq_num 
_struct_ref_seq_dif.pdbx_ordinal 
1 1L1R HIS A 181 ? UNP Q967M2 ? ? 'expression tag' 181 1 
1 1L1R HIS A 182 ? UNP Q967M2 ? ? 'expression tag' 182 2 
# 
loop_
_chem_comp.id 
_chem_comp.type 
_chem_comp.mon_nstd_flag 
_chem_comp.name 
_chem_comp.pdbx_synonyms 
_chem_comp.formula 
_chem_comp.formula_weight 
9DA non-polymer         . 9-DEAZAADENINE                                       ? 'C6 H6 N4'       134.139 
ALA 'L-peptide linking' y ALANINE                                              ? 'C3 H7 N O2'     89.093  
ARG 'L-peptide linking' y ARGININE                                             ? 'C6 H15 N4 O2 1' 175.209 
ASN 'L-peptide linking' y ASPARAGINE                                           ? 'C4 H8 N2 O3'    132.118 
ASP 'L-peptide linking' y 'ASPARTIC ACID'                                      ? 'C4 H7 N O4'     133.103 
CYS 'L-peptide linking' y CYSTEINE                                             ? 'C3 H7 N O2 S'   121.158 
GLN 'L-peptide linking' y GLUTAMINE                                            ? 'C5 H10 N2 O3'   146.144 
GLU 'L-peptide linking' y 'GLUTAMIC ACID'                                      ? 'C5 H9 N O4'     147.129 
GLY 'peptide linking'   y GLYCINE                                              ? 'C2 H5 N O2'     75.067  
HIS 'L-peptide linking' y HISTIDINE                                            ? 'C6 H10 N3 O2 1' 156.162 
HOH non-polymer         . WATER                                                ? 'H2 O'           18.015  
ILE 'L-peptide linking' y ISOLEUCINE                                           ? 'C6 H13 N O2'    131.173 
LEU 'L-peptide linking' y LEUCINE                                              ? 'C6 H13 N O2'    131.173 
LYS 'L-peptide linking' y LYSINE                                               ? 'C6 H15 N2 O2 1' 147.195 
MET 'L-peptide linking' y METHIONINE                                           ? 'C5 H11 N O2 S'  149.211 
MG  non-polymer         . 'MAGNESIUM ION'                                      ? 'Mg 2'           24.305  
PHE 'L-peptide linking' y PHENYLALANINE                                        ? 'C9 H11 N O2'    165.189 
PRO 'L-peptide linking' y PROLINE                                              ? 'C5 H9 N O2'     115.130 
PRP D-saccharide        n 1-O-pyrophosphono-5-O-phosphono-alpha-D-ribofuranose 
;ALPHA-PHOSPHORIBOSYLPYROPHOSPHORIC ACID; 1-O-pyrophosphono-5-O-phosphono-alpha-D-ribose; 1-O-pyrophosphono-5-O-phosphono-D-ribose; 1-O-pyrophosphono-5-O-phosphono-ribose
;
'C5 H13 O14 P3'  390.070 
SER 'L-peptide linking' y SERINE                                               ? 'C3 H7 N O3'     105.093 
THR 'L-peptide linking' y THREONINE                                            ? 'C4 H9 N O3'     119.119 
TYR 'L-peptide linking' y TYROSINE                                             ? 'C9 H11 N O3'    181.189 
VAL 'L-peptide linking' y VALINE                                               ? 'C5 H11 N O2'    117.146 
# 
_exptl.entry_id          1L1R 
_exptl.method            'X-RAY DIFFRACTION' 
_exptl.crystals_number   1 
# 
_exptl_crystal.id                    1 
_exptl_crystal.density_meas          ? 
_exptl_crystal.density_percent_sol   44 
_exptl_crystal.density_Matthews      2.2 
_exptl_crystal.description           ? 
# 
_exptl_crystal_grow.crystal_id      1 
_exptl_crystal_grow.method          'VAPOR DIFFUSION, HANGING DROP' 
_exptl_crystal_grow.temp            291 
_exptl_crystal_grow.temp_details    ? 
_exptl_crystal_grow.pH              4.6 
_exptl_crystal_grow.pdbx_details    
'PEG 4000, ammonium acetate, urea, sodium acetate, pH 4.6, VAPOR DIFFUSION, HANGING DROP, temperature 291K' 
_exptl_crystal_grow.pdbx_pH_range   . 
# 
_diffrn.id                     1 
_diffrn.ambient_temp           100 
_diffrn.ambient_temp_details   ? 
_diffrn.crystal_id             1 
# 
_diffrn_detector.diffrn_id              1 
_diffrn_detector.detector               CCD 
_diffrn_detector.type                   'ADSC QUANTUM 4' 
_diffrn_detector.pdbx_collection_date   2001-06-07 
_diffrn_detector.details                ? 
# 
_diffrn_radiation.diffrn_id                        1 
_diffrn_radiation.wavelength_id                    1 
_diffrn_radiation.pdbx_monochromatic_or_laue_m_l   M 
_diffrn_radiation.monochromator                    ? 
_diffrn_radiation.pdbx_diffrn_protocol             'SINGLE WAVELENGTH' 
_diffrn_radiation.pdbx_scattering_type             x-ray 
# 
_diffrn_radiation_wavelength.id           1 
_diffrn_radiation_wavelength.wavelength   0.98 
_diffrn_radiation_wavelength.wt           1.0 
# 
_diffrn_source.diffrn_id                   1 
_diffrn_source.source                      SYNCHROTRON 
_diffrn_source.type                        'NSLS BEAMLINE X9B' 
_diffrn_source.pdbx_synchrotron_site       NSLS 
_diffrn_source.pdbx_synchrotron_beamline   X9B 
_diffrn_source.pdbx_wavelength             ? 
_diffrn_source.pdbx_wavelength_list        0.98 
# 
_reflns.entry_id                     1L1R 
_reflns.observed_criterion_sigma_I   0.0 
_reflns.observed_criterion_sigma_F   0.0 
_reflns.d_resolution_low             25.0 
_reflns.d_resolution_high            1.95 
_reflns.number_obs                   14082 
_reflns.number_all                   14082 
_reflns.percent_possible_obs         99.5 
_reflns.pdbx_Rmerge_I_obs            ? 
_reflns.pdbx_Rsym_value              0.037 
_reflns.pdbx_netI_over_sigmaI        23.4 
_reflns.B_iso_Wilson_estimate        12.8 
_reflns.pdbx_redundancy              5.0 
_reflns.R_free_details               ? 
_reflns.limit_h_max                  ? 
_reflns.limit_h_min                  ? 
_reflns.limit_k_max                  ? 
_reflns.limit_k_min                  ? 
_reflns.limit_l_max                  ? 
_reflns.limit_l_min                  ? 
_reflns.observed_criterion_F_max     ? 
_reflns.observed_criterion_F_min     ? 
_reflns.pdbx_ordinal                 1 
_reflns.pdbx_diffrn_id               1 
# 
_reflns_shell.d_res_high             1.95 
_reflns_shell.d_res_low              2.02 
_reflns_shell.percent_possible_all   99.8 
_reflns_shell.Rmerge_I_obs           ? 
_reflns_shell.pdbx_Rsym_value        0.369 
_reflns_shell.meanI_over_sigI_obs    3.0 
_reflns_shell.pdbx_redundancy        4.8 
_reflns_shell.percent_possible_obs   ? 
_reflns_shell.number_unique_all      1387 
_reflns_shell.pdbx_ordinal           1 
_reflns_shell.pdbx_diffrn_id         1 
# 
_refine.entry_id                                 1L1R 
_refine.ls_number_reflns_obs                     13041 
_refine.ls_number_reflns_all                     13730 
_refine.pdbx_ls_sigma_I                          ? 
_refine.pdbx_ls_sigma_F                          2.0 
_refine.pdbx_data_cutoff_high_absF               ? 
_refine.pdbx_data_cutoff_low_absF                ? 
_refine.ls_d_res_low                             25.0 
_refine.ls_d_res_high                            1.95 
_refine.ls_percent_reflns_obs                    92.4 
_refine.ls_R_factor_obs                          0.222 
_refine.ls_R_factor_all                          ? 
_refine.ls_R_factor_R_work                       0.218 
_refine.ls_R_factor_R_free                       0.262 
_refine.ls_R_factor_R_free_error                 0.007 
_refine.ls_R_factor_R_free_error_details         ? 
_refine.ls_percent_reflns_R_free                 10.0 
_refine.ls_number_reflns_R_free                  1309 
_refine.ls_number_parameters                     ? 
_refine.ls_number_restraints                     ? 
_refine.occupancy_min                            ? 
_refine.occupancy_max                            ? 
_refine.B_iso_mean                               30.5 
_refine.aniso_B[1][1]                            4.77 
_refine.aniso_B[2][2]                            4.77 
_refine.aniso_B[3][3]                            -9.54 
_refine.aniso_B[1][2]                            5.29 
_refine.aniso_B[1][3]                            0.00 
_refine.aniso_B[2][3]                            0.00 
_refine.solvent_model_details                    'flat model' 
_refine.solvent_model_param_ksol                 0.340042 
_refine.solvent_model_param_bsol                 37.9291 
_refine.pdbx_ls_cross_valid_method               THROUGHOUT 
_refine.details                                  ? 
_refine.pdbx_starting_model                      'PDB ENTRY 1L1Q' 
_refine.pdbx_method_to_determine_struct          'FOURIER SYNTHESIS' 
_refine.pdbx_isotropic_thermal_model             RESTRAINED 
_refine.pdbx_stereochemistry_target_values       'Engh & Huber' 
_refine.pdbx_stereochem_target_val_spec_case     ? 
_refine.pdbx_R_Free_selection_details            random 
_refine.pdbx_overall_ESU_R_Free                  ? 
_refine.overall_SU_B                             ? 
_refine.ls_redundancy_reflns_obs                 ? 
_refine.B_iso_min                                ? 
_refine.B_iso_max                                ? 
_refine.correlation_coeff_Fo_to_Fc               ? 
_refine.overall_SU_R_Cruickshank_DPI             ? 
_refine.overall_SU_R_free                        ? 
_refine.overall_SU_ML                            ? 
_refine.pdbx_overall_ESU_R                       ? 
_refine.pdbx_data_cutoff_high_rms_absF           ? 
_refine.correlation_coeff_Fo_to_Fc_free          ? 
_refine.pdbx_solvent_vdw_probe_radii             ? 
_refine.pdbx_solvent_ion_probe_radii             ? 
_refine.pdbx_solvent_shrinkage_radii             ? 
_refine.pdbx_refine_id                           'X-RAY DIFFRACTION' 
_refine.pdbx_diffrn_id                           1 
_refine.pdbx_TLS_residual_ADP_flag               ? 
_refine.pdbx_overall_phase_error                 ? 
_refine.pdbx_overall_SU_R_free_Cruickshank_DPI   ? 
_refine.pdbx_overall_SU_R_Blow_DPI               ? 
_refine.pdbx_overall_SU_R_free_Blow_DPI          ? 
# 
_refine_analyze.entry_id                        1L1R 
_refine_analyze.Luzzati_coordinate_error_obs    0.25 
_refine_analyze.Luzzati_sigma_a_obs             0.19 
_refine_analyze.Luzzati_d_res_low_obs           5.00 
_refine_analyze.Luzzati_coordinate_error_free   0.30 
_refine_analyze.Luzzati_sigma_a_free            0.21 
_refine_analyze.Luzzati_d_res_low_free          ? 
_refine_analyze.number_disordered_residues      ? 
_refine_analyze.occupancy_sum_hydrogen          ? 
_refine_analyze.occupancy_sum_non_hydrogen      ? 
_refine_analyze.pdbx_Luzzati_d_res_high_obs     ? 
_refine_analyze.pdbx_refine_id                  'X-RAY DIFFRACTION' 
# 
_refine_hist.pdbx_refine_id                   'X-RAY DIFFRACTION' 
_refine_hist.cycle_id                         LAST 
_refine_hist.pdbx_number_atoms_protein        1345 
_refine_hist.pdbx_number_atoms_nucleic_acid   0 
_refine_hist.pdbx_number_atoms_ligand         33 
_refine_hist.number_atoms_solvent             79 
_refine_hist.number_atoms_total               1457 
_refine_hist.d_res_high                       1.95 
_refine_hist.d_res_low                        25.0 
# 
loop_
_refine_ls_restr.type 
_refine_ls_restr.dev_ideal 
_refine_ls_restr.dev_ideal_target 
_refine_ls_restr.weight 
_refine_ls_restr.number 
_refine_ls_restr.pdbx_refine_id 
_refine_ls_restr.pdbx_restraint_function 
c_bond_d           0.008 ? ? ? 'X-RAY DIFFRACTION' ? 
c_angle_deg        1.4   ? ? ? 'X-RAY DIFFRACTION' ? 
c_dihedral_angle_d 24.7  ? ? ? 'X-RAY DIFFRACTION' ? 
c_improper_angle_d 0.84  ? ? ? 'X-RAY DIFFRACTION' ? 
# 
_refine_ls_shell.pdbx_total_number_of_bins_used   6 
_refine_ls_shell.d_res_high                       1.95 
_refine_ls_shell.d_res_low                        2.07 
_refine_ls_shell.number_reflns_R_work             1752 
_refine_ls_shell.R_factor_R_work                  0.272 
_refine_ls_shell.percent_reflns_obs               83.4 
_refine_ls_shell.R_factor_R_free                  0.284 
_refine_ls_shell.R_factor_R_free_error            0.022 
_refine_ls_shell.percent_reflns_R_free            8.9 
_refine_ls_shell.number_reflns_R_free             171 
_refine_ls_shell.number_reflns_obs                1922 
_refine_ls_shell.redundancy_reflns_obs            ? 
_refine_ls_shell.number_reflns_all                ? 
_refine_ls_shell.pdbx_refine_id                   'X-RAY DIFFRACTION' 
_refine_ls_shell.R_factor_all                     ? 
# 
_struct.entry_id                  1L1R 
_struct.title                     'Crystal Structure of APRTase from Giardia lamblia Complexed with 9-deazaadenine, Mg2+ and PRPP' 
_struct.pdbx_model_details        ? 
_struct.pdbx_CASP_flag            ? 
_struct.pdbx_model_type_details   ? 
# 
_struct_keywords.entry_id        1L1R 
_struct_keywords.pdbx_keywords   TRANSFERASE 
_struct_keywords.text            'APRTase, adenine, Giardia lamblia, purine metabolism, catalytic loop, TRANSFERASE' 
# 
loop_
_struct_asym.id 
_struct_asym.pdbx_blank_PDB_chainid_flag 
_struct_asym.pdbx_modified 
_struct_asym.entity_id 
_struct_asym.details 
A N N 1 ? 
B N N 2 ? 
C N N 3 ? 
D N N 4 ? 
E N N 5 ? 
# 
_struct_biol.id                    1 
_struct_biol.details               
'The biological assembly is a dimer generated from the monomer in the asymmetric unit by applying the crystallographic 2-fold.' 
_struct_biol.pdbx_parent_biol_id   ? 
# 
loop_
_struct_conf.conf_type_id 
_struct_conf.id 
_struct_conf.pdbx_PDB_helix_id 
_struct_conf.beg_label_comp_id 
_struct_conf.beg_label_asym_id 
_struct_conf.beg_label_seq_id 
_struct_conf.pdbx_beg_PDB_ins_code 
_struct_conf.end_label_comp_id 
_struct_conf.end_label_asym_id 
_struct_conf.end_label_seq_id 
_struct_conf.pdbx_end_PDB_ins_code 
_struct_conf.beg_auth_comp_id 
_struct_conf.beg_auth_asym_id 
_struct_conf.beg_auth_seq_id 
_struct_conf.end_auth_comp_id 
_struct_conf.end_auth_asym_id 
_struct_conf.end_auth_seq_id 
_struct_conf.pdbx_PDB_helix_class 
_struct_conf.details 
_struct_conf.pdbx_PDB_helix_length 
HELX_P HELX_P1  1  SER A 4   ? ALA A 10  ? SER A 4   ALA A 10  1 ? 7  
HELX_P HELX_P2  2  LEU A 28  ? THR A 34  ? LEU A 28  THR A 34  1 ? 7  
HELX_P HELX_P3  3  THR A 34  ? TYR A 49  ? THR A 34  TYR A 49  1 ? 16 
HELX_P HELX_P4  4  SER A 62  ? GLY A 64  ? SER A 62  GLY A 64  5 ? 3  
HELX_P HELX_P5  5  PHE A 65  ? GLY A 76  ? PHE A 65  GLY A 76  1 ? 12 
HELX_P HELX_P6  6  ARG A 112 ? LEU A 114 ? ARG A 112 LEU A 114 5 ? 3  
HELX_P HELX_P7  7  GLY A 130 ? ALA A 143 ? GLY A 130 ALA A 143 1 ? 14 
HELX_P HELX_P8  8  LYS A 146 ? GLU A 148 ? LYS A 146 GLU A 148 5 ? 3  
HELX_P HELX_P9  9  GLU A 159 ? LEU A 161 ? GLU A 159 LEU A 161 5 ? 3  
HELX_P HELX_P10 10 LYS A 162 ? GLN A 169 ? LYS A 162 GLN A 169 1 ? 8  
# 
_struct_conf_type.id          HELX_P 
_struct_conf_type.criteria    ? 
_struct_conf_type.reference   ? 
# 
loop_
_struct_conn.id 
_struct_conn.conn_type_id 
_struct_conn.pdbx_leaving_atom_flag 
_struct_conn.pdbx_PDB_id 
_struct_conn.ptnr1_label_asym_id 
_struct_conn.ptnr1_label_comp_id 
_struct_conn.ptnr1_label_seq_id 
_struct_conn.ptnr1_label_atom_id 
_struct_conn.pdbx_ptnr1_label_alt_id 
_struct_conn.pdbx_ptnr1_PDB_ins_code 
_struct_conn.pdbx_ptnr1_standard_comp_id 
_struct_conn.ptnr1_symmetry 
_struct_conn.ptnr2_label_asym_id 
_struct_conn.ptnr2_label_comp_id 
_struct_conn.ptnr2_label_seq_id 
_struct_conn.ptnr2_label_atom_id 
_struct_conn.pdbx_ptnr2_label_alt_id 
_struct_conn.pdbx_ptnr2_PDB_ins_code 
_struct_conn.ptnr1_auth_asym_id 
_struct_conn.ptnr1_auth_comp_id 
_struct_conn.ptnr1_auth_seq_id 
_struct_conn.ptnr2_auth_asym_id 
_struct_conn.ptnr2_auth_comp_id 
_struct_conn.ptnr2_auth_seq_id 
_struct_conn.ptnr2_symmetry 
_struct_conn.pdbx_ptnr3_label_atom_id 
_struct_conn.pdbx_ptnr3_label_seq_id 
_struct_conn.pdbx_ptnr3_label_comp_id 
_struct_conn.pdbx_ptnr3_label_asym_id 
_struct_conn.pdbx_ptnr3_label_alt_id 
_struct_conn.pdbx_ptnr3_PDB_ins_code 
_struct_conn.details 
_struct_conn.pdbx_dist_value 
_struct_conn.pdbx_value_order 
_struct_conn.pdbx_role 
metalc1 metalc ? ? D PRP . O3A ? ? ? 1_555 B MG  . MG ? ? A PRP 301 A MG  400 1_555 ? ? ? ? ? ? ? 2.959 ? ? 
metalc2 metalc ? ? D PRP . O1  ? ? ? 1_555 B MG  . MG ? ? A PRP 301 A MG  400 1_555 ? ? ? ? ? ? ? 2.302 ? ? 
metalc3 metalc ? ? D PRP . O2  ? ? ? 1_555 B MG  . MG ? ? A PRP 301 A MG  400 1_555 ? ? ? ? ? ? ? 2.546 ? ? 
metalc4 metalc ? ? D PRP . O3  ? ? ? 1_555 B MG  . MG ? ? A PRP 301 A MG  400 1_555 ? ? ? ? ? ? ? 2.476 ? ? 
metalc5 metalc ? ? D PRP . O3B ? ? ? 1_555 B MG  . MG ? ? A PRP 301 A MG  400 1_555 ? ? ? ? ? ? ? 2.246 ? ? 
metalc6 metalc ? ? B MG  . MG  ? ? ? 1_555 E HOH . O  ? ? A MG  400 A HOH 463 1_555 ? ? ? ? ? ? ? 2.116 ? ? 
metalc7 metalc ? ? B MG  . MG  ? ? ? 1_555 E HOH . O  ? ? A MG  400 A HOH 464 1_555 ? ? ? ? ? ? ? 2.133 ? ? 
# 
_struct_conn_type.id          metalc 
_struct_conn_type.criteria    ? 
_struct_conn_type.reference   ? 
# 
loop_
_struct_mon_prot_cis.pdbx_id 
_struct_mon_prot_cis.label_comp_id 
_struct_mon_prot_cis.label_seq_id 
_struct_mon_prot_cis.label_asym_id 
_struct_mon_prot_cis.label_alt_id 
_struct_mon_prot_cis.pdbx_PDB_ins_code 
_struct_mon_prot_cis.auth_comp_id 
_struct_mon_prot_cis.auth_seq_id 
_struct_mon_prot_cis.auth_asym_id 
_struct_mon_prot_cis.pdbx_label_comp_id_2 
_struct_mon_prot_cis.pdbx_label_seq_id_2 
_struct_mon_prot_cis.pdbx_label_asym_id_2 
_struct_mon_prot_cis.pdbx_PDB_ins_code_2 
_struct_mon_prot_cis.pdbx_auth_comp_id_2 
_struct_mon_prot_cis.pdbx_auth_seq_id_2 
_struct_mon_prot_cis.pdbx_auth_asym_id_2 
_struct_mon_prot_cis.pdbx_PDB_model_num 
_struct_mon_prot_cis.pdbx_omega_angle 
1 PHE 18 A . ? PHE 18 A PRO 19 A ? PRO 19 A 1 0.20 
2 GLU 61 A . ? GLU 61 A SER 62 A ? SER 62 A 1 0.74 
# 
loop_
_struct_sheet.id 
_struct_sheet.type 
_struct_sheet.number_strands 
_struct_sheet.details 
A ? 2 ? 
B ? 7 ? 
# 
loop_
_struct_sheet_order.sheet_id 
_struct_sheet_order.range_id_1 
_struct_sheet_order.range_id_2 
_struct_sheet_order.offset 
_struct_sheet_order.sense 
A 1 2 ? anti-parallel 
B 1 2 ? anti-parallel 
B 2 3 ? anti-parallel 
B 3 4 ? parallel      
B 4 5 ? parallel      
B 5 6 ? parallel      
B 6 7 ? parallel      
# 
loop_
_struct_sheet_range.sheet_id 
_struct_sheet_range.id 
_struct_sheet_range.beg_label_comp_id 
_struct_sheet_range.beg_label_asym_id 
_struct_sheet_range.beg_label_seq_id 
_struct_sheet_range.pdbx_beg_PDB_ins_code 
_struct_sheet_range.end_label_comp_id 
_struct_sheet_range.end_label_asym_id 
_struct_sheet_range.end_label_seq_id 
_struct_sheet_range.pdbx_end_PDB_ins_code 
_struct_sheet_range.beg_auth_comp_id 
_struct_sheet_range.beg_auth_asym_id 
_struct_sheet_range.beg_auth_seq_id 
_struct_sheet_range.end_auth_comp_id 
_struct_sheet_range.end_auth_asym_id 
_struct_sheet_range.end_auth_seq_id 
A 1 LYS A 13  ? ILE A 15  ? LYS A 13  ILE A 15  
A 2 PHE A 25  ? ASP A 27  ? PHE A 25  ASP A 27  
B 1 VAL A 92  ? MET A 99  ? VAL A 92  MET A 99  
B 2 GLN A 102 ? GLN A 110 ? GLN A 102 GLN A 110 
B 3 GLY A 78  ? LYS A 84  ? GLY A 78  LYS A 84  
B 4 LYS A 56  ? ILE A 60  ? LYS A 56  ILE A 60  
B 5 VAL A 120 ? LEU A 127 ? VAL A 120 LEU A 127 
B 6 ILE A 150 ? GLU A 157 ? ILE A 150 GLU A 157 
B 7 LEU A 174 ? ARG A 179 ? LEU A 174 ARG A 179 
# 
loop_
_pdbx_struct_sheet_hbond.sheet_id 
_pdbx_struct_sheet_hbond.range_id_1 
_pdbx_struct_sheet_hbond.range_id_2 
_pdbx_struct_sheet_hbond.range_1_label_atom_id 
_pdbx_struct_sheet_hbond.range_1_label_comp_id 
_pdbx_struct_sheet_hbond.range_1_label_asym_id 
_pdbx_struct_sheet_hbond.range_1_label_seq_id 
_pdbx_struct_sheet_hbond.range_1_PDB_ins_code 
_pdbx_struct_sheet_hbond.range_1_auth_atom_id 
_pdbx_struct_sheet_hbond.range_1_auth_comp_id 
_pdbx_struct_sheet_hbond.range_1_auth_asym_id 
_pdbx_struct_sheet_hbond.range_1_auth_seq_id 
_pdbx_struct_sheet_hbond.range_2_label_atom_id 
_pdbx_struct_sheet_hbond.range_2_label_comp_id 
_pdbx_struct_sheet_hbond.range_2_label_asym_id 
_pdbx_struct_sheet_hbond.range_2_label_seq_id 
_pdbx_struct_sheet_hbond.range_2_PDB_ins_code 
_pdbx_struct_sheet_hbond.range_2_auth_atom_id 
_pdbx_struct_sheet_hbond.range_2_auth_comp_id 
_pdbx_struct_sheet_hbond.range_2_auth_asym_id 
_pdbx_struct_sheet_hbond.range_2_auth_seq_id 
A 1 2 N LYS A 13  ? N LYS A 13  O ASP A 27  ? O ASP A 27  
B 1 2 N PHE A 97  ? N PHE A 97  O VAL A 105 ? O VAL A 105 
B 2 3 O GLU A 108 ? O GLU A 108 N ARG A 83  ? N ARG A 83  
B 3 4 O VAL A 80  ? O VAL A 80  N VAL A 57  ? N VAL A 57  
B 4 5 N VAL A 58  ? N VAL A 58  O HIS A 123 ? O HIS A 123 
B 5 6 N LEU A 122 ? N LEU A 122 O TYR A 151 ? O TYR A 151 
B 6 7 N GLU A 157 ? N GLU A 157 O ILE A 178 ? O ILE A 178 
# 
_atom_sites.entry_id                    1L1R 
_atom_sites.fract_transf_matrix[1][1]   0.02060814 
_atom_sites.fract_transf_matrix[1][2]   -0.00390752 
_atom_sites.fract_transf_matrix[1][3]   0.00344162 
_atom_sites.fract_transf_matrix[2][1]   0.01177035 
_atom_sites.fract_transf_matrix[2][2]   -0.00910293 
_atom_sites.fract_transf_matrix[2][3]   -0.01517796 
_atom_sites.fract_transf_matrix[3][1]   0.00213028 
_atom_sites.fract_transf_matrix[3][2]   0.00830373 
_atom_sites.fract_transf_matrix[3][3]   -0.00332812 
_atom_sites.fract_transf_vector[1]      0.670448 
_atom_sites.fract_transf_vector[2]      0.784633 
_atom_sites.fract_transf_vector[3]      0.291031 
# 
loop_
_atom_type.symbol 
C  
MG 
N  
O  
P  
S  
# 
loop_
_atom_site.group_PDB 
_atom_site.id 
_atom_site.type_symbol 
_atom_site.label_atom_id 
_atom_site.label_alt_id 
_atom_site.label_comp_id 
_atom_site.label_asym_id 
_atom_site.label_entity_id 
_atom_site.label_seq_id 
_atom_site.pdbx_PDB_ins_code 
_atom_site.Cartn_x 
_atom_site.Cartn_y 
_atom_site.Cartn_z 
_atom_site.occupancy 
_atom_site.B_iso_or_equiv 
_atom_site.pdbx_formal_charge 
_atom_site.auth_seq_id 
_atom_site.auth_comp_id 
_atom_site.auth_asym_id 
_atom_site.auth_atom_id 
_atom_site.pdbx_PDB_model_num 
ATOM   1    N  N   . THR A 1 2   ? 19.231  17.876  6.286   1.00 27.70 ? 2   THR A N   1 
ATOM   2    C  CA  . THR A 1 2   ? 18.532  16.663  5.780   1.00 29.42 ? 2   THR A CA  1 
ATOM   3    C  C   . THR A 1 2   ? 17.025  16.889  5.890   1.00 28.37 ? 2   THR A C   1 
ATOM   4    O  O   . THR A 1 2   ? 16.554  17.419  6.898   1.00 28.59 ? 2   THR A O   1 
ATOM   5    C  CB  . THR A 1 2   ? 18.927  15.431  6.625   1.00 29.63 ? 2   THR A CB  1 
ATOM   6    O  OG1 . THR A 1 2   ? 20.350  15.281  6.594   1.00 32.65 ? 2   THR A OG1 1 
ATOM   7    C  CG2 . THR A 1 2   ? 18.294  14.174  6.086   1.00 31.38 ? 2   THR A CG2 1 
ATOM   8    N  N   . MET A 1 3   ? 16.283  16.501  4.854   1.00 26.44 ? 3   MET A N   1 
ATOM   9    C  CA  . MET A 1 3   ? 14.825  16.646  4.842   1.00 26.45 ? 3   MET A CA  1 
ATOM   10   C  C   . MET A 1 3   ? 14.143  15.745  5.851   1.00 26.27 ? 3   MET A C   1 
ATOM   11   O  O   . MET A 1 3   ? 14.625  14.654  6.136   1.00 27.98 ? 3   MET A O   1 
ATOM   12   C  CB  . MET A 1 3   ? 14.240  16.311  3.464   1.00 25.04 ? 3   MET A CB  1 
ATOM   13   C  CG  . MET A 1 3   ? 14.082  17.496  2.556   1.00 22.31 ? 3   MET A CG  1 
ATOM   14   S  SD  . MET A 1 3   ? 13.141  17.065  1.069   1.00 23.61 ? 3   MET A SD  1 
ATOM   15   C  CE  . MET A 1 3   ? 13.614  18.370  0.036   1.00 18.26 ? 3   MET A CE  1 
ATOM   16   N  N   . SER A 1 4   ? 13.001  16.202  6.361   1.00 26.70 ? 4   SER A N   1 
ATOM   17   C  CA  . SER A 1 4   ? 12.210  15.447  7.330   1.00 25.27 ? 4   SER A CA  1 
ATOM   18   C  C   . SER A 1 4   ? 10.948  14.972  6.641   1.00 25.09 ? 4   SER A C   1 
ATOM   19   O  O   . SER A 1 4   ? 10.715  15.308  5.482   1.00 23.30 ? 4   SER A O   1 
ATOM   20   C  CB  . SER A 1 4   ? 11.793  16.339  8.494   1.00 24.98 ? 4   SER A CB  1 
ATOM   21   O  OG  . SER A 1 4   ? 10.861  17.314  8.059   1.00 27.16 ? 4   SER A OG  1 
ATOM   22   N  N   . VAL A 1 5   ? 10.135  14.198  7.355   1.00 23.33 ? 5   VAL A N   1 
ATOM   23   C  CA  . VAL A 1 5   ? 8.877   13.705  6.806   1.00 21.34 ? 5   VAL A CA  1 
ATOM   24   C  C   . VAL A 1 5   ? 7.963   14.877  6.501   1.00 21.21 ? 5   VAL A C   1 
ATOM   25   O  O   . VAL A 1 5   ? 7.254   14.875  5.490   1.00 21.40 ? 5   VAL A O   1 
ATOM   26   C  CB  . VAL A 1 5   ? 8.158   12.750  7.791   1.00 24.38 ? 5   VAL A CB  1 
ATOM   27   C  CG1 . VAL A 1 5   ? 6.684   12.619  7.423   1.00 20.89 ? 5   VAL A CG1 1 
ATOM   28   C  CG2 . VAL A 1 5   ? 8.820   11.377  7.744   1.00 24.36 ? 5   VAL A CG2 1 
ATOM   29   N  N   . ALA A 1 6   ? 7.990   15.888  7.367   1.00 20.63 ? 6   ALA A N   1 
ATOM   30   C  CA  . ALA A 1 6   ? 7.158   17.069  7.160   1.00 21.30 ? 6   ALA A CA  1 
ATOM   31   C  C   . ALA A 1 6   ? 7.568   17.753  5.859   1.00 20.59 ? 6   ALA A C   1 
ATOM   32   O  O   . ALA A 1 6   ? 6.721   18.265  5.128   1.00 19.63 ? 6   ALA A O   1 
ATOM   33   C  CB  . ALA A 1 6   ? 7.304   18.040  8.335   1.00 22.14 ? 6   ALA A CB  1 
ATOM   34   N  N   . ASP A 1 7   ? 8.871   17.775  5.582   1.00 20.43 ? 7   ASP A N   1 
ATOM   35   C  CA  . ASP A 1 7   ? 9.355   18.382  4.346   1.00 20.18 ? 7   ASP A CA  1 
ATOM   36   C  C   . ASP A 1 7   ? 8.785   17.604  3.167   1.00 18.10 ? 7   ASP A C   1 
ATOM   37   O  O   . ASP A 1 7   ? 8.377   18.201  2.172   1.00 19.71 ? 7   ASP A O   1 
ATOM   38   C  CB  . ASP A 1 7   ? 10.890  18.371  4.272   1.00 19.11 ? 7   ASP A CB  1 
ATOM   39   C  CG  . ASP A 1 7   ? 11.520  19.344  5.242   1.00 21.83 ? 7   ASP A CG  1 
ATOM   40   O  OD1 . ASP A 1 7   ? 10.958  20.445  5.402   1.00 23.11 ? 7   ASP A OD1 1 
ATOM   41   O  OD2 . ASP A 1 7   ? 12.575  19.021  5.824   1.00 19.03 ? 7   ASP A OD2 1 
ATOM   42   N  N   . ALA A 1 8   ? 8.773   16.277  3.278   1.00 18.87 ? 8   ALA A N   1 
ATOM   43   C  CA  . ALA A 1 8   ? 8.217   15.418  2.228   1.00 18.06 ? 8   ALA A CA  1 
ATOM   44   C  C   . ALA A 1 8   ? 6.745   15.777  2.010   1.00 19.59 ? 8   ALA A C   1 
ATOM   45   O  O   . ALA A 1 8   ? 6.268   15.906  0.870   1.00 18.94 ? 8   ALA A O   1 
ATOM   46   C  CB  . ALA A 1 8   ? 8.339   13.940  2.630   1.00 15.90 ? 8   ALA A CB  1 
ATOM   47   N  N   . HIS A 1 9   ? 6.024   15.936  3.117   1.00 20.76 ? 9   HIS A N   1 
ATOM   48   C  CA  . HIS A 1 9   ? 4.604   16.288  3.064   1.00 21.36 ? 9   HIS A CA  1 
ATOM   49   C  C   . HIS A 1 9   ? 4.429   17.603  2.281   1.00 21.96 ? 9   HIS A C   1 
ATOM   50   O  O   . HIS A 1 9   ? 3.509   17.751  1.467   1.00 23.15 ? 9   HIS A O   1 
ATOM   51   C  CB  . HIS A 1 9   ? 4.068   16.429  4.502   1.00 21.54 ? 9   HIS A CB  1 
ATOM   52   C  CG  . HIS A 1 9   ? 2.577   16.543  4.602   1.00 21.14 ? 9   HIS A CG  1 
ATOM   53   N  ND1 . HIS A 1 9   ? 1.914   16.526  5.814   1.00 22.25 ? 9   HIS A ND1 1 
ATOM   54   C  CD2 . HIS A 1 9   ? 1.618   16.664  3.652   1.00 19.97 ? 9   HIS A CD2 1 
ATOM   55   C  CE1 . HIS A 1 9   ? 0.613   16.629  5.601   1.00 20.23 ? 9   HIS A CE1 1 
ATOM   56   N  NE2 . HIS A 1 9   ? 0.407   16.715  4.299   1.00 18.10 ? 9   HIS A NE2 1 
ATOM   57   N  N   . ALA A 1 10  ? 5.332   18.550  2.510   1.00 20.59 ? 10  ALA A N   1 
ATOM   58   C  CA  . ALA A 1 10  ? 5.260   19.842  1.835   1.00 21.51 ? 10  ALA A CA  1 
ATOM   59   C  C   . ALA A 1 10  ? 5.476   19.749  0.313   1.00 22.36 ? 10  ALA A C   1 
ATOM   60   O  O   . ALA A 1 10  ? 5.223   20.716  -0.411  1.00 24.34 ? 10  ALA A O   1 
ATOM   61   C  CB  . ALA A 1 10  ? 6.281   20.809  2.456   1.00 23.12 ? 10  ALA A CB  1 
ATOM   62   N  N   . LEU A 1 11  ? 5.943   18.598  -0.168  1.00 18.37 ? 11  LEU A N   1 
ATOM   63   C  CA  . LEU A 1 11  ? 6.176   18.416  -1.602  1.00 18.12 ? 11  LEU A CA  1 
ATOM   64   C  C   . LEU A 1 11  ? 4.939   17.925  -2.364  1.00 18.94 ? 11  LEU A C   1 
ATOM   65   O  O   . LEU A 1 11  ? 4.903   17.964  -3.597  1.00 16.31 ? 11  LEU A O   1 
ATOM   66   C  CB  . LEU A 1 11  ? 7.314   17.416  -1.821  1.00 15.81 ? 11  LEU A CB  1 
ATOM   67   C  CG  . LEU A 1 11  ? 8.706   17.820  -1.315  1.00 16.97 ? 11  LEU A CG  1 
ATOM   68   C  CD1 . LEU A 1 11  ? 9.716   16.727  -1.703  1.00 15.63 ? 11  LEU A CD1 1 
ATOM   69   C  CD2 . LEU A 1 11  ? 9.118   19.158  -1.921  1.00 16.51 ? 11  LEU A CD2 1 
ATOM   70   N  N   . ILE A 1 12  ? 3.921   17.474  -1.635  1.00 20.14 ? 12  ILE A N   1 
ATOM   71   C  CA  . ILE A 1 12  ? 2.712   16.952  -2.277  1.00 22.24 ? 12  ILE A CA  1 
ATOM   72   C  C   . ILE A 1 12  ? 1.894   18.042  -2.978  1.00 24.35 ? 12  ILE A C   1 
ATOM   73   O  O   . ILE A 1 12  ? 1.708   19.120  -2.436  1.00 23.52 ? 12  ILE A O   1 
ATOM   74   C  CB  . ILE A 1 12  ? 1.835   16.222  -1.241  1.00 23.70 ? 12  ILE A CB  1 
ATOM   75   C  CG1 . ILE A 1 12  ? 2.669   15.133  -0.548  1.00 21.47 ? 12  ILE A CG1 1 
ATOM   76   C  CG2 . ILE A 1 12  ? 0.595   15.640  -1.923  1.00 25.77 ? 12  ILE A CG2 1 
ATOM   77   C  CD1 . ILE A 1 12  ? 1.926   14.352  0.519   1.00 22.79 ? 12  ILE A CD1 1 
ATOM   78   N  N   . LYS A 1 13  ? 1.437   17.770  -4.200  1.00 25.67 ? 13  LYS A N   1 
ATOM   79   C  CA  . LYS A 1 13  ? 0.642   18.739  -4.949  1.00 29.32 ? 13  LYS A CA  1 
ATOM   80   C  C   . LYS A 1 13  ? -0.806  18.297  -4.964  1.00 30.88 ? 13  LYS A C   1 
ATOM   81   O  O   . LYS A 1 13  ? -1.094  17.113  -5.093  1.00 30.96 ? 13  LYS A O   1 
ATOM   82   C  CB  . LYS A 1 13  ? 1.115   18.860  -6.411  1.00 29.04 ? 13  LYS A CB  1 
ATOM   83   C  CG  . LYS A 1 13  ? 2.188   19.908  -6.686  1.00 31.10 ? 13  LYS A CG  1 
ATOM   84   C  CD  . LYS A 1 13  ? 3.502   19.534  -6.053  1.00 32.52 ? 13  LYS A CD  1 
ATOM   85   C  CE  . LYS A 1 13  ? 4.564   20.613  -6.217  1.00 31.48 ? 13  LYS A CE  1 
ATOM   86   N  NZ  . LYS A 1 13  ? 5.719   20.251  -5.332  1.00 28.91 ? 13  LYS A NZ  1 
ATOM   87   N  N   . THR A 1 14  ? -1.718  19.255  -4.840  1.00 34.13 ? 14  THR A N   1 
ATOM   88   C  CA  . THR A 1 14  ? -3.133  18.940  -4.872  1.00 36.53 ? 14  THR A CA  1 
ATOM   89   C  C   . THR A 1 14  ? -3.682  19.453  -6.192  1.00 37.26 ? 14  THR A C   1 
ATOM   90   O  O   . THR A 1 14  ? -3.758  20.659  -6.424  1.00 37.07 ? 14  THR A O   1 
ATOM   91   C  CB  . THR A 1 14  ? -3.873  19.583  -3.682  1.00 38.13 ? 14  THR A CB  1 
ATOM   92   O  OG1 . THR A 1 14  ? -3.363  19.033  -2.460  1.00 38.89 ? 14  THR A OG1 1 
ATOM   93   C  CG2 . THR A 1 14  ? -5.370  19.290  -3.760  1.00 40.08 ? 14  THR A CG2 1 
ATOM   94   N  N   . ILE A 1 15  ? -4.028  18.517  -7.068  1.00 38.70 ? 15  ILE A N   1 
ATOM   95   C  CA  . ILE A 1 15  ? -4.554  18.848  -8.383  1.00 40.20 ? 15  ILE A CA  1 
ATOM   96   C  C   . ILE A 1 15  ? -6.066  18.683  -8.376  1.00 42.46 ? 15  ILE A C   1 
ATOM   97   O  O   . ILE A 1 15  ? -6.574  17.575  -8.209  1.00 42.87 ? 15  ILE A O   1 
ATOM   98   C  CB  . ILE A 1 15  ? -3.964  17.920  -9.466  1.00 39.68 ? 15  ILE A CB  1 
ATOM   99   C  CG1 . ILE A 1 15  ? -2.437  17.874  -9.343  1.00 37.75 ? 15  ILE A CG1 1 
ATOM   100  C  CG2 . ILE A 1 15  ? -4.381  18.406  -10.846 1.00 39.75 ? 15  ILE A CG2 1 
ATOM   101  C  CD1 . ILE A 1 15  ? -1.757  19.208  -9.553  1.00 39.08 ? 15  ILE A CD1 1 
ATOM   102  N  N   . PRO A 1 16  ? -6.808  19.785  -8.561  1.00 44.76 ? 16  PRO A N   1 
ATOM   103  C  CA  . PRO A 1 16  ? -8.274  19.722  -8.566  1.00 46.76 ? 16  PRO A CA  1 
ATOM   104  C  C   . PRO A 1 16  ? -8.866  19.120  -9.841  1.00 47.65 ? 16  PRO A C   1 
ATOM   105  O  O   . PRO A 1 16  ? -8.310  19.264  -10.928 1.00 48.46 ? 16  PRO A O   1 
ATOM   106  C  CB  . PRO A 1 16  ? -8.673  21.181  -8.375  1.00 47.18 ? 16  PRO A CB  1 
ATOM   107  C  CG  . PRO A 1 16  ? -7.605  21.906  -9.143  1.00 46.94 ? 16  PRO A CG  1 
ATOM   108  C  CD  . PRO A 1 16  ? -6.336  21.173  -8.730  1.00 45.14 ? 16  PRO A CD  1 
ATOM   109  N  N   . ASP A 1 17  ? -9.994  18.438  -9.693  1.00 49.73 ? 17  ASP A N   1 
ATOM   110  C  CA  . ASP A 1 17  ? -10.676 17.815  -10.823 1.00 51.92 ? 17  ASP A CA  1 
ATOM   111  C  C   . ASP A 1 17  ? -9.834  16.792  -11.586 1.00 51.77 ? 17  ASP A C   1 
ATOM   112  O  O   . ASP A 1 17  ? -9.758  16.837  -12.818 1.00 52.06 ? 17  ASP A O   1 
ATOM   113  C  CB  . ASP A 1 17  ? -11.170 18.879  -11.813 1.00 53.20 ? 17  ASP A CB  1 
ATOM   114  C  CG  . ASP A 1 17  ? -12.170 19.845  -11.196 1.00 54.57 ? 17  ASP A CG  1 
ATOM   115  O  OD1 . ASP A 1 17  ? -13.137 19.382  -10.551 1.00 55.38 ? 17  ASP A OD1 1 
ATOM   116  O  OD2 . ASP A 1 17  ? -11.990 21.070  -11.374 1.00 54.97 ? 17  ASP A OD2 1 
ATOM   117  N  N   . PHE A 1 18  ? -9.209  15.867  -10.862 1.00 50.84 ? 18  PHE A N   1 
ATOM   118  C  CA  . PHE A 1 18  ? -8.404  14.834  -11.506 1.00 49.75 ? 18  PHE A CA  1 
ATOM   119  C  C   . PHE A 1 18  ? -8.526  13.495  -10.785 1.00 49.89 ? 18  PHE A C   1 
ATOM   120  O  O   . PHE A 1 18  ? -8.505  13.445  -9.558  1.00 49.45 ? 18  PHE A O   1 
ATOM   121  C  CB  . PHE A 1 18  ? -6.929  15.233  -11.549 1.00 48.02 ? 18  PHE A CB  1 
ATOM   122  C  CG  . PHE A 1 18  ? -6.090  14.289  -12.356 1.00 47.43 ? 18  PHE A CG  1 
ATOM   123  C  CD1 . PHE A 1 18  ? -6.044  14.397  -13.743 1.00 46.47 ? 18  PHE A CD1 1 
ATOM   124  C  CD2 . PHE A 1 18  ? -5.407  13.242  -11.744 1.00 46.98 ? 18  PHE A CD2 1 
ATOM   125  C  CE1 . PHE A 1 18  ? -5.332  13.473  -14.513 1.00 46.04 ? 18  PHE A CE1 1 
ATOM   126  C  CE2 . PHE A 1 18  ? -4.692  12.314  -12.507 1.00 46.82 ? 18  PHE A CE2 1 
ATOM   127  C  CZ  . PHE A 1 18  ? -4.658  12.434  -13.894 1.00 45.28 ? 18  PHE A CZ  1 
ATOM   128  N  N   . PRO A 1 19  ? -8.638  12.386  -11.540 1.00 50.62 ? 19  PRO A N   1 
ATOM   129  C  CA  . PRO A 1 19  ? -8.656  12.266  -13.006 1.00 51.99 ? 19  PRO A CA  1 
ATOM   130  C  C   . PRO A 1 19  ? -9.964  12.743  -13.656 1.00 53.71 ? 19  PRO A C   1 
ATOM   131  O  O   . PRO A 1 19  ? -10.092 12.762  -14.883 1.00 52.76 ? 19  PRO A O   1 
ATOM   132  C  CB  . PRO A 1 19  ? -8.413  10.774  -13.229 1.00 51.08 ? 19  PRO A CB  1 
ATOM   133  C  CG  . PRO A 1 19  ? -9.108  10.160  -12.062 1.00 50.74 ? 19  PRO A CG  1 
ATOM   134  C  CD  . PRO A 1 19  ? -8.684  11.052  -10.912 1.00 50.91 ? 19  PRO A CD  1 
ATOM   135  N  N   . THR A 1 20  ? -10.927 13.110  -12.817 1.00 55.39 ? 20  THR A N   1 
ATOM   136  C  CA  . THR A 1 20  ? -12.226 13.603  -13.265 1.00 57.11 ? 20  THR A CA  1 
ATOM   137  C  C   . THR A 1 20  ? -12.623 14.733  -12.326 1.00 58.65 ? 20  THR A C   1 
ATOM   138  O  O   . THR A 1 20  ? -12.175 14.769  -11.174 1.00 58.68 ? 20  THR A O   1 
ATOM   139  C  CB  . THR A 1 20  ? -13.306 12.504  -13.194 1.00 56.51 ? 20  THR A CB  1 
ATOM   140  O  OG1 . THR A 1 20  ? -13.396 12.005  -11.854 1.00 56.06 ? 20  THR A OG1 1 
ATOM   141  C  CG2 . THR A 1 20  ? -12.967 11.356  -14.136 1.00 56.58 ? 20  THR A CG2 1 
ATOM   142  N  N   . LYS A 1 21  ? -13.450 15.663  -12.802 1.00 59.27 ? 21  LYS A N   1 
ATOM   143  C  CA  . LYS A 1 21  ? -13.862 16.761  -11.937 1.00 59.54 ? 21  LYS A CA  1 
ATOM   144  C  C   . LYS A 1 21  ? -14.615 16.225  -10.722 1.00 59.15 ? 21  LYS A C   1 
ATOM   145  O  O   . LYS A 1 21  ? -15.462 15.338  -10.841 1.00 58.64 ? 21  LYS A O   1 
ATOM   146  C  CB  . LYS A 1 21  ? -14.721 17.782  -12.701 1.00 60.08 ? 21  LYS A CB  1 
ATOM   147  C  CG  . LYS A 1 21  ? -15.947 17.232  -13.417 1.00 60.84 ? 21  LYS A CG  1 
ATOM   148  C  CD  . LYS A 1 21  ? -16.782 18.386  -13.982 1.00 61.00 ? 21  LYS A CD  1 
ATOM   149  C  CE  . LYS A 1 21  ? -17.855 17.909  -14.957 1.00 61.92 ? 21  LYS A CE  1 
ATOM   150  N  NZ  . LYS A 1 21  ? -17.277 17.387  -16.234 1.00 62.50 ? 21  LYS A NZ  1 
ATOM   151  N  N   . GLY A 1 22  ? -14.278 16.760  -9.551  1.00 58.68 ? 22  GLY A N   1 
ATOM   152  C  CA  . GLY A 1 22  ? -14.912 16.327  -8.322  1.00 57.54 ? 22  GLY A CA  1 
ATOM   153  C  C   . GLY A 1 22  ? -13.896 15.708  -7.382  1.00 57.03 ? 22  GLY A C   1 
ATOM   154  O  O   . GLY A 1 22  ? -13.979 15.873  -6.164  1.00 57.48 ? 22  GLY A O   1 
ATOM   155  N  N   . ILE A 1 23  ? -12.932 14.994  -7.955  1.00 55.90 ? 23  ILE A N   1 
ATOM   156  C  CA  . ILE A 1 23  ? -11.886 14.346  -7.174  1.00 54.25 ? 23  ILE A CA  1 
ATOM   157  C  C   . ILE A 1 23  ? -10.638 15.224  -7.095  1.00 52.14 ? 23  ILE A C   1 
ATOM   158  O  O   . ILE A 1 23  ? -10.080 15.621  -8.119  1.00 52.78 ? 23  ILE A O   1 
ATOM   159  C  CB  . ILE A 1 23  ? -11.478 12.979  -7.794  1.00 55.35 ? 23  ILE A CB  1 
ATOM   160  C  CG1 . ILE A 1 23  ? -12.624 11.964  -7.659  1.00 56.33 ? 23  ILE A CG1 1 
ATOM   161  C  CG2 . ILE A 1 23  ? -10.213 12.458  -7.118  1.00 54.73 ? 23  ILE A CG2 1 
ATOM   162  C  CD1 . ILE A 1 23  ? -13.823 12.233  -8.562  1.00 56.52 ? 23  ILE A CD1 1 
ATOM   163  N  N   . ALA A 1 24  ? -10.215 15.536  -5.876  1.00 49.38 ? 24  ALA A N   1 
ATOM   164  C  CA  . ALA A 1 24  ? -9.018  16.343  -5.673  1.00 46.48 ? 24  ALA A CA  1 
ATOM   165  C  C   . ALA A 1 24  ? -7.838  15.378  -5.529  1.00 43.75 ? 24  ALA A C   1 
ATOM   166  O  O   . ALA A 1 24  ? -7.609  14.811  -4.461  1.00 43.92 ? 24  ALA A O   1 
ATOM   167  C  CB  . ALA A 1 24  ? -9.165  17.184  -4.426  1.00 47.26 ? 24  ALA A CB  1 
ATOM   168  N  N   . PHE A 1 25  ? -7.097  15.195  -6.618  1.00 40.00 ? 25  PHE A N   1 
ATOM   169  C  CA  . PHE A 1 25  ? -5.962  14.282  -6.641  1.00 35.17 ? 25  PHE A CA  1 
ATOM   170  C  C   . PHE A 1 25  ? -4.761  14.773  -5.835  1.00 33.21 ? 25  PHE A C   1 
ATOM   171  O  O   . PHE A 1 25  ? -4.317  15.907  -5.981  1.00 32.04 ? 25  PHE A O   1 
ATOM   172  C  CB  . PHE A 1 25  ? -5.535  14.044  -8.088  1.00 34.01 ? 25  PHE A CB  1 
ATOM   173  C  CG  . PHE A 1 25  ? -4.661  12.837  -8.277  1.00 33.00 ? 25  PHE A CG  1 
ATOM   174  C  CD1 . PHE A 1 25  ? -5.224  11.576  -8.438  1.00 32.89 ? 25  PHE A CD1 1 
ATOM   175  C  CD2 . PHE A 1 25  ? -3.271  12.962  -8.306  1.00 32.97 ? 25  PHE A CD2 1 
ATOM   176  C  CE1 . PHE A 1 25  ? -4.416  10.444  -8.632  1.00 34.25 ? 25  PHE A CE1 1 
ATOM   177  C  CE2 . PHE A 1 25  ? -2.449  11.839  -8.498  1.00 32.75 ? 25  PHE A CE2 1 
ATOM   178  C  CZ  . PHE A 1 25  ? -3.024  10.579  -8.662  1.00 32.48 ? 25  PHE A CZ  1 
ATOM   179  N  N   . LYS A 1 26  ? -4.250  13.904  -4.973  1.00 31.64 ? 26  LYS A N   1 
ATOM   180  C  CA  . LYS A 1 26  ? -3.082  14.208  -4.166  1.00 30.42 ? 26  LYS A CA  1 
ATOM   181  C  C   . LYS A 1 26  ? -1.898  13.593  -4.920  1.00 28.15 ? 26  LYS A C   1 
ATOM   182  O  O   . LYS A 1 26  ? -1.733  12.375  -4.947  1.00 27.73 ? 26  LYS A O   1 
ATOM   183  C  CB  . LYS A 1 26  ? -3.224  13.573  -2.784  1.00 33.09 ? 26  LYS A CB  1 
ATOM   184  C  CG  . LYS A 1 26  ? -4.264  14.231  -1.892  1.00 35.57 ? 26  LYS A CG  1 
ATOM   185  C  CD  . LYS A 1 26  ? -3.802  15.609  -1.430  1.00 36.24 ? 26  LYS A CD  1 
ATOM   186  C  CE  . LYS A 1 26  ? -4.844  16.300  -0.561  1.00 38.41 ? 26  LYS A CE  1 
ATOM   187  N  NZ  . LYS A 1 26  ? -4.326  17.581  0.009   1.00 39.47 ? 26  LYS A NZ  1 
ATOM   188  N  N   . ASP A 1 27  ? -1.096  14.451  -5.545  1.00 26.74 ? 27  ASP A N   1 
ATOM   189  C  CA  . ASP A 1 27  ? 0.061   14.028  -6.332  1.00 25.68 ? 27  ASP A CA  1 
ATOM   190  C  C   . ASP A 1 27  ? 1.316   13.936  -5.452  1.00 23.23 ? 27  ASP A C   1 
ATOM   191  O  O   . ASP A 1 27  ? 1.850   14.944  -5.024  1.00 23.80 ? 27  ASP A O   1 
ATOM   192  C  CB  . ASP A 1 27  ? 0.260   15.033  -7.483  1.00 26.24 ? 27  ASP A CB  1 
ATOM   193  C  CG  . ASP A 1 27  ? 1.427   14.681  -8.378  1.00 28.10 ? 27  ASP A CG  1 
ATOM   194  O  OD1 . ASP A 1 27  ? 1.833   13.503  -8.374  1.00 28.03 ? 27  ASP A OD1 1 
ATOM   195  O  OD2 . ASP A 1 27  ? 1.917   15.583  -9.095  1.00 27.90 ? 27  ASP A OD2 1 
ATOM   196  N  N   . LEU A 1 28  ? 1.783   12.723  -5.184  1.00 22.47 ? 28  LEU A N   1 
ATOM   197  C  CA  . LEU A 1 28  ? 2.955   12.537  -4.327  1.00 20.41 ? 28  LEU A CA  1 
ATOM   198  C  C   . LEU A 1 28  ? 4.241   12.422  -5.136  1.00 19.71 ? 28  LEU A C   1 
ATOM   199  O  O   . LEU A 1 28  ? 5.297   12.152  -4.585  1.00 18.18 ? 28  LEU A O   1 
ATOM   200  C  CB  . LEU A 1 28  ? 2.808   11.258  -3.496  1.00 20.72 ? 28  LEU A CB  1 
ATOM   201  C  CG  . LEU A 1 28  ? 1.487   10.925  -2.819  1.00 23.12 ? 28  LEU A CG  1 
ATOM   202  C  CD1 . LEU A 1 28  ? 1.678   9.700   -1.941  1.00 24.75 ? 28  LEU A CD1 1 
ATOM   203  C  CD2 . LEU A 1 28  ? 1.026   12.097  -1.994  1.00 23.86 ? 28  LEU A CD2 1 
ATOM   204  N  N   . SER A 1 29  ? 4.152   12.655  -6.435  1.00 18.84 ? 29  SER A N   1 
ATOM   205  C  CA  . SER A 1 29  ? 5.304   12.487  -7.303  1.00 18.25 ? 29  SER A CA  1 
ATOM   206  C  C   . SER A 1 29  ? 6.589   13.213  -6.918  1.00 17.90 ? 29  SER A C   1 
ATOM   207  O  O   . SER A 1 29  ? 7.664   12.651  -7.069  1.00 19.21 ? 29  SER A O   1 
ATOM   208  C  CB  . SER A 1 29  ? 4.912   12.814  -8.755  1.00 19.85 ? 29  SER A CB  1 
ATOM   209  O  OG  . SER A 1 29  ? 5.078   14.178  -9.051  1.00 24.64 ? 29  SER A OG  1 
ATOM   210  N  N   . ASP A 1 30  ? 6.510   14.439  -6.412  1.00 19.37 ? 30  ASP A N   1 
ATOM   211  C  CA  . ASP A 1 30  ? 7.742   15.133  -6.053  1.00 19.34 ? 30  ASP A CA  1 
ATOM   212  C  C   . ASP A 1 30  ? 8.472   14.490  -4.852  1.00 18.66 ? 30  ASP A C   1 
ATOM   213  O  O   . ASP A 1 30  ? 9.656   14.718  -4.653  1.00 20.58 ? 30  ASP A O   1 
ATOM   214  C  CB  . ASP A 1 30  ? 7.473   16.628  -5.807  1.00 20.22 ? 30  ASP A CB  1 
ATOM   215  C  CG  . ASP A 1 30  ? 7.133   17.388  -7.094  1.00 23.25 ? 30  ASP A CG  1 
ATOM   216  O  OD1 . ASP A 1 30  ? 7.374   16.861  -8.201  1.00 24.89 ? 30  ASP A OD1 1 
ATOM   217  O  OD2 . ASP A 1 30  ? 6.627   18.523  -7.002  1.00 25.38 ? 30  ASP A OD2 1 
ATOM   218  N  N   . ILE A 1 31  ? 7.772   13.692  -4.049  1.00 18.88 ? 31  ILE A N   1 
ATOM   219  C  CA  . ILE A 1 31  ? 8.428   13.023  -2.921  1.00 18.02 ? 31  ILE A CA  1 
ATOM   220  C  C   . ILE A 1 31  ? 9.364   11.963  -3.501  1.00 18.61 ? 31  ILE A C   1 
ATOM   221  O  O   . ILE A 1 31  ? 10.527  11.842  -3.097  1.00 18.86 ? 31  ILE A O   1 
ATOM   222  C  CB  . ILE A 1 31  ? 7.410   12.318  -1.999  1.00 20.17 ? 31  ILE A CB  1 
ATOM   223  C  CG1 . ILE A 1 31  ? 6.538   13.367  -1.298  1.00 18.91 ? 31  ILE A CG1 1 
ATOM   224  C  CG2 . ILE A 1 31  ? 8.132   11.447  -0.973  1.00 18.95 ? 31  ILE A CG2 1 
ATOM   225  C  CD1 . ILE A 1 31  ? 5.577   12.770  -0.279  1.00 23.57 ? 31  ILE A CD1 1 
ATOM   226  N  N   . LEU A 1 32  ? 8.846   11.215  -4.468  1.00 17.15 ? 32  LEU A N   1 
ATOM   227  C  CA  . LEU A 1 32  ? 9.604   10.138  -5.122  1.00 19.41 ? 32  LEU A CA  1 
ATOM   228  C  C   . LEU A 1 32  ? 10.789  10.640  -5.946  1.00 20.12 ? 32  LEU A C   1 
ATOM   229  O  O   . LEU A 1 32  ? 11.812  9.953   -6.057  1.00 19.26 ? 32  LEU A O   1 
ATOM   230  C  CB  . LEU A 1 32  ? 8.691   9.356   -6.064  1.00 21.90 ? 32  LEU A CB  1 
ATOM   231  C  CG  . LEU A 1 32  ? 7.351   8.872   -5.519  1.00 25.44 ? 32  LEU A CG  1 
ATOM   232  C  CD1 . LEU A 1 32  ? 6.533   8.273   -6.660  1.00 29.00 ? 32  LEU A CD1 1 
ATOM   233  C  CD2 . LEU A 1 32  ? 7.593   7.865   -4.422  1.00 25.02 ? 32  LEU A CD2 1 
ATOM   234  N  N   . SER A 1 33  ? 10.646  11.819  -6.551  1.00 18.55 ? 33  SER A N   1 
ATOM   235  C  CA  . SER A 1 33  ? 11.726  12.351  -7.387  1.00 17.53 ? 33  SER A CA  1 
ATOM   236  C  C   . SER A 1 33  ? 12.779  13.149  -6.629  1.00 17.96 ? 33  SER A C   1 
ATOM   237  O  O   . SER A 1 33  ? 13.783  13.568  -7.214  1.00 15.16 ? 33  SER A O   1 
ATOM   238  C  CB  . SER A 1 33  ? 11.147  13.202  -8.527  1.00 16.27 ? 33  SER A CB  1 
ATOM   239  O  OG  . SER A 1 33  ? 10.585  14.412  -8.059  1.00 17.84 ? 33  SER A OG  1 
ATOM   240  N  N   . THR A 1 34  ? 12.553  13.368  -5.330  1.00 17.40 ? 34  THR A N   1 
ATOM   241  C  CA  . THR A 1 34  ? 13.502  14.114  -4.504  1.00 17.48 ? 34  THR A CA  1 
ATOM   242  C  C   . THR A 1 34  ? 14.162  13.128  -3.550  1.00 19.24 ? 34  THR A C   1 
ATOM   243  O  O   . THR A 1 34  ? 13.562  12.745  -2.533  1.00 18.32 ? 34  THR A O   1 
ATOM   244  C  CB  . THR A 1 34  ? 12.784  15.185  -3.694  1.00 17.80 ? 34  THR A CB  1 
ATOM   245  O  OG1 . THR A 1 34  ? 12.001  15.992  -4.585  1.00 19.60 ? 34  THR A OG1 1 
ATOM   246  C  CG2 . THR A 1 34  ? 13.788  16.075  -2.985  1.00 20.07 ? 34  THR A CG2 1 
ATOM   247  N  N   . PRO A 1 35  ? 15.422  12.735  -3.832  1.00 17.41 ? 35  PRO A N   1 
ATOM   248  C  CA  . PRO A 1 35  ? 16.078  11.769  -2.947  1.00 17.84 ? 35  PRO A CA  1 
ATOM   249  C  C   . PRO A 1 35  ? 15.973  11.966  -1.432  1.00 16.37 ? 35  PRO A C   1 
ATOM   250  O  O   . PRO A 1 35  ? 15.691  11.004  -0.709  1.00 17.08 ? 35  PRO A O   1 
ATOM   251  C  CB  . PRO A 1 35  ? 17.527  11.734  -3.464  1.00 18.72 ? 35  PRO A CB  1 
ATOM   252  C  CG  . PRO A 1 35  ? 17.708  13.035  -4.130  1.00 21.27 ? 35  PRO A CG  1 
ATOM   253  C  CD  . PRO A 1 35  ? 16.375  13.300  -4.797  1.00 20.06 ? 35  PRO A CD  1 
ATOM   254  N  N   . ALA A 1 36  ? 16.188  13.181  -0.939  1.00 17.45 ? 36  ALA A N   1 
ATOM   255  C  CA  . ALA A 1 36  ? 16.116  13.404  0.512   1.00 16.89 ? 36  ALA A CA  1 
ATOM   256  C  C   . ALA A 1 36  ? 14.727  13.101  1.075   1.00 17.26 ? 36  ALA A C   1 
ATOM   257  O  O   . ALA A 1 36  ? 14.598  12.622  2.204   1.00 16.90 ? 36  ALA A O   1 
ATOM   258  C  CB  . ALA A 1 36  ? 16.513  14.833  0.843   1.00 17.00 ? 36  ALA A CB  1 
ATOM   259  N  N   . ALA A 1 37  ? 13.698  13.371  0.276   1.00 15.37 ? 37  ALA A N   1 
ATOM   260  C  CA  . ALA A 1 37  ? 12.314  13.145  0.689   1.00 16.57 ? 37  ALA A CA  1 
ATOM   261  C  C   . ALA A 1 37  ? 11.990  11.653  0.673   1.00 18.16 ? 37  ALA A C   1 
ATOM   262  O  O   . ALA A 1 37  ? 11.379  11.124  1.604   1.00 17.31 ? 37  ALA A O   1 
ATOM   263  C  CB  . ALA A 1 37  ? 11.373  13.900  -0.248  1.00 16.80 ? 37  ALA A CB  1 
ATOM   264  N  N   . LEU A 1 38  ? 12.409  10.973  -0.392  1.00 16.72 ? 38  LEU A N   1 
ATOM   265  C  CA  . LEU A 1 38  ? 12.176  9.541   -0.502  1.00 17.92 ? 38  LEU A CA  1 
ATOM   266  C  C   . LEU A 1 38  ? 12.885  8.812   0.641   1.00 17.61 ? 38  LEU A C   1 
ATOM   267  O  O   . LEU A 1 38  ? 12.363  7.830   1.175   1.00 19.05 ? 38  LEU A O   1 
ATOM   268  C  CB  . LEU A 1 38  ? 12.686  9.035   -1.846  1.00 16.98 ? 38  LEU A CB  1 
ATOM   269  C  CG  . LEU A 1 38  ? 12.463  7.562   -2.149  1.00 21.24 ? 38  LEU A CG  1 
ATOM   270  C  CD1 . LEU A 1 38  ? 10.955  7.258   -2.222  1.00 21.50 ? 38  LEU A CD1 1 
ATOM   271  C  CD2 . LEU A 1 38  ? 13.141  7.244   -3.480  1.00 21.43 ? 38  LEU A CD2 1 
ATOM   272  N  N   . ASP A 1 39  ? 14.074  9.279   1.014   1.00 18.73 ? 39  ASP A N   1 
ATOM   273  C  CA  . ASP A 1 39  ? 14.807  8.653   2.118   1.00 19.28 ? 39  ASP A CA  1 
ATOM   274  C  C   . ASP A 1 39  ? 14.057  8.853   3.435   1.00 18.89 ? 39  ASP A C   1 
ATOM   275  O  O   . ASP A 1 39  ? 13.844  7.908   4.188   1.00 22.55 ? 39  ASP A O   1 
ATOM   276  C  CB  . ASP A 1 39  ? 16.206  9.260   2.260   1.00 22.32 ? 39  ASP A CB  1 
ATOM   277  C  CG  . ASP A 1 39  ? 17.170  8.762   1.210   1.00 23.01 ? 39  ASP A CG  1 
ATOM   278  O  OD1 . ASP A 1 39  ? 16.841  7.807   0.483   1.00 25.65 ? 39  ASP A OD1 1 
ATOM   279  O  OD2 . ASP A 1 39  ? 18.266  9.332   1.116   1.00 24.54 ? 39  ASP A OD2 1 
ATOM   280  N  N   . ALA A 1 40  ? 13.664  10.088  3.714   1.00 20.40 ? 40  ALA A N   1 
ATOM   281  C  CA  . ALA A 1 40  ? 12.936  10.406  4.952   1.00 20.24 ? 40  ALA A CA  1 
ATOM   282  C  C   . ALA A 1 40  ? 11.732  9.470   5.117   1.00 20.62 ? 40  ALA A C   1 
ATOM   283  O  O   . ALA A 1 40  ? 11.510  8.899   6.177   1.00 20.88 ? 40  ALA A O   1 
ATOM   284  C  CB  . ALA A 1 40  ? 12.463  11.866  4.924   1.00 19.81 ? 40  ALA A CB  1 
ATOM   285  N  N   . VAL A 1 41  ? 10.962  9.308   4.051   1.00 21.22 ? 41  VAL A N   1 
ATOM   286  C  CA  . VAL A 1 41  ? 9.784   8.460   4.096   1.00 21.40 ? 41  VAL A CA  1 
ATOM   287  C  C   . VAL A 1 41  ? 10.144  6.987   4.264   1.00 21.99 ? 41  VAL A C   1 
ATOM   288  O  O   . VAL A 1 41  ? 9.477   6.241   4.996   1.00 21.86 ? 41  VAL A O   1 
ATOM   289  C  CB  . VAL A 1 41  ? 8.955   8.640   2.820   1.00 23.85 ? 41  VAL A CB  1 
ATOM   290  C  CG1 . VAL A 1 41  ? 7.967   7.514   2.681   1.00 29.40 ? 41  VAL A CG1 1 
ATOM   291  C  CG2 . VAL A 1 41  ? 8.247   9.984   2.868   1.00 25.43 ? 41  VAL A CG2 1 
ATOM   292  N  N   . ARG A 1 42  ? 11.207  6.565   3.592   1.00 20.18 ? 42  ARG A N   1 
ATOM   293  C  CA  . ARG A 1 42  ? 11.636  5.186   3.678   1.00 20.50 ? 42  ARG A CA  1 
ATOM   294  C  C   . ARG A 1 42  ? 12.066  4.862   5.102   1.00 19.56 ? 42  ARG A C   1 
ATOM   295  O  O   . ARG A 1 42  ? 11.683  3.837   5.651   1.00 19.05 ? 42  ARG A O   1 
ATOM   296  C  CB  . ARG A 1 42  ? 12.813  4.936   2.739   1.00 19.07 ? 42  ARG A CB  1 
ATOM   297  C  CG  . ARG A 1 42  ? 13.277  3.499   2.714   1.00 21.38 ? 42  ARG A CG  1 
ATOM   298  C  CD  . ARG A 1 42  ? 14.721  3.423   2.283   1.00 24.83 ? 42  ARG A CD  1 
ATOM   299  N  NE  . ARG A 1 42  ? 15.599  3.889   3.352   1.00 28.15 ? 42  ARG A NE  1 
ATOM   300  C  CZ  . ARG A 1 42  ? 16.710  4.593   3.166   1.00 29.74 ? 42  ARG A CZ  1 
ATOM   301  N  NH1 . ARG A 1 42  ? 17.095  4.930   1.942   1.00 32.70 ? 42  ARG A NH1 1 
ATOM   302  N  NH2 . ARG A 1 42  ? 17.446  4.953   4.212   1.00 30.60 ? 42  ARG A NH2 1 
ATOM   303  N  N   . LYS A 1 43  ? 12.872  5.742   5.682   1.00 21.26 ? 43  LYS A N   1 
ATOM   304  C  CA  . LYS A 1 43  ? 13.389  5.530   7.030   1.00 25.09 ? 43  LYS A CA  1 
ATOM   305  C  C   . LYS A 1 43  ? 12.280  5.458   8.064   1.00 25.39 ? 43  LYS A C   1 
ATOM   306  O  O   . LYS A 1 43  ? 12.379  4.721   9.040   1.00 25.46 ? 43  LYS A O   1 
ATOM   307  C  CB  . LYS A 1 43  ? 14.396  6.629   7.379   1.00 26.59 ? 43  LYS A CB  1 
ATOM   308  C  CG  . LYS A 1 43  ? 15.622  6.612   6.462   1.00 31.93 ? 43  LYS A CG  1 
ATOM   309  C  CD  . LYS A 1 43  ? 16.646  7.693   6.817   1.00 34.35 ? 43  LYS A CD  1 
ATOM   310  C  CE  . LYS A 1 43  ? 17.281  7.445   8.173   1.00 37.95 ? 43  LYS A CE  1 
ATOM   311  N  NZ  . LYS A 1 43  ? 17.933  6.099   8.263   1.00 40.67 ? 43  LYS A NZ  1 
ATOM   312  N  N   . GLU A 1 44  ? 11.212  6.210   7.826   1.00 27.59 ? 44  GLU A N   1 
ATOM   313  C  CA  . GLU A 1 44  ? 10.076  6.227   8.720   1.00 27.01 ? 44  GLU A CA  1 
ATOM   314  C  C   . GLU A 1 44  ? 9.406   4.855   8.664   1.00 27.47 ? 44  GLU A C   1 
ATOM   315  O  O   . GLU A 1 44  ? 9.004   4.308   9.691   1.00 26.12 ? 44  GLU A O   1 
ATOM   316  C  CB  . GLU A 1 44  ? 9.107   7.326   8.279   1.00 30.60 ? 44  GLU A CB  1 
ATOM   317  C  CG  . GLU A 1 44  ? 8.003   7.662   9.256   1.00 35.34 ? 44  GLU A CG  1 
ATOM   318  C  CD  . GLU A 1 44  ? 8.528   8.094   10.611  1.00 38.25 ? 44  GLU A CD  1 
ATOM   319  O  OE1 . GLU A 1 44  ? 9.487   8.890   10.653  1.00 39.83 ? 44  GLU A OE1 1 
ATOM   320  O  OE2 . GLU A 1 44  ? 7.972   7.644   11.637  1.00 42.37 ? 44  GLU A OE2 1 
ATOM   321  N  N   . VAL A 1 45  ? 9.294   4.283   7.467   1.00 25.43 ? 45  VAL A N   1 
ATOM   322  C  CA  . VAL A 1 45  ? 8.658   2.978   7.346   1.00 23.96 ? 45  VAL A CA  1 
ATOM   323  C  C   . VAL A 1 45  ? 9.542   1.889   7.935   1.00 23.54 ? 45  VAL A C   1 
ATOM   324  O  O   . VAL A 1 45  ? 9.097   1.089   8.760   1.00 22.98 ? 45  VAL A O   1 
ATOM   325  C  CB  . VAL A 1 45  ? 8.332   2.638   5.875   1.00 21.92 ? 45  VAL A CB  1 
ATOM   326  C  CG1 . VAL A 1 45  ? 7.687   1.250   5.784   1.00 22.75 ? 45  VAL A CG1 1 
ATOM   327  C  CG2 . VAL A 1 45  ? 7.381   3.665   5.316   1.00 21.89 ? 45  VAL A CG2 1 
ATOM   328  N  N   . THR A 1 46  ? 10.808  1.866   7.538   1.00 24.93 ? 46  THR A N   1 
ATOM   329  C  CA  . THR A 1 46  ? 11.701  0.840   8.044   1.00 26.17 ? 46  THR A CA  1 
ATOM   330  C  C   . THR A 1 46  ? 11.867  0.906   9.575   1.00 27.24 ? 46  THR A C   1 
ATOM   331  O  O   . THR A 1 46  ? 11.956  -0.130  10.242  1.00 27.34 ? 46  THR A O   1 
ATOM   332  C  CB  . THR A 1 46  ? 13.075  0.921   7.350   1.00 26.49 ? 46  THR A CB  1 
ATOM   333  O  OG1 . THR A 1 46  ? 13.670  2.199   7.604   1.00 28.43 ? 46  THR A OG1 1 
ATOM   334  C  CG2 . THR A 1 46  ? 12.910  0.743   5.838   1.00 23.45 ? 46  THR A CG2 1 
ATOM   335  N  N   . ALA A 1 47  ? 11.894  2.109   10.138  1.00 26.19 ? 47  ALA A N   1 
ATOM   336  C  CA  . ALA A 1 47  ? 12.038  2.231   11.587  1.00 26.78 ? 47  ALA A CA  1 
ATOM   337  C  C   . ALA A 1 47  ? 10.791  1.707   12.295  1.00 27.17 ? 47  ALA A C   1 
ATOM   338  O  O   . ALA A 1 47  ? 10.875  1.058   13.330  1.00 26.77 ? 47  ALA A O   1 
ATOM   339  C  CB  . ALA A 1 47  ? 12.282  3.674   11.972  1.00 26.00 ? 47  ALA A CB  1 
ATOM   340  N  N   . HIS A 1 48  ? 9.628   1.979   11.724  1.00 28.62 ? 48  HIS A N   1 
ATOM   341  C  CA  . HIS A 1 48  ? 8.378   1.543   12.323  1.00 28.78 ? 48  HIS A CA  1 
ATOM   342  C  C   . HIS A 1 48  ? 8.222   0.024   12.427  1.00 30.17 ? 48  HIS A C   1 
ATOM   343  O  O   . HIS A 1 48  ? 7.566   -0.471  13.340  1.00 28.50 ? 48  HIS A O   1 
ATOM   344  C  CB  . HIS A 1 48  ? 7.207   2.131   11.538  1.00 29.36 ? 48  HIS A CB  1 
ATOM   345  C  CG  . HIS A 1 48  ? 5.873   1.879   12.162  1.00 30.06 ? 48  HIS A CG  1 
ATOM   346  N  ND1 . HIS A 1 48  ? 5.184   0.693   12.002  1.00 31.59 ? 48  HIS A ND1 1 
ATOM   347  C  CD2 . HIS A 1 48  ? 5.090   2.660   12.942  1.00 30.12 ? 48  HIS A CD2 1 
ATOM   348  C  CE1 . HIS A 1 48  ? 4.037   0.760   12.649  1.00 30.57 ? 48  HIS A CE1 1 
ATOM   349  N  NE2 . HIS A 1 48  ? 3.953   1.945   13.230  1.00 30.47 ? 48  HIS A NE2 1 
ATOM   350  N  N   . TYR A 1 49  ? 8.826   -0.722  11.507  1.00 30.20 ? 49  TYR A N   1 
ATOM   351  C  CA  . TYR A 1 49  ? 8.700   -2.173  11.537  1.00 30.46 ? 49  TYR A CA  1 
ATOM   352  C  C   . TYR A 1 49  ? 9.963   -2.919  11.959  1.00 31.21 ? 49  TYR A C   1 
ATOM   353  O  O   . TYR A 1 49  ? 10.063  -4.134  11.775  1.00 28.98 ? 49  TYR A O   1 
ATOM   354  C  CB  . TYR A 1 49  ? 8.246   -2.686  10.168  1.00 29.00 ? 49  TYR A CB  1 
ATOM   355  C  CG  . TYR A 1 49  ? 6.908   -2.140  9.741   1.00 26.65 ? 49  TYR A CG  1 
ATOM   356  C  CD1 . TYR A 1 49  ? 6.816   -1.005  8.946   1.00 25.01 ? 49  TYR A CD1 1 
ATOM   357  C  CD2 . TYR A 1 49  ? 5.730   -2.749  10.150  1.00 25.80 ? 49  TYR A CD2 1 
ATOM   358  C  CE1 . TYR A 1 49  ? 5.576   -0.490  8.562   1.00 23.64 ? 49  TYR A CE1 1 
ATOM   359  C  CE2 . TYR A 1 49  ? 4.483   -2.243  9.774   1.00 24.28 ? 49  TYR A CE2 1 
ATOM   360  C  CZ  . TYR A 1 49  ? 4.418   -1.120  8.982   1.00 22.94 ? 49  TYR A CZ  1 
ATOM   361  O  OH  . TYR A 1 49  ? 3.196   -0.642  8.589   1.00 21.60 ? 49  TYR A OH  1 
ATOM   362  N  N   . LYS A 1 50  ? 10.912  -2.198  12.548  1.00 32.86 ? 50  LYS A N   1 
ATOM   363  C  CA  . LYS A 1 50  ? 12.178  -2.795  12.973  1.00 35.54 ? 50  LYS A CA  1 
ATOM   364  C  C   . LYS A 1 50  ? 12.009  -3.997  13.907  1.00 36.26 ? 50  LYS A C   1 
ATOM   365  O  O   . LYS A 1 50  ? 12.784  -4.954  13.848  1.00 36.81 ? 50  LYS A O   1 
ATOM   366  C  CB  . LYS A 1 50  ? 13.051  -1.724  13.641  1.00 38.16 ? 50  LYS A CB  1 
ATOM   367  C  CG  . LYS A 1 50  ? 14.430  -2.205  14.038  1.00 42.02 ? 50  LYS A CG  1 
ATOM   368  C  CD  . LYS A 1 50  ? 15.354  -1.043  14.401  1.00 46.55 ? 50  LYS A CD  1 
ATOM   369  C  CE  . LYS A 1 50  ? 14.882  -0.284  15.635  1.00 48.39 ? 50  LYS A CE  1 
ATOM   370  N  NZ  . LYS A 1 50  ? 15.846  0.798   16.010  1.00 49.92 ? 50  LYS A NZ  1 
ATOM   371  N  N   . ASP A 1 51  ? 10.990  -3.956  14.761  1.00 36.31 ? 51  ASP A N   1 
ATOM   372  C  CA  . ASP A 1 51  ? 10.749  -5.051  15.697  1.00 37.92 ? 51  ASP A CA  1 
ATOM   373  C  C   . ASP A 1 51  ? 9.649   -6.003  15.242  1.00 36.20 ? 51  ASP A C   1 
ATOM   374  O  O   . ASP A 1 51  ? 9.148   -6.795  16.039  1.00 36.55 ? 51  ASP A O   1 
ATOM   375  C  CB  . ASP A 1 51  ? 10.397  -4.497  17.080  1.00 41.13 ? 51  ASP A CB  1 
ATOM   376  C  CG  . ASP A 1 51  ? 11.607  -3.959  17.813  1.00 45.21 ? 51  ASP A CG  1 
ATOM   377  O  OD1 . ASP A 1 51  ? 11.426  -3.375  18.907  1.00 48.49 ? 51  ASP A OD1 1 
ATOM   378  O  OD2 . ASP A 1 51  ? 12.736  -4.129  17.300  1.00 46.05 ? 51  ASP A OD2 1 
ATOM   379  N  N   . VAL A 1 52  ? 9.277   -5.921  13.967  1.00 32.88 ? 52  VAL A N   1 
ATOM   380  C  CA  . VAL A 1 52  ? 8.237   -6.780  13.403  1.00 30.19 ? 52  VAL A CA  1 
ATOM   381  C  C   . VAL A 1 52  ? 8.870   -7.785  12.437  1.00 28.44 ? 52  VAL A C   1 
ATOM   382  O  O   . VAL A 1 52  ? 9.534   -7.401  11.471  1.00 28.09 ? 52  VAL A O   1 
ATOM   383  C  CB  . VAL A 1 52  ? 7.197   -5.942  12.648  1.00 30.82 ? 52  VAL A CB  1 
ATOM   384  C  CG1 . VAL A 1 52  ? 6.013   -6.814  12.262  1.00 29.08 ? 52  VAL A CG1 1 
ATOM   385  C  CG2 . VAL A 1 52  ? 6.760   -4.756  13.521  1.00 32.44 ? 52  VAL A CG2 1 
ATOM   386  N  N   . PRO A 1 53  ? 8.654   -9.086  12.673  1.00 27.23 ? 53  PRO A N   1 
ATOM   387  C  CA  . PRO A 1 53  ? 9.224   -10.121 11.815  1.00 24.25 ? 53  PRO A CA  1 
ATOM   388  C  C   . PRO A 1 53  ? 8.587   -10.290 10.443  1.00 23.38 ? 53  PRO A C   1 
ATOM   389  O  O   . PRO A 1 53  ? 8.247   -11.409 10.047  1.00 22.56 ? 53  PRO A O   1 
ATOM   390  C  CB  . PRO A 1 53  ? 9.097   -11.378 12.671  1.00 25.81 ? 53  PRO A CB  1 
ATOM   391  C  CG  . PRO A 1 53  ? 7.785   -11.169 13.344  1.00 26.56 ? 53  PRO A CG  1 
ATOM   392  C  CD  . PRO A 1 53  ? 7.822   -9.684  13.735  1.00 26.25 ? 53  PRO A CD  1 
ATOM   393  N  N   . ILE A 1 54  ? 8.430   -9.179  9.729   1.00 21.89 ? 54  ILE A N   1 
ATOM   394  C  CA  . ILE A 1 54  ? 7.869   -9.183  8.373   1.00 21.19 ? 54  ILE A CA  1 
ATOM   395  C  C   . ILE A 1 54  ? 8.688   -10.177 7.531   1.00 19.72 ? 54  ILE A C   1 
ATOM   396  O  O   . ILE A 1 54  ? 9.899   -10.269 7.703   1.00 20.66 ? 54  ILE A O   1 
ATOM   397  C  CB  . ILE A 1 54  ? 8.007   -7.782  7.716   1.00 22.37 ? 54  ILE A CB  1 
ATOM   398  C  CG1 . ILE A 1 54  ? 7.211   -6.733  8.513   1.00 19.80 ? 54  ILE A CG1 1 
ATOM   399  C  CG2 . ILE A 1 54  ? 7.560   -7.843  6.248   1.00 18.38 ? 54  ILE A CG2 1 
ATOM   400  C  CD1 . ILE A 1 54  ? 5.706   -7.009  8.562   1.00 21.92 ? 54  ILE A CD1 1 
ATOM   401  N  N   . THR A 1 55  ? 8.032   -10.924 6.643   1.00 20.33 ? 55  THR A N   1 
ATOM   402  C  CA  . THR A 1 55  ? 8.734   -11.876 5.782   1.00 21.42 ? 55  THR A CA  1 
ATOM   403  C  C   . THR A 1 55  ? 8.574   -11.494 4.311   1.00 21.81 ? 55  THR A C   1 
ATOM   404  O  O   . THR A 1 55  ? 9.359   -11.909 3.469   1.00 20.88 ? 55  THR A O   1 
ATOM   405  C  CB  . THR A 1 55  ? 8.215   -13.320 5.952   1.00 20.77 ? 55  THR A CB  1 
ATOM   406  O  OG1 . THR A 1 55  ? 6.851   -13.405 5.508   1.00 21.48 ? 55  THR A OG1 1 
ATOM   407  C  CG2 . THR A 1 55  ? 8.328   -13.763 7.410   1.00 20.84 ? 55  THR A CG2 1 
ATOM   408  N  N   . LYS A 1 56  ? 7.553   -10.695 4.018   1.00 21.35 ? 56  LYS A N   1 
ATOM   409  C  CA  . LYS A 1 56  ? 7.274   -10.257 2.653   1.00 19.03 ? 56  LYS A CA  1 
ATOM   410  C  C   . LYS A 1 56  ? 6.586   -8.906  2.595   1.00 17.38 ? 56  LYS A C   1 
ATOM   411  O  O   . LYS A 1 56  ? 5.746   -8.598  3.436   1.00 17.92 ? 56  LYS A O   1 
ATOM   412  C  CB  . LYS A 1 56  ? 6.335   -11.244 1.943   1.00 22.83 ? 56  LYS A CB  1 
ATOM   413  C  CG  . LYS A 1 56  ? 6.952   -12.549 1.482   1.00 27.77 ? 56  LYS A CG  1 
ATOM   414  C  CD  . LYS A 1 56  ? 8.016   -12.283 0.443   1.00 29.68 ? 56  LYS A CD  1 
ATOM   415  C  CE  . LYS A 1 56  ? 8.441   -13.560 -0.241  1.00 31.53 ? 56  LYS A CE  1 
ATOM   416  N  NZ  . LYS A 1 56  ? 8.969   -14.542 0.714   1.00 31.71 ? 56  LYS A NZ  1 
ATOM   417  N  N   . VAL A 1 57  ? 6.954   -8.096  1.607   1.00 14.67 ? 57  VAL A N   1 
ATOM   418  C  CA  . VAL A 1 57  ? 6.278   -6.829  1.395   1.00 15.61 ? 57  VAL A CA  1 
ATOM   419  C  C   . VAL A 1 57  ? 5.390   -7.129  0.196   1.00 16.27 ? 57  VAL A C   1 
ATOM   420  O  O   . VAL A 1 57  ? 5.855   -7.715  -0.793  1.00 16.10 ? 57  VAL A O   1 
ATOM   421  C  CB  . VAL A 1 57  ? 7.240   -5.696  1.019   1.00 16.19 ? 57  VAL A CB  1 
ATOM   422  C  CG1 . VAL A 1 57  ? 6.449   -4.460  0.614   1.00 14.48 ? 57  VAL A CG1 1 
ATOM   423  C  CG2 . VAL A 1 57  ? 8.148   -5.373  2.205   1.00 15.93 ? 57  VAL A CG2 1 
ATOM   424  N  N   . VAL A 1 58  ? 4.105   -6.796  0.305   1.00 16.62 ? 58  VAL A N   1 
ATOM   425  C  CA  . VAL A 1 58  ? 3.173   -6.998  -0.793  1.00 14.73 ? 58  VAL A CA  1 
ATOM   426  C  C   . VAL A 1 58  ? 2.758   -5.592  -1.225  1.00 17.50 ? 58  VAL A C   1 
ATOM   427  O  O   . VAL A 1 58  ? 2.137   -4.839  -0.448  1.00 16.81 ? 58  VAL A O   1 
ATOM   428  C  CB  . VAL A 1 58  ? 1.954   -7.850  -0.347  1.00 17.02 ? 58  VAL A CB  1 
ATOM   429  C  CG1 . VAL A 1 58  ? 0.947   -7.953  -1.476  1.00 16.89 ? 58  VAL A CG1 1 
ATOM   430  C  CG2 . VAL A 1 58  ? 2.429   -9.266  0.023   1.00 16.18 ? 58  VAL A CG2 1 
ATOM   431  N  N   . GLY A 1 59  ? 3.152   -5.231  -2.447  1.00 14.75 ? 59  GLY A N   1 
ATOM   432  C  CA  . GLY A 1 59  ? 2.869   -3.914  -2.991  1.00 16.48 ? 59  GLY A CA  1 
ATOM   433  C  C   . GLY A 1 59  ? 1.749   -3.997  -4.010  1.00 18.84 ? 59  GLY A C   1 
ATOM   434  O  O   . GLY A 1 59  ? 1.661   -4.956  -4.778  1.00 18.98 ? 59  GLY A O   1 
ATOM   435  N  N   . ILE A 1 60  ? 0.907   -2.973  -4.032  1.00 19.69 ? 60  ILE A N   1 
ATOM   436  C  CA  . ILE A 1 60  ? -0.247  -2.959  -4.916  1.00 20.45 ? 60  ILE A CA  1 
ATOM   437  C  C   . ILE A 1 60  ? -0.077  -2.189  -6.220  1.00 20.14 ? 60  ILE A C   1 
ATOM   438  O  O   . ILE A 1 60  ? 0.280   -1.010  -6.236  1.00 21.14 ? 60  ILE A O   1 
ATOM   439  C  CB  . ILE A 1 60  ? -1.466  -2.420  -4.154  1.00 20.57 ? 60  ILE A CB  1 
ATOM   440  C  CG1 . ILE A 1 60  ? -1.586  -3.178  -2.820  1.00 20.16 ? 60  ILE A CG1 1 
ATOM   441  C  CG2 . ILE A 1 60  ? -2.727  -2.589  -4.997  1.00 21.02 ? 60  ILE A CG2 1 
ATOM   442  C  CD1 . ILE A 1 60  ? -2.813  -2.856  -1.996  1.00 22.61 ? 60  ILE A CD1 1 
ATOM   443  N  N   . GLU A 1 61  ? -0.331  -2.870  -7.325  1.00 24.94 ? 61  GLU A N   1 
ATOM   444  C  CA  . GLU A 1 61  ? -0.193  -2.232  -8.608  1.00 26.24 ? 61  GLU A CA  1 
ATOM   445  C  C   . GLU A 1 61  ? -1.100  -1.002  -8.623  1.00 26.93 ? 61  GLU A C   1 
ATOM   446  O  O   . GLU A 1 61  ? -2.269  -1.058  -8.233  1.00 26.58 ? 61  GLU A O   1 
ATOM   447  C  CB  . GLU A 1 61  ? -0.577  -3.218  -9.709  1.00 28.98 ? 61  GLU A CB  1 
ATOM   448  C  CG  . GLU A 1 61  ? -0.643  -2.571  -11.079 1.00 33.55 ? 61  GLU A CG  1 
ATOM   449  C  CD  . GLU A 1 61  ? -0.769  -3.594  -12.181 1.00 35.49 ? 61  GLU A CD  1 
ATOM   450  O  OE1 . GLU A 1 61  ? -0.219  -3.358  -13.271 1.00 34.73 ? 61  GLU A OE1 1 
ATOM   451  O  OE2 . GLU A 1 61  ? -1.436  -4.632  -11.961 1.00 37.36 ? 61  GLU A OE2 1 
ATOM   452  N  N   . SER A 1 62  ? -0.550  0.125   -9.071  1.00 29.53 ? 62  SER A N   1 
ATOM   453  C  CA  . SER A 1 62  ? 0.824   0.180   -9.533  1.00 29.89 ? 62  SER A CA  1 
ATOM   454  C  C   . SER A 1 62  ? 1.675   1.139   -8.723  1.00 28.58 ? 62  SER A C   1 
ATOM   455  O  O   . SER A 1 62  ? 2.857   0.911   -8.526  1.00 28.09 ? 62  SER A O   1 
ATOM   456  C  CB  . SER A 1 62  ? 0.859   0.576   -11.006 1.00 32.86 ? 62  SER A CB  1 
ATOM   457  O  OG  . SER A 1 62  ? 1.127   1.950   -11.168 1.00 36.51 ? 62  SER A OG  1 
ATOM   458  N  N   . ARG A 1 63  ? 1.073   2.190   -8.192  1.00 20.29 ? 63  ARG A N   1 
ATOM   459  C  CA  . ARG A 1 63  ? 1.859   3.127   -7.397  1.00 21.50 ? 63  ARG A CA  1 
ATOM   460  C  C   . ARG A 1 63  ? 2.422   2.490   -6.131  1.00 20.55 ? 63  ARG A C   1 
ATOM   461  O  O   . ARG A 1 63  ? 3.405   2.976   -5.570  1.00 22.82 ? 63  ARG A O   1 
ATOM   462  C  CB  . ARG A 1 63  ? 1.036   4.371   -7.090  1.00 22.50 ? 63  ARG A CB  1 
ATOM   463  C  CG  . ARG A 1 63  ? 0.946   5.297   -8.306  1.00 26.53 ? 63  ARG A CG  1 
ATOM   464  C  CD  . ARG A 1 63  ? -0.449  5.831   -8.531  1.00 32.88 ? 63  ARG A CD  1 
ATOM   465  N  NE  . ARG A 1 63  ? -0.924  6.593   -7.390  1.00 35.95 ? 63  ARG A NE  1 
ATOM   466  C  CZ  . ARG A 1 63  ? -2.133  7.131   -7.293  1.00 38.24 ? 63  ARG A CZ  1 
ATOM   467  N  NH1 . ARG A 1 63  ? -3.011  6.993   -8.281  1.00 38.16 ? 63  ARG A NH1 1 
ATOM   468  N  NH2 . ARG A 1 63  ? -2.461  7.810   -6.198  1.00 38.48 ? 63  ARG A NH2 1 
ATOM   469  N  N   . GLY A 1 64  ? 1.820   1.387   -5.693  1.00 18.14 ? 64  GLY A N   1 
ATOM   470  C  CA  . GLY A 1 64  ? 2.311   0.698   -4.514  1.00 16.46 ? 64  GLY A CA  1 
ATOM   471  C  C   . GLY A 1 64  ? 3.623   -0.029  -4.788  1.00 16.67 ? 64  GLY A C   1 
ATOM   472  O  O   . GLY A 1 64  ? 4.260   -0.557  -3.864  1.00 16.23 ? 64  GLY A O   1 
ATOM   473  N  N   . PHE A 1 65  ? 4.039   -0.051  -6.053  1.00 16.09 ? 65  PHE A N   1 
ATOM   474  C  CA  . PHE A 1 65  ? 5.291   -0.724  -6.433  1.00 17.69 ? 65  PHE A CA  1 
ATOM   475  C  C   . PHE A 1 65  ? 6.554   0.086   -6.138  1.00 17.60 ? 65  PHE A C   1 
ATOM   476  O  O   . PHE A 1 65  ? 7.611   -0.472  -5.837  1.00 17.72 ? 65  PHE A O   1 
ATOM   477  C  CB  . PHE A 1 65  ? 5.325   -1.016  -7.934  1.00 16.59 ? 65  PHE A CB  1 
ATOM   478  C  CG  . PHE A 1 65  ? 4.484   -2.186  -8.366  1.00 16.33 ? 65  PHE A CG  1 
ATOM   479  C  CD1 . PHE A 1 65  ? 3.733   -2.927  -7.454  1.00 18.36 ? 65  PHE A CD1 1 
ATOM   480  C  CD2 . PHE A 1 65  ? 4.446   -2.546  -9.708  1.00 17.15 ? 65  PHE A CD2 1 
ATOM   481  C  CE1 . PHE A 1 65  ? 2.947   -4.015  -7.876  1.00 16.97 ? 65  PHE A CE1 1 
ATOM   482  C  CE2 . PHE A 1 65  ? 3.668   -3.627  -10.136 1.00 20.82 ? 65  PHE A CE2 1 
ATOM   483  C  CZ  . PHE A 1 65  ? 2.917   -4.359  -9.209  1.00 17.87 ? 65  PHE A CZ  1 
ATOM   484  N  N   . ILE A 1 66  ? 6.453   1.399   -6.276  1.00 18.40 ? 66  ILE A N   1 
ATOM   485  C  CA  . ILE A 1 66  ? 7.612   2.257   -6.112  1.00 19.54 ? 66  ILE A CA  1 
ATOM   486  C  C   . ILE A 1 66  ? 8.241   2.210   -4.720  1.00 18.51 ? 66  ILE A C   1 
ATOM   487  O  O   . ILE A 1 66  ? 9.369   1.725   -4.567  1.00 17.42 ? 66  ILE A O   1 
ATOM   488  C  CB  . ILE A 1 66  ? 7.259   3.699   -6.544  1.00 21.20 ? 66  ILE A CB  1 
ATOM   489  C  CG1 . ILE A 1 66  ? 6.632   3.658   -7.946  1.00 22.97 ? 66  ILE A CG1 1 
ATOM   490  C  CG2 . ILE A 1 66  ? 8.514   4.563   -6.603  1.00 21.13 ? 66  ILE A CG2 1 
ATOM   491  C  CD1 . ILE A 1 66  ? 6.084   4.994   -8.434  1.00 20.00 ? 66  ILE A CD1 1 
ATOM   492  N  N   . LEU A 1 67  ? 7.544   2.699   -3.702  1.00 16.67 ? 67  LEU A N   1 
ATOM   493  C  CA  . LEU A 1 67  ? 8.125   2.633   -2.359  1.00 17.11 ? 67  LEU A CA  1 
ATOM   494  C  C   . LEU A 1 67  ? 8.002   1.199   -1.851  1.00 16.91 ? 67  LEU A C   1 
ATOM   495  O  O   . LEU A 1 67  ? 8.659   0.815   -0.892  1.00 15.06 ? 67  LEU A O   1 
ATOM   496  C  CB  . LEU A 1 67  ? 7.425   3.606   -1.400  1.00 17.54 ? 67  LEU A CB  1 
ATOM   497  C  CG  . LEU A 1 67  ? 8.008   3.737   0.013   1.00 19.63 ? 67  LEU A CG  1 
ATOM   498  C  CD1 . LEU A 1 67  ? 9.451   4.258   -0.030  1.00 16.11 ? 67  LEU A CD1 1 
ATOM   499  C  CD2 . LEU A 1 67  ? 7.141   4.713   0.802   1.00 20.41 ? 67  LEU A CD2 1 
ATOM   500  N  N   . GLY A 1 68  ? 7.173   0.400   -2.522  1.00 15.12 ? 68  GLY A N   1 
ATOM   501  C  CA  . GLY A 1 68  ? 7.002   -0.981  -2.123  1.00 15.92 ? 68  GLY A CA  1 
ATOM   502  C  C   . GLY A 1 68  ? 8.266   -1.806  -2.248  1.00 18.06 ? 68  GLY A C   1 
ATOM   503  O  O   . GLY A 1 68  ? 8.645   -2.524  -1.315  1.00 15.82 ? 68  GLY A O   1 
ATOM   504  N  N   . GLY A 1 69  ? 8.915   -1.721  -3.410  1.00 14.34 ? 69  GLY A N   1 
ATOM   505  C  CA  . GLY A 1 69  ? 10.134  -2.476  -3.607  1.00 14.22 ? 69  GLY A CA  1 
ATOM   506  C  C   . GLY A 1 69  ? 11.227  -1.899  -2.707  1.00 13.35 ? 69  GLY A C   1 
ATOM   507  O  O   . GLY A 1 69  ? 11.974  -2.645  -2.080  1.00 13.98 ? 69  GLY A O   1 
ATOM   508  N  N   . ILE A 1 70  ? 11.316  -0.575  -2.646  1.00 12.49 ? 70  ILE A N   1 
ATOM   509  C  CA  . ILE A 1 70  ? 12.317  0.094   -1.814  1.00 14.30 ? 70  ILE A CA  1 
ATOM   510  C  C   . ILE A 1 70  ? 12.251  -0.413  -0.367  1.00 16.05 ? 70  ILE A C   1 
ATOM   511  O  O   . ILE A 1 70  ? 13.268  -0.813  0.235   1.00 14.25 ? 70  ILE A O   1 
ATOM   512  C  CB  . ILE A 1 70  ? 12.112  1.641   -1.839  1.00 15.39 ? 70  ILE A CB  1 
ATOM   513  C  CG1 . ILE A 1 70  ? 12.484  2.186   -3.239  1.00 12.10 ? 70  ILE A CG1 1 
ATOM   514  C  CG2 . ILE A 1 70  ? 12.986  2.318   -0.758  1.00 16.41 ? 70  ILE A CG2 1 
ATOM   515  C  CD1 . ILE A 1 70  ? 12.072  3.626   -3.482  1.00 16.34 ? 70  ILE A CD1 1 
ATOM   516  N  N   . VAL A 1 71  ? 11.049  -0.411  0.192   1.00 12.75 ? 71  VAL A N   1 
ATOM   517  C  CA  . VAL A 1 71  ? 10.879  -0.883  1.553   1.00 14.36 ? 71  VAL A CA  1 
ATOM   518  C  C   . VAL A 1 71  ? 11.235  -2.358  1.708   1.00 15.70 ? 71  VAL A C   1 
ATOM   519  O  O   . VAL A 1 71  ? 11.888  -2.738  2.691   1.00 16.65 ? 71  VAL A O   1 
ATOM   520  C  CB  . VAL A 1 71  ? 9.442   -0.605  2.022   1.00 16.58 ? 71  VAL A CB  1 
ATOM   521  C  CG1 . VAL A 1 71  ? 9.136   -1.373  3.300   1.00 16.96 ? 71  VAL A CG1 1 
ATOM   522  C  CG2 . VAL A 1 71  ? 9.298   0.918   2.229   1.00 16.92 ? 71  VAL A CG2 1 
ATOM   523  N  N   . ALA A 1 72  ? 10.846  -3.201  0.745   1.00 14.45 ? 72  ALA A N   1 
ATOM   524  C  CA  . ALA A 1 72  ? 11.178  -4.614  0.852   1.00 16.77 ? 72  ALA A CA  1 
ATOM   525  C  C   . ALA A 1 72  ? 12.690  -4.795  0.864   1.00 18.67 ? 72  ALA A C   1 
ATOM   526  O  O   . ALA A 1 72  ? 13.238  -5.514  1.698   1.00 19.71 ? 72  ALA A O   1 
ATOM   527  C  CB  . ALA A 1 72  ? 10.572  -5.419  -0.320  1.00 18.99 ? 72  ALA A CB  1 
ATOM   528  N  N   . ASN A 1 73  ? 13.369  -4.143  -0.071  1.00 20.46 ? 73  ASN A N   1 
ATOM   529  C  CA  . ASN A 1 73  ? 14.810  -4.290  -0.159  1.00 20.76 ? 73  ASN A CA  1 
ATOM   530  C  C   . ASN A 1 73  ? 15.527  -3.724  1.051   1.00 20.84 ? 73  ASN A C   1 
ATOM   531  O  O   . ASN A 1 73  ? 16.539  -4.267  1.489   1.00 20.88 ? 73  ASN A O   1 
ATOM   532  C  CB  . ASN A 1 73  ? 15.345  -3.645  -1.430  1.00 22.21 ? 73  ASN A CB  1 
ATOM   533  C  CG  . ASN A 1 73  ? 16.711  -4.176  -1.795  1.00 23.13 ? 73  ASN A CG  1 
ATOM   534  O  OD1 . ASN A 1 73  ? 17.698  -3.458  -1.748  1.00 24.60 ? 73  ASN A OD1 1 
ATOM   535  N  ND2 . ASN A 1 73  ? 16.772  -5.463  -2.130  1.00 26.88 ? 73  ASN A ND2 1 
ATOM   536  N  N   . SER A 1 74  ? 14.985  -2.648  1.600   1.00 21.11 ? 74  SER A N   1 
ATOM   537  C  CA  . SER A 1 74  ? 15.560  -2.017  2.775   1.00 22.55 ? 74  SER A CA  1 
ATOM   538  C  C   . SER A 1 74  ? 15.414  -2.941  3.991   1.00 23.37 ? 74  SER A C   1 
ATOM   539  O  O   . SER A 1 74  ? 16.341  -3.071  4.784   1.00 21.03 ? 74  SER A O   1 
ATOM   540  C  CB  . SER A 1 74  ? 14.866  -0.677  3.032   1.00 25.08 ? 74  SER A CB  1 
ATOM   541  O  OG  . SER A 1 74  ? 15.590  0.110   3.971   1.00 29.44 ? 74  SER A OG  1 
ATOM   542  N  N   . LEU A 1 75  ? 14.258  -3.599  4.116   1.00 22.42 ? 75  LEU A N   1 
ATOM   543  C  CA  . LEU A 1 75  ? 13.994  -4.523  5.223   1.00 24.05 ? 75  LEU A CA  1 
ATOM   544  C  C   . LEU A 1 75  ? 14.664  -5.872  5.031   1.00 24.38 ? 75  LEU A C   1 
ATOM   545  O  O   . LEU A 1 75  ? 14.711  -6.681  5.959   1.00 26.23 ? 75  LEU A O   1 
ATOM   546  C  CB  . LEU A 1 75  ? 12.496  -4.781  5.387   1.00 24.60 ? 75  LEU A CB  1 
ATOM   547  C  CG  . LEU A 1 75  ? 11.570  -3.625  5.759   1.00 25.80 ? 75  LEU A CG  1 
ATOM   548  C  CD1 . LEU A 1 75  ? 10.169  -4.170  5.963   1.00 28.42 ? 75  LEU A CD1 1 
ATOM   549  C  CD2 . LEU A 1 75  ? 12.065  -2.949  7.034   1.00 29.18 ? 75  LEU A CD2 1 
ATOM   550  N  N   . GLY A 1 76  ? 15.157  -6.128  3.829   1.00 23.04 ? 76  GLY A N   1 
ATOM   551  C  CA  . GLY A 1 76  ? 15.808  -7.398  3.568   1.00 22.51 ? 76  GLY A CA  1 
ATOM   552  C  C   . GLY A 1 76  ? 14.839  -8.545  3.313   1.00 21.61 ? 76  GLY A C   1 
ATOM   553  O  O   . GLY A 1 76  ? 15.167  -9.706  3.569   1.00 22.68 ? 76  GLY A O   1 
ATOM   554  N  N   . VAL A 1 77  ? 13.646  -8.237  2.809   1.00 19.81 ? 77  VAL A N   1 
ATOM   555  C  CA  . VAL A 1 77  ? 12.651  -9.273  2.531   1.00 16.49 ? 77  VAL A CA  1 
ATOM   556  C  C   . VAL A 1 77  ? 12.181  -9.182  1.089   1.00 17.08 ? 77  VAL A C   1 
ATOM   557  O  O   . VAL A 1 77  ? 12.303  -8.136  0.460   1.00 17.77 ? 77  VAL A O   1 
ATOM   558  C  CB  . VAL A 1 77  ? 11.403  -9.148  3.434   1.00 18.79 ? 77  VAL A CB  1 
ATOM   559  C  CG1 . VAL A 1 77  ? 11.809  -9.161  4.914   1.00 20.12 ? 77  VAL A CG1 1 
ATOM   560  C  CG2 . VAL A 1 77  ? 10.628  -7.891  3.083   1.00 16.27 ? 77  VAL A CG2 1 
ATOM   561  N  N   . GLY A 1 78  ? 11.606  -10.270 0.593   1.00 16.50 ? 78  GLY A N   1 
ATOM   562  C  CA  . GLY A 1 78  ? 11.128  -10.290 -0.783  1.00 18.28 ? 78  GLY A CA  1 
ATOM   563  C  C   . GLY A 1 78  ? 9.928   -9.417  -1.064  1.00 17.86 ? 78  GLY A C   1 
ATOM   564  O  O   . GLY A 1 78  ? 9.179   -9.050  -0.150  1.00 19.32 ? 78  GLY A O   1 
ATOM   565  N  N   . PHE A 1 79  ? 9.755   -9.070  -2.336  1.00 17.79 ? 79  PHE A N   1 
ATOM   566  C  CA  . PHE A 1 79  ? 8.643   -8.244  -2.757  1.00 15.46 ? 79  PHE A CA  1 
ATOM   567  C  C   . PHE A 1 79  ? 7.679   -9.095  -3.562  1.00 16.85 ? 79  PHE A C   1 
ATOM   568  O  O   . PHE A 1 79  ? 8.097   -9.857  -4.444  1.00 14.08 ? 79  PHE A O   1 
ATOM   569  C  CB  . PHE A 1 79  ? 9.110   -7.073  -3.638  1.00 13.70 ? 79  PHE A CB  1 
ATOM   570  C  CG  . PHE A 1 79  ? 7.976   -6.209  -4.129  1.00 15.53 ? 79  PHE A CG  1 
ATOM   571  C  CD1 . PHE A 1 79  ? 7.476   -5.181  -3.338  1.00 13.62 ? 79  PHE A CD1 1 
ATOM   572  C  CD2 . PHE A 1 79  ? 7.371   -6.464  -5.361  1.00 15.26 ? 79  PHE A CD2 1 
ATOM   573  C  CE1 . PHE A 1 79  ? 6.373   -4.409  -3.769  1.00 18.57 ? 79  PHE A CE1 1 
ATOM   574  C  CE2 . PHE A 1 79  ? 6.277   -5.707  -5.801  1.00 14.53 ? 79  PHE A CE2 1 
ATOM   575  C  CZ  . PHE A 1 79  ? 5.779   -4.677  -4.999  1.00 17.65 ? 79  PHE A CZ  1 
ATOM   576  N  N   . VAL A 1 80  ? 6.391   -8.948  -3.257  1.00 17.70 ? 80  VAL A N   1 
ATOM   577  C  CA  . VAL A 1 80  ? 5.340   -9.677  -3.951  1.00 17.51 ? 80  VAL A CA  1 
ATOM   578  C  C   . VAL A 1 80  ? 4.368   -8.681  -4.560  1.00 18.38 ? 80  VAL A C   1 
ATOM   579  O  O   . VAL A 1 80  ? 3.896   -7.759  -3.883  1.00 16.14 ? 80  VAL A O   1 
ATOM   580  C  CB  . VAL A 1 80  ? 4.591   -10.618 -2.984  1.00 19.05 ? 80  VAL A CB  1 
ATOM   581  C  CG1 . VAL A 1 80  ? 3.368   -11.226 -3.670  1.00 18.37 ? 80  VAL A CG1 1 
ATOM   582  C  CG2 . VAL A 1 80  ? 5.532   -11.725 -2.527  1.00 17.96 ? 80  VAL A CG2 1 
ATOM   583  N  N   . ALA A 1 81  ? 4.078   -8.867  -5.844  1.00 17.16 ? 81  ALA A N   1 
ATOM   584  C  CA  . ALA A 1 81  ? 3.187   -7.976  -6.558  1.00 19.51 ? 81  ALA A CA  1 
ATOM   585  C  C   . ALA A 1 81  ? 1.734   -8.436  -6.546  1.00 22.15 ? 81  ALA A C   1 
ATOM   586  O  O   . ALA A 1 81  ? 1.422   -9.589  -6.824  1.00 19.97 ? 81  ALA A O   1 
ATOM   587  C  CB  . ALA A 1 81  ? 3.656   -7.819  -8.008  1.00 19.21 ? 81  ALA A CB  1 
ATOM   588  N  N   . LEU A 1 82  ? 0.855   -7.512  -6.216  1.00 23.06 ? 82  LEU A N   1 
ATOM   589  C  CA  . LEU A 1 82  ? -0.563  -7.785  -6.215  1.00 26.76 ? 82  LEU A CA  1 
ATOM   590  C  C   . LEU A 1 82  ? -0.955  -6.946  -7.423  1.00 27.94 ? 82  LEU A C   1 
ATOM   591  O  O   . LEU A 1 82  ? -0.768  -5.730  -7.425  1.00 26.93 ? 82  LEU A O   1 
ATOM   592  C  CB  . LEU A 1 82  ? -1.179  -7.249  -4.922  1.00 28.43 ? 82  LEU A CB  1 
ATOM   593  C  CG  . LEU A 1 82  ? -2.657  -7.486  -4.619  1.00 33.04 ? 82  LEU A CG  1 
ATOM   594  C  CD1 . LEU A 1 82  ? -2.888  -7.579  -3.105  1.00 31.31 ? 82  LEU A CD1 1 
ATOM   595  C  CD2 . LEU A 1 82  ? -3.464  -6.349  -5.232  1.00 34.23 ? 82  LEU A CD2 1 
ATOM   596  N  N   . ARG A 1 83  ? -1.456  -7.560  -8.483  1.00 28.81 ? 83  ARG A N   1 
ATOM   597  C  CA  . ARG A 1 83  ? -1.788  -6.705  -9.597  1.00 32.63 ? 83  ARG A CA  1 
ATOM   598  C  C   . ARG A 1 83  ? -3.131  -6.879  -10.281 1.00 34.22 ? 83  ARG A C   1 
ATOM   599  O  O   . ARG A 1 83  ? -3.920  -7.755  -9.926  1.00 34.05 ? 83  ARG A O   1 
ATOM   600  C  CB  . ARG A 1 83  ? -0.649  -6.733  -10.617 1.00 33.78 ? 83  ARG A CB  1 
ATOM   601  C  CG  . ARG A 1 83  ? -0.272  -8.068  -11.173 1.00 34.29 ? 83  ARG A CG  1 
ATOM   602  C  CD  . ARG A 1 83  ? 0.924   -7.886  -12.113 1.00 35.76 ? 83  ARG A CD  1 
ATOM   603  N  NE  . ARG A 1 83  ? 0.845   -6.614  -12.834 1.00 36.25 ? 83  ARG A NE  1 
ATOM   604  C  CZ  . ARG A 1 83  ? 1.504   -6.321  -13.953 1.00 36.34 ? 83  ARG A CZ  1 
ATOM   605  N  NH1 . ARG A 1 83  ? 2.314   -7.206  -14.525 1.00 36.38 ? 83  ARG A NH1 1 
ATOM   606  N  NH2 . ARG A 1 83  ? 1.349   -5.128  -14.506 1.00 38.21 ? 83  ARG A NH2 1 
ATOM   607  N  N   . LYS A 1 84  ? -3.392  -6.002  -11.245 1.00 35.95 ? 84  LYS A N   1 
ATOM   608  C  CA  . LYS A 1 84  ? -4.634  -6.033  -12.000 1.00 38.00 ? 84  LYS A CA  1 
ATOM   609  C  C   . LYS A 1 84  ? -4.762  -7.340  -12.754 1.00 37.17 ? 84  LYS A C   1 
ATOM   610  O  O   . LYS A 1 84  ? -3.802  -7.833  -13.334 1.00 38.86 ? 84  LYS A O   1 
ATOM   611  C  CB  . LYS A 1 84  ? -4.689  -4.851  -12.969 1.00 39.94 ? 84  LYS A CB  1 
ATOM   612  C  CG  . LYS A 1 84  ? -5.437  -3.641  -12.424 1.00 42.76 ? 84  LYS A CG  1 
ATOM   613  C  CD  . LYS A 1 84  ? -4.914  -3.190  -11.073 1.00 44.30 ? 84  LYS A CD  1 
ATOM   614  C  CE  . LYS A 1 84  ? -5.603  -1.910  -10.612 1.00 47.10 ? 84  LYS A CE  1 
ATOM   615  N  NZ  . LYS A 1 84  ? -5.256  -0.740  -11.480 1.00 46.81 ? 84  LYS A NZ  1 
ATOM   616  N  N   . ALA A 1 85  ? -5.968  -7.890  -12.741 1.00 37.44 ? 85  ALA A N   1 
ATOM   617  C  CA  . ALA A 1 85  ? -6.268  -9.155  -13.390 1.00 36.29 ? 85  ALA A CA  1 
ATOM   618  C  C   . ALA A 1 85  ? -5.754  -9.283  -14.814 1.00 35.43 ? 85  ALA A C   1 
ATOM   619  O  O   . ALA A 1 85  ? -5.718  -8.307  -15.566 1.00 34.65 ? 85  ALA A O   1 
ATOM   620  C  CB  . ALA A 1 85  ? -7.771  -9.393  -13.364 1.00 38.64 ? 85  ALA A CB  1 
ATOM   621  N  N   . GLY A 1 86  ? -5.361  -10.505 -15.167 1.00 33.91 ? 86  GLY A N   1 
ATOM   622  C  CA  . GLY A 1 86  ? -4.876  -10.801 -16.502 1.00 33.74 ? 86  GLY A CA  1 
ATOM   623  C  C   . GLY A 1 86  ? -3.403  -10.550 -16.736 1.00 34.45 ? 86  GLY A C   1 
ATOM   624  O  O   . GLY A 1 86  ? -2.895  -10.795 -17.829 1.00 34.80 ? 86  GLY A O   1 
ATOM   625  N  N   . LYS A 1 87  ? -2.698  -10.084 -15.714 1.00 34.46 ? 87  LYS A N   1 
ATOM   626  C  CA  . LYS A 1 87  ? -1.288  -9.784  -15.878 1.00 33.08 ? 87  LYS A CA  1 
ATOM   627  C  C   . LYS A 1 87  ? -0.336  -10.831 -15.318 1.00 31.52 ? 87  LYS A C   1 
ATOM   628  O  O   . LYS A 1 87  ? 0.704   -11.101 -15.910 1.00 31.16 ? 87  LYS A O   1 
ATOM   629  C  CB  . LYS A 1 87  ? -1.020  -8.410  -15.276 1.00 34.97 ? 87  LYS A CB  1 
ATOM   630  C  CG  . LYS A 1 87  ? -1.948  -7.356  -15.871 1.00 38.59 ? 87  LYS A CG  1 
ATOM   631  C  CD  . LYS A 1 87  ? -1.739  -5.982  -15.272 1.00 41.49 ? 87  LYS A CD  1 
ATOM   632  C  CE  . LYS A 1 87  ? -2.740  -4.983  -15.856 1.00 43.86 ? 87  LYS A CE  1 
ATOM   633  N  NZ  . LYS A 1 87  ? -2.434  -3.573  -15.480 1.00 42.24 ? 87  LYS A NZ  1 
ATOM   634  N  N   . LEU A 1 88  ? -0.693  -11.438 -14.194 1.00 30.40 ? 88  LEU A N   1 
ATOM   635  C  CA  . LEU A 1 88  ? 0.158   -12.454 -13.588 1.00 29.97 ? 88  LEU A CA  1 
ATOM   636  C  C   . LEU A 1 88  ? -0.046  -13.840 -14.187 1.00 30.78 ? 88  LEU A C   1 
ATOM   637  O  O   . LEU A 1 88  ? -1.171  -14.318 -14.289 1.00 29.58 ? 88  LEU A O   1 
ATOM   638  C  CB  . LEU A 1 88  ? -0.114  -12.535 -12.086 1.00 30.71 ? 88  LEU A CB  1 
ATOM   639  C  CG  . LEU A 1 88  ? 0.226   -11.324 -11.213 1.00 31.28 ? 88  LEU A CG  1 
ATOM   640  C  CD1 . LEU A 1 88  ? -0.417  -11.482 -9.862  1.00 30.94 ? 88  LEU A CD1 1 
ATOM   641  C  CD2 . LEU A 1 88  ? 1.741   -11.197 -11.076 1.00 32.24 ? 88  LEU A CD2 1 
ATOM   642  N  N   . PRO A 1 89  ? 1.042   -14.501 -14.607 1.00 31.08 ? 89  PRO A N   1 
ATOM   643  C  CA  . PRO A 1 89  ? 0.907   -15.847 -15.178 1.00 30.96 ? 89  PRO A CA  1 
ATOM   644  C  C   . PRO A 1 89  ? 0.809   -16.857 -14.024 1.00 30.40 ? 89  PRO A C   1 
ATOM   645  O  O   . PRO A 1 89  ? 0.956   -16.480 -12.862 1.00 27.94 ? 89  PRO A O   1 
ATOM   646  C  CB  . PRO A 1 89  ? 2.196   -16.002 -15.989 1.00 33.00 ? 89  PRO A CB  1 
ATOM   647  C  CG  . PRO A 1 89  ? 3.191   -15.234 -15.167 1.00 33.13 ? 89  PRO A CG  1 
ATOM   648  C  CD  . PRO A 1 89  ? 2.409   -13.982 -14.790 1.00 31.75 ? 89  PRO A CD  1 
ATOM   649  N  N   . GLY A 1 90  ? 0.543   -18.126 -14.334 1.00 29.76 ? 90  GLY A N   1 
ATOM   650  C  CA  . GLY A 1 90  ? 0.452   -19.136 -13.288 1.00 29.43 ? 90  GLY A CA  1 
ATOM   651  C  C   . GLY A 1 90  ? -0.795  -19.093 -12.419 1.00 30.69 ? 90  GLY A C   1 
ATOM   652  O  O   . GLY A 1 90  ? -1.697  -18.281 -12.650 1.00 30.35 ? 90  GLY A O   1 
ATOM   653  N  N   . ASP A 1 91  ? -0.844  -19.968 -11.414 1.00 30.87 ? 91  ASP A N   1 
ATOM   654  C  CA  . ASP A 1 91  ? -1.989  -20.046 -10.507 1.00 31.72 ? 91  ASP A CA  1 
ATOM   655  C  C   . ASP A 1 91  ? -2.111  -18.779 -9.685  1.00 31.66 ? 91  ASP A C   1 
ATOM   656  O  O   . ASP A 1 91  ? -1.141  -18.308 -9.087  1.00 29.29 ? 91  ASP A O   1 
ATOM   657  C  CB  . ASP A 1 91  ? -1.870  -21.251 -9.573  1.00 34.51 ? 91  ASP A CB  1 
ATOM   658  C  CG  . ASP A 1 91  ? -1.759  -22.561 -10.328 1.00 37.23 ? 91  ASP A CG  1 
ATOM   659  O  OD1 . ASP A 1 91  ? -2.286  -22.653 -11.461 1.00 37.09 ? 91  ASP A OD1 1 
ATOM   660  O  OD2 . ASP A 1 91  ? -1.150  -23.505 -9.784  1.00 39.44 ? 91  ASP A OD2 1 
ATOM   661  N  N   . VAL A 1 92  ? -3.319  -18.236 -9.643  1.00 29.62 ? 92  VAL A N   1 
ATOM   662  C  CA  . VAL A 1 92  ? -3.550  -17.001 -8.931  1.00 29.84 ? 92  VAL A CA  1 
ATOM   663  C  C   . VAL A 1 92  ? -4.841  -16.991 -8.132  1.00 31.03 ? 92  VAL A C   1 
ATOM   664  O  O   . VAL A 1 92  ? -5.775  -17.729 -8.425  1.00 31.78 ? 92  VAL A O   1 
ATOM   665  C  CB  . VAL A 1 92  ? -3.592  -15.823 -9.935  1.00 29.69 ? 92  VAL A CB  1 
ATOM   666  C  CG1 . VAL A 1 92  ? -3.919  -14.545 -9.224  1.00 31.23 ? 92  VAL A CG1 1 
ATOM   667  C  CG2 . VAL A 1 92  ? -2.251  -15.682 -10.638 1.00 28.54 ? 92  VAL A CG2 1 
ATOM   668  N  N   . CYS A 1 93  ? -4.874  -16.152 -7.107  1.00 32.15 ? 93  CYS A N   1 
ATOM   669  C  CA  . CYS A 1 93  ? -6.070  -15.964 -6.293  1.00 34.22 ? 93  CYS A CA  1 
ATOM   670  C  C   . CYS A 1 93  ? -6.605  -14.615 -6.768  1.00 35.40 ? 93  CYS A C   1 
ATOM   671  O  O   . CYS A 1 93  ? -5.823  -13.732 -7.140  1.00 31.63 ? 93  CYS A O   1 
ATOM   672  C  CB  . CYS A 1 93  ? -5.719  -15.883 -4.805  1.00 34.35 ? 93  CYS A CB  1 
ATOM   673  S  SG  . CYS A 1 93  ? -5.154  -17.417 -4.065  1.00 36.92 ? 93  CYS A SG  1 
ATOM   674  N  N   . LYS A 1 94  ? -7.922  -14.446 -6.763  1.00 38.02 ? 94  LYS A N   1 
ATOM   675  C  CA  . LYS A 1 94  ? -8.514  -13.194 -7.223  1.00 40.98 ? 94  LYS A CA  1 
ATOM   676  C  C   . LYS A 1 94  ? -9.540  -12.597 -6.276  1.00 42.28 ? 94  LYS A C   1 
ATOM   677  O  O   . LYS A 1 94  ? -10.039 -13.267 -5.370  1.00 41.44 ? 94  LYS A O   1 
ATOM   678  C  CB  . LYS A 1 94  ? -9.149  -13.380 -8.610  1.00 43.82 ? 94  LYS A CB  1 
ATOM   679  C  CG  . LYS A 1 94  ? -9.873  -14.707 -8.804  1.00 47.49 ? 94  LYS A CG  1 
ATOM   680  C  CD  . LYS A 1 94  ? -8.890  -15.819 -9.174  1.00 49.76 ? 94  LYS A CD  1 
ATOM   681  C  CE  . LYS A 1 94  ? -9.502  -17.212 -9.011  1.00 50.99 ? 94  LYS A CE  1 
ATOM   682  N  NZ  . LYS A 1 94  ? -9.759  -17.557 -7.580  1.00 50.51 ? 94  LYS A NZ  1 
ATOM   683  N  N   . CYS A 1 95  ? -9.843  -11.321 -6.501  1.00 43.10 ? 95  CYS A N   1 
ATOM   684  C  CA  . CYS A 1 95  ? -10.812 -10.591 -5.697  1.00 43.96 ? 95  CYS A CA  1 
ATOM   685  C  C   . CYS A 1 95  ? -11.160 -9.290  -6.402  1.00 44.99 ? 95  CYS A C   1 
ATOM   686  O  O   . CYS A 1 95  ? -10.276 -8.506  -6.752  1.00 44.24 ? 95  CYS A O   1 
ATOM   687  C  CB  . CYS A 1 95  ? -10.242 -10.307 -4.307  1.00 44.64 ? 95  CYS A CB  1 
ATOM   688  S  SG  . CYS A 1 95  ? -11.352 -9.408  -3.195  1.00 42.88 ? 95  CYS A SG  1 
ATOM   689  N  N   . THR A 1 96  ? -12.457 -9.074  -6.611  1.00 46.63 ? 96  THR A N   1 
ATOM   690  C  CA  . THR A 1 96  ? -12.977 -7.882  -7.285  1.00 48.02 ? 96  THR A CA  1 
ATOM   691  C  C   . THR A 1 96  ? -13.493 -6.845  -6.277  1.00 48.94 ? 96  THR A C   1 
ATOM   692  O  O   . THR A 1 96  ? -14.178 -7.197  -5.315  1.00 48.85 ? 96  THR A O   1 
ATOM   693  C  CB  . THR A 1 96  ? -14.114 -8.276  -8.247  1.00 48.46 ? 96  THR A CB  1 
ATOM   694  O  OG1 . THR A 1 96  ? -15.042 -9.128  -7.563  1.00 48.86 ? 96  THR A OG1 1 
ATOM   695  C  CG2 . THR A 1 96  ? -13.561 -9.028  -9.442  1.00 49.20 ? 96  THR A CG2 1 
ATOM   696  N  N   . PHE A 1 97  ? -13.173 -5.570  -6.505  1.00 49.87 ? 97  PHE A N   1 
ATOM   697  C  CA  . PHE A 1 97  ? -13.581 -4.492  -5.592  1.00 50.50 ? 97  PHE A CA  1 
ATOM   698  C  C   . PHE A 1 97  ? -13.871 -3.163  -6.307  1.00 51.33 ? 97  PHE A C   1 
ATOM   699  O  O   . PHE A 1 97  ? -13.878 -3.087  -7.535  1.00 51.63 ? 97  PHE A O   1 
ATOM   700  C  CB  . PHE A 1 97  ? -12.468 -4.252  -4.581  1.00 49.13 ? 97  PHE A CB  1 
ATOM   701  C  CG  . PHE A 1 97  ? -11.255 -3.618  -5.188  1.00 48.95 ? 97  PHE A CG  1 
ATOM   702  C  CD1 . PHE A 1 97  ? -11.042 -2.247  -5.074  1.00 47.73 ? 97  PHE A CD1 1 
ATOM   703  C  CD2 . PHE A 1 97  ? -10.371 -4.377  -5.954  1.00 48.41 ? 97  PHE A CD2 1 
ATOM   704  C  CE1 . PHE A 1 97  ? -9.961  -1.634  -5.721  1.00 49.23 ? 97  PHE A CE1 1 
ATOM   705  C  CE2 . PHE A 1 97  ? -9.290  -3.777  -6.605  1.00 49.25 ? 97  PHE A CE2 1 
ATOM   706  C  CZ  . PHE A 1 97  ? -9.086  -2.402  -6.488  1.00 48.10 ? 97  PHE A CZ  1 
ATOM   707  N  N   . ASP A 1 98  ? -14.074 -2.113  -5.513  1.00 52.00 ? 98  ASP A N   1 
ATOM   708  C  CA  . ASP A 1 98  ? -14.353 -0.769  -6.026  1.00 53.43 ? 98  ASP A CA  1 
ATOM   709  C  C   . ASP A 1 98  ? -13.546 0.280   -5.245  1.00 53.91 ? 98  ASP A C   1 
ATOM   710  O  O   . ASP A 1 98  ? -13.440 0.198   -4.018  1.00 53.44 ? 98  ASP A O   1 
ATOM   711  C  CB  . ASP A 1 98  ? -15.845 -0.442  -5.886  1.00 53.69 ? 98  ASP A CB  1 
ATOM   712  C  CG  . ASP A 1 98  ? -16.735 -1.403  -6.654  1.00 55.01 ? 98  ASP A CG  1 
ATOM   713  O  OD1 . ASP A 1 98  ? -16.740 -1.345  -7.902  1.00 56.15 ? 98  ASP A OD1 1 
ATOM   714  O  OD2 . ASP A 1 98  ? -17.430 -2.220  -6.011  1.00 55.36 ? 98  ASP A OD2 1 
ATOM   715  N  N   . MET A 1 99  ? -12.975 1.256   -5.951  1.00 54.44 ? 99  MET A N   1 
ATOM   716  C  CA  . MET A 1 99  ? -12.216 2.326   -5.294  1.00 54.86 ? 99  MET A CA  1 
ATOM   717  C  C   . MET A 1 99  ? -12.776 3.710   -5.653  1.00 55.03 ? 99  MET A C   1 
ATOM   718  O  O   . MET A 1 99  ? -13.744 3.806   -6.406  1.00 55.67 ? 99  MET A O   1 
ATOM   719  C  CB  . MET A 1 99  ? -10.711 2.214   -5.613  1.00 53.11 ? 99  MET A CB  1 
ATOM   720  C  CG  . MET A 1 99  ? -10.330 2.034   -7.078  1.00 52.54 ? 99  MET A CG  1 
ATOM   721  S  SD  . MET A 1 99  ? -10.303 3.574   -8.032  1.00 52.55 ? 99  MET A SD  1 
ATOM   722  C  CE  . MET A 1 99  ? -9.030  4.494   -7.188  1.00 51.36 ? 99  MET A CE  1 
ATOM   723  N  N   . GLU A 1 100 ? -12.176 4.775   -5.119  1.00 55.96 ? 100 GLU A N   1 
ATOM   724  C  CA  . GLU A 1 100 ? -12.672 6.141   -5.342  1.00 56.01 ? 100 GLU A CA  1 
ATOM   725  C  C   . GLU A 1 100 ? -13.110 6.563   -6.749  1.00 56.11 ? 100 GLU A C   1 
ATOM   726  O  O   . GLU A 1 100 ? -14.132 7.235   -6.893  1.00 56.62 ? 100 GLU A O   1 
ATOM   727  C  CB  . GLU A 1 100 ? -11.669 7.175   -4.817  1.00 56.37 ? 100 GLU A CB  1 
ATOM   728  C  CG  . GLU A 1 100 ? -12.304 8.560   -4.611  1.00 56.10 ? 100 GLU A CG  1 
ATOM   729  C  CD  . GLU A 1 100 ? -11.287 9.665   -4.389  1.00 56.06 ? 100 GLU A CD  1 
ATOM   730  O  OE1 . GLU A 1 100 ? -10.450 9.885   -5.288  1.00 56.13 ? 100 GLU A OE1 1 
ATOM   731  O  OE2 . GLU A 1 100 ? -11.324 10.318  -3.324  1.00 56.05 ? 100 GLU A OE2 1 
ATOM   732  N  N   . TYR A 1 101 ? -12.360 6.197   -7.784  1.00 56.38 ? 101 TYR A N   1 
ATOM   733  C  CA  . TYR A 1 101 ? -12.753 6.589   -9.139  1.00 56.77 ? 101 TYR A CA  1 
ATOM   734  C  C   . TYR A 1 101 ? -12.815 5.473   -10.191 1.00 56.70 ? 101 TYR A C   1 
ATOM   735  O  O   . TYR A 1 101 ? -12.491 5.688   -11.362 1.00 56.75 ? 101 TYR A O   1 
ATOM   736  C  CB  . TYR A 1 101 ? -11.862 7.745   -9.637  1.00 56.44 ? 101 TYR A CB  1 
ATOM   737  C  CG  . TYR A 1 101 ? -10.373 7.592   -9.388  1.00 56.06 ? 101 TYR A CG  1 
ATOM   738  C  CD1 . TYR A 1 101 ? -9.623  6.618   -10.043 1.00 56.19 ? 101 TYR A CD1 1 
ATOM   739  C  CD2 . TYR A 1 101 ? -9.706  8.452   -8.516  1.00 56.80 ? 101 TYR A CD2 1 
ATOM   740  C  CE1 . TYR A 1 101 ? -8.239  6.505   -9.840  1.00 55.49 ? 101 TYR A CE1 1 
ATOM   741  C  CE2 . TYR A 1 101 ? -8.322  8.348   -8.303  1.00 55.96 ? 101 TYR A CE2 1 
ATOM   742  C  CZ  . TYR A 1 101 ? -7.601  7.373   -8.968  1.00 55.74 ? 101 TYR A CZ  1 
ATOM   743  O  OH  . TYR A 1 101 ? -6.241  7.264   -8.755  1.00 55.08 ? 101 TYR A OH  1 
ATOM   744  N  N   . GLN A 1 102 ? -13.248 4.288   -9.770  1.00 56.76 ? 102 GLN A N   1 
ATOM   745  C  CA  . GLN A 1 102 ? -13.368 3.148   -10.676 1.00 57.27 ? 102 GLN A CA  1 
ATOM   746  C  C   . GLN A 1 102 ? -14.098 1.982   -10.008 1.00 57.66 ? 102 GLN A C   1 
ATOM   747  O  O   . GLN A 1 102 ? -13.744 1.556   -8.902  1.00 57.92 ? 102 GLN A O   1 
ATOM   748  C  CB  . GLN A 1 102 ? -11.981 2.702   -11.152 1.00 56.93 ? 102 GLN A CB  1 
ATOM   749  N  N   . LYS A 1 103 ? -15.122 1.470   -10.685 1.00 57.35 ? 103 LYS A N   1 
ATOM   750  C  CA  . LYS A 1 103 ? -15.903 0.352   -10.167 1.00 56.92 ? 103 LYS A CA  1 
ATOM   751  C  C   . LYS A 1 103 ? -15.598 -0.922  -10.948 1.00 56.62 ? 103 LYS A C   1 
ATOM   752  O  O   . LYS A 1 103 ? -15.334 -0.873  -12.152 1.00 56.87 ? 103 LYS A O   1 
ATOM   753  C  CB  . LYS A 1 103 ? -17.394 0.676   -10.258 1.00 56.86 ? 103 LYS A CB  1 
ATOM   754  N  N   . GLY A 1 104 ? -15.627 -2.060  -10.257 1.00 55.89 ? 104 GLY A N   1 
ATOM   755  C  CA  . GLY A 1 104 ? -15.368 -3.333  -10.910 1.00 54.51 ? 104 GLY A CA  1 
ATOM   756  C  C   . GLY A 1 104 ? -13.908 -3.699  -11.125 1.00 53.46 ? 104 GLY A C   1 
ATOM   757  O  O   . GLY A 1 104 ? -13.569 -4.352  -12.116 1.00 54.11 ? 104 GLY A O   1 
ATOM   758  N  N   . VAL A 1 105 ? -13.037 -3.291  -10.208 1.00 51.93 ? 105 VAL A N   1 
ATOM   759  C  CA  . VAL A 1 105 ? -11.618 -3.607  -10.334 1.00 50.58 ? 105 VAL A CA  1 
ATOM   760  C  C   . VAL A 1 105 ? -11.344 -5.019  -9.831  1.00 49.89 ? 105 VAL A C   1 
ATOM   761  O  O   . VAL A 1 105 ? -12.023 -5.518  -8.928  1.00 49.65 ? 105 VAL A O   1 
ATOM   762  C  CB  . VAL A 1 105 ? -10.786 -2.606  -9.553  1.00 51.15 ? 105 VAL A CB  1 
ATOM   763  N  N   . THR A 1 106 ? -10.345 -5.667  -10.413 1.00 48.24 ? 106 THR A N   1 
ATOM   764  C  CA  . THR A 1 106 ? -10.004 -7.020  -9.999  1.00 46.75 ? 106 THR A CA  1 
ATOM   765  C  C   . THR A 1 106 ? -8.508  -7.151  -9.788  1.00 43.69 ? 106 THR A C   1 
ATOM   766  O  O   . THR A 1 106 ? -7.724  -6.907  -10.706 1.00 43.27 ? 106 THR A O   1 
ATOM   767  C  CB  . THR A 1 106 ? -10.441 -8.042  -11.052 1.00 47.21 ? 106 THR A CB  1 
ATOM   768  O  OG1 . THR A 1 106 ? -11.829 -7.853  -11.344 1.00 48.69 ? 106 THR A OG1 1 
ATOM   769  C  CG2 . THR A 1 106 ? -10.220 -9.459  -10.541 1.00 47.53 ? 106 THR A CG2 1 
ATOM   770  N  N   . ILE A 1 107 ? -8.114  -7.530  -8.576  1.00 40.47 ? 107 ILE A N   1 
ATOM   771  C  CA  . ILE A 1 107 ? -6.699  -7.699  -8.267  1.00 37.19 ? 107 ILE A CA  1 
ATOM   772  C  C   . ILE A 1 107 ? -6.357  -9.170  -8.098  1.00 34.13 ? 107 ILE A C   1 
ATOM   773  O  O   . ILE A 1 107 ? -7.198  -9.976  -7.700  1.00 33.52 ? 107 ILE A O   1 
ATOM   774  C  CB  . ILE A 1 107 ? -6.291  -6.925  -6.988  1.00 38.13 ? 107 ILE A CB  1 
ATOM   775  C  CG1 . ILE A 1 107 ? -7.336  -7.121  -5.890  1.00 39.03 ? 107 ILE A CG1 1 
ATOM   776  C  CG2 . ILE A 1 107 ? -6.091  -5.457  -7.315  1.00 38.07 ? 107 ILE A CG2 1 
ATOM   777  C  CD1 . ILE A 1 107 ? -6.980  -6.403  -4.596  1.00 38.74 ? 107 ILE A CD1 1 
ATOM   778  N  N   . GLU A 1 108 ? -5.114  -9.523  -8.408  1.00 29.96 ? 108 GLU A N   1 
ATOM   779  C  CA  . GLU A 1 108 ? -4.693  -10.906 -8.310  1.00 26.52 ? 108 GLU A CA  1 
ATOM   780  C  C   . GLU A 1 108 ? -3.302  -11.041 -7.707  1.00 25.73 ? 108 GLU A C   1 
ATOM   781  O  O   . GLU A 1 108 ? -2.519  -10.093 -7.702  1.00 23.36 ? 108 GLU A O   1 
ATOM   782  C  CB  . GLU A 1 108 ? -4.685  -11.549 -9.699  1.00 26.27 ? 108 GLU A CB  1 
ATOM   783  C  CG  . GLU A 1 108 ? -5.962  -11.396 -10.508 1.00 28.29 ? 108 GLU A CG  1 
ATOM   784  C  CD  . GLU A 1 108 ? -5.895  -12.151 -11.821 1.00 27.65 ? 108 GLU A CD  1 
ATOM   785  O  OE1 . GLU A 1 108 ? -4.864  -12.039 -12.516 1.00 26.12 ? 108 GLU A OE1 1 
ATOM   786  O  OE2 . GLU A 1 108 ? -6.873  -12.856 -12.165 1.00 28.21 ? 108 GLU A OE2 1 
ATOM   787  N  N   . VAL A 1 109 ? -3.012  -12.233 -7.203  1.00 24.45 ? 109 VAL A N   1 
ATOM   788  C  CA  . VAL A 1 109 ? -1.712  -12.529 -6.634  1.00 24.28 ? 109 VAL A CA  1 
ATOM   789  C  C   . VAL A 1 109 ? -1.402  -13.984 -6.932  1.00 25.06 ? 109 VAL A C   1 
ATOM   790  O  O   . VAL A 1 109 ? -2.302  -14.819 -6.984  1.00 27.15 ? 109 VAL A O   1 
ATOM   791  C  CB  . VAL A 1 109 ? -1.683  -12.294 -5.103  1.00 23.70 ? 109 VAL A CB  1 
ATOM   792  C  CG1 . VAL A 1 109 ? -2.588  -13.286 -4.389  1.00 24.11 ? 109 VAL A CG1 1 
ATOM   793  C  CG2 . VAL A 1 109 ? -0.254  -12.407 -4.596  1.00 24.20 ? 109 VAL A CG2 1 
ATOM   794  N  N   . GLN A 1 110 ? -0.130  -14.287 -7.165  1.00 26.02 ? 110 GLN A N   1 
ATOM   795  C  CA  . GLN A 1 110 ? 0.284   -15.651 -7.437  1.00 23.66 ? 110 GLN A CA  1 
ATOM   796  C  C   . GLN A 1 110 ? 0.200   -16.480 -6.166  1.00 24.10 ? 110 GLN A C   1 
ATOM   797  O  O   . GLN A 1 110 ? 0.733   -16.090 -5.124  1.00 21.39 ? 110 GLN A O   1 
ATOM   798  C  CB  . GLN A 1 110 ? 1.701   -15.661 -7.994  1.00 26.39 ? 110 GLN A CB  1 
ATOM   799  C  CG  . GLN A 1 110 ? 1.737   -15.347 -9.485  1.00 28.10 ? 110 GLN A CG  1 
ATOM   800  C  CD  . GLN A 1 110 ? 3.134   -15.311 -10.059 1.00 27.53 ? 110 GLN A CD  1 
ATOM   801  O  OE1 . GLN A 1 110 ? 3.315   -15.472 -11.268 1.00 30.29 ? 110 GLN A OE1 1 
ATOM   802  N  NE2 . GLN A 1 110 ? 4.127   -15.085 -9.208  1.00 22.93 ? 110 GLN A NE2 1 
ATOM   803  N  N   . LYS A 1 111 ? -0.480  -17.623 -6.254  1.00 22.57 ? 111 LYS A N   1 
ATOM   804  C  CA  . LYS A 1 111 ? -0.656  -18.503 -5.103  1.00 21.73 ? 111 LYS A CA  1 
ATOM   805  C  C   . LYS A 1 111 ? 0.639   -18.865 -4.402  1.00 19.64 ? 111 LYS A C   1 
ATOM   806  O  O   . LYS A 1 111 ? 0.722   -18.837 -3.159  1.00 15.15 ? 111 LYS A O   1 
ATOM   807  C  CB  . LYS A 1 111 ? -1.340  -19.804 -5.516  1.00 26.20 ? 111 LYS A CB  1 
ATOM   808  C  CG  . LYS A 1 111 ? -2.815  -19.680 -5.833  1.00 29.68 ? 111 LYS A CG  1 
ATOM   809  C  CD  . LYS A 1 111 ? -3.431  -21.058 -6.023  1.00 32.37 ? 111 LYS A CD  1 
ATOM   810  C  CE  . LYS A 1 111 ? -4.934  -20.951 -6.237  1.00 35.25 ? 111 LYS A CE  1 
ATOM   811  N  NZ  . LYS A 1 111 ? -5.534  -22.298 -6.458  1.00 36.69 ? 111 LYS A NZ  1 
ATOM   812  N  N   . ARG A 1 112 ? 1.638   -19.213 -5.207  1.00 17.96 ? 112 ARG A N   1 
ATOM   813  C  CA  . ARG A 1 112 ? 2.934   -19.632 -4.689  1.00 19.13 ? 112 ARG A CA  1 
ATOM   814  C  C   . ARG A 1 112 ? 3.735   -18.584 -3.916  1.00 18.58 ? 112 ARG A C   1 
ATOM   815  O  O   . ARG A 1 112 ? 4.627   -18.944 -3.144  1.00 20.12 ? 112 ARG A O   1 
ATOM   816  C  CB  . ARG A 1 112 ? 3.802   -20.177 -5.830  1.00 18.62 ? 112 ARG A CB  1 
ATOM   817  C  CG  . ARG A 1 112 ? 4.438   -19.116 -6.759  1.00 18.45 ? 112 ARG A CG  1 
ATOM   818  C  CD  . ARG A 1 112 ? 5.526   -19.798 -7.596  1.00 19.17 ? 112 ARG A CD  1 
ATOM   819  N  NE  . ARG A 1 112 ? 6.265   -18.893 -8.468  1.00 20.12 ? 112 ARG A NE  1 
ATOM   820  C  CZ  . ARG A 1 112 ? 5.843   -18.469 -9.656  1.00 21.83 ? 112 ARG A CZ  1 
ATOM   821  N  NH1 . ARG A 1 112 ? 4.671   -18.862 -10.138 1.00 24.95 ? 112 ARG A NH1 1 
ATOM   822  N  NH2 . ARG A 1 112 ? 6.602   -17.651 -10.369 1.00 23.77 ? 112 ARG A NH2 1 
ATOM   823  N  N   . GLN A 1 113 ? 3.434   -17.304 -4.112  1.00 18.74 ? 113 GLN A N   1 
ATOM   824  C  CA  . GLN A 1 113 ? 4.191   -16.246 -3.441  1.00 19.30 ? 113 GLN A CA  1 
ATOM   825  C  C   . GLN A 1 113 ? 3.832   -15.987 -1.976  1.00 21.15 ? 113 GLN A C   1 
ATOM   826  O  O   . GLN A 1 113 ? 4.599   -15.328 -1.272  1.00 19.41 ? 113 GLN A O   1 
ATOM   827  C  CB  . GLN A 1 113 ? 4.070   -14.923 -4.207  1.00 19.52 ? 113 GLN A CB  1 
ATOM   828  C  CG  . GLN A 1 113 ? 4.466   -14.976 -5.689  1.00 21.83 ? 113 GLN A CG  1 
ATOM   829  C  CD  . GLN A 1 113 ? 5.932   -15.312 -5.928  1.00 23.52 ? 113 GLN A CD  1 
ATOM   830  O  OE1 . GLN A 1 113 ? 6.748   -15.335 -5.000  1.00 24.11 ? 113 GLN A OE1 1 
ATOM   831  N  NE2 . GLN A 1 113 ? 6.274   -15.557 -7.185  1.00 22.73 ? 113 GLN A NE2 1 
ATOM   832  N  N   . LEU A 1 114 ? 2.682   -16.487 -1.519  1.00 19.16 ? 114 LEU A N   1 
ATOM   833  C  CA  . LEU A 1 114 ? 2.253   -16.256 -0.139  1.00 19.58 ? 114 LEU A CA  1 
ATOM   834  C  C   . LEU A 1 114 ? 1.678   -17.514 0.523   1.00 19.57 ? 114 LEU A C   1 
ATOM   835  O  O   . LEU A 1 114 ? 1.144   -18.392 -0.151  1.00 21.24 ? 114 LEU A O   1 
ATOM   836  C  CB  . LEU A 1 114 ? 1.215   -15.124 -0.102  1.00 20.84 ? 114 LEU A CB  1 
ATOM   837  C  CG  . LEU A 1 114 ? 1.663   -13.775 -0.698  1.00 22.95 ? 114 LEU A CG  1 
ATOM   838  C  CD1 . LEU A 1 114 ? 0.456   -12.875 -0.869  1.00 22.25 ? 114 LEU A CD1 1 
ATOM   839  C  CD2 . LEU A 1 114 ? 2.708   -13.105 0.191   1.00 21.73 ? 114 LEU A CD2 1 
ATOM   840  N  N   . GLY A 1 115 ? 1.798   -17.592 1.845   1.00 19.51 ? 115 GLY A N   1 
ATOM   841  C  CA  . GLY A 1 115 ? 1.305   -18.750 2.568   1.00 19.31 ? 115 GLY A CA  1 
ATOM   842  C  C   . GLY A 1 115 ? 1.227   -18.512 4.067   1.00 18.79 ? 115 GLY A C   1 
ATOM   843  O  O   . GLY A 1 115 ? 1.522   -17.425 4.538   1.00 18.98 ? 115 GLY A O   1 
ATOM   844  N  N   . PRO A 1 116 ? 0.832   -19.524 4.848   1.00 22.21 ? 116 PRO A N   1 
ATOM   845  C  CA  . PRO A 1 116 ? 0.722   -19.398 6.307   1.00 20.80 ? 116 PRO A CA  1 
ATOM   846  C  C   . PRO A 1 116 ? 1.972   -18.988 7.081   1.00 22.12 ? 116 PRO A C   1 
ATOM   847  O  O   . PRO A 1 116 ? 1.862   -18.446 8.173   1.00 21.17 ? 116 PRO A O   1 
ATOM   848  C  CB  . PRO A 1 116 ? 0.191   -20.774 6.744   1.00 22.38 ? 116 PRO A CB  1 
ATOM   849  C  CG  . PRO A 1 116 ? 0.590   -21.688 5.625   1.00 22.22 ? 116 PRO A CG  1 
ATOM   850  C  CD  . PRO A 1 116 ? 0.366   -20.846 4.395   1.00 20.51 ? 116 PRO A CD  1 
ATOM   851  N  N   . HIS A 1 117 ? 3.160   -19.251 6.540   1.00 22.44 ? 117 HIS A N   1 
ATOM   852  C  CA  . HIS A 1 117 ? 4.393   -18.876 7.234   1.00 21.63 ? 117 HIS A CA  1 
ATOM   853  C  C   . HIS A 1 117 ? 4.723   -17.395 7.112   1.00 21.64 ? 117 HIS A C   1 
ATOM   854  O  O   . HIS A 1 117 ? 5.556   -16.892 7.841   1.00 23.77 ? 117 HIS A O   1 
ATOM   855  C  CB  . HIS A 1 117 ? 5.586   -19.675 6.699   1.00 22.69 ? 117 HIS A CB  1 
ATOM   856  C  CG  . HIS A 1 117 ? 5.417   -21.157 6.824   1.00 24.97 ? 117 HIS A CG  1 
ATOM   857  N  ND1 . HIS A 1 117 ? 5.350   -21.799 8.042   1.00 23.34 ? 117 HIS A ND1 1 
ATOM   858  C  CD2 . HIS A 1 117 ? 5.236   -22.113 5.883   1.00 23.54 ? 117 HIS A CD2 1 
ATOM   859  C  CE1 . HIS A 1 117 ? 5.130   -23.086 7.846   1.00 26.37 ? 117 HIS A CE1 1 
ATOM   860  N  NE2 . HIS A 1 117 ? 5.057   -23.303 6.544   1.00 25.75 ? 117 HIS A NE2 1 
ATOM   861  N  N   . ASP A 1 118 ? 4.064   -16.694 6.203   1.00 21.24 ? 118 ASP A N   1 
ATOM   862  C  CA  . ASP A 1 118 ? 4.350   -15.280 5.995   1.00 21.07 ? 118 ASP A CA  1 
ATOM   863  C  C   . ASP A 1 118 ? 3.747   -14.254 6.945   1.00 21.40 ? 118 ASP A C   1 
ATOM   864  O  O   . ASP A 1 118 ? 2.642   -14.422 7.464   1.00 21.08 ? 118 ASP A O   1 
ATOM   865  C  CB  . ASP A 1 118 ? 3.965   -14.898 4.566   1.00 20.28 ? 118 ASP A CB  1 
ATOM   866  C  CG  . ASP A 1 118 ? 4.851   -15.573 3.536   1.00 21.15 ? 118 ASP A CG  1 
ATOM   867  O  OD1 . ASP A 1 118 ? 6.070   -15.326 3.584   1.00 21.52 ? 118 ASP A OD1 1 
ATOM   868  O  OD2 . ASP A 1 118 ? 4.337   -16.345 2.697   1.00 18.42 ? 118 ASP A OD2 1 
ATOM   869  N  N   . VAL A 1 119 ? 4.512   -13.189 7.160   1.00 20.35 ? 119 VAL A N   1 
ATOM   870  C  CA  . VAL A 1 119 ? 4.098   -12.051 7.965   1.00 20.36 ? 119 VAL A CA  1 
ATOM   871  C  C   . VAL A 1 119 ? 4.202   -10.950 6.908   1.00 19.62 ? 119 VAL A C   1 
ATOM   872  O  O   . VAL A 1 119 ? 5.303   -10.562 6.481   1.00 19.42 ? 119 VAL A O   1 
ATOM   873  C  CB  . VAL A 1 119 ? 5.073   -11.789 9.118   1.00 19.50 ? 119 VAL A CB  1 
ATOM   874  C  CG1 . VAL A 1 119 ? 4.584   -10.617 9.955   1.00 21.65 ? 119 VAL A CG1 1 
ATOM   875  C  CG2 . VAL A 1 119 ? 5.191   -13.038 9.963   1.00 22.53 ? 119 VAL A CG2 1 
ATOM   876  N  N   . VAL A 1 120 ? 3.051   -10.463 6.475   1.00 17.30 ? 120 VAL A N   1 
ATOM   877  C  CA  . VAL A 1 120 ? 3.009   -9.493  5.406   1.00 17.52 ? 120 VAL A CA  1 
ATOM   878  C  C   . VAL A 1 120 ? 2.865   -8.022  5.710   1.00 19.08 ? 120 VAL A C   1 
ATOM   879  O  O   . VAL A 1 120 ? 2.070   -7.605  6.562   1.00 18.08 ? 120 VAL A O   1 
ATOM   880  C  CB  . VAL A 1 120 ? 1.901   -9.862  4.416   1.00 17.31 ? 120 VAL A CB  1 
ATOM   881  C  CG1 . VAL A 1 120 ? 1.636   -8.712  3.452   1.00 19.50 ? 120 VAL A CG1 1 
ATOM   882  C  CG2 . VAL A 1 120 ? 2.294   -11.112 3.657   1.00 20.02 ? 120 VAL A CG2 1 
ATOM   883  N  N   . LEU A 1 121 ? 3.655   -7.232  4.995   1.00 18.31 ? 121 LEU A N   1 
ATOM   884  C  CA  . LEU A 1 121 ? 3.554   -5.786  5.102   1.00 19.48 ? 121 LEU A CA  1 
ATOM   885  C  C   . LEU A 1 121 ? 2.926   -5.368  3.787   1.00 19.81 ? 121 LEU A C   1 
ATOM   886  O  O   . LEU A 1 121 ? 3.602   -5.310  2.755   1.00 19.63 ? 121 LEU A O   1 
ATOM   887  C  CB  . LEU A 1 121 ? 4.921   -5.122  5.264   1.00 19.88 ? 121 LEU A CB  1 
ATOM   888  C  CG  . LEU A 1 121 ? 4.884   -3.586  5.236   1.00 22.09 ? 121 LEU A CG  1 
ATOM   889  C  CD1 . LEU A 1 121 ? 3.781   -3.065  6.190   1.00 24.92 ? 121 LEU A CD1 1 
ATOM   890  C  CD2 . LEU A 1 121 ? 6.263   -3.028  5.627   1.00 20.05 ? 121 LEU A CD2 1 
ATOM   891  N  N   . LEU A 1 122 ? 1.614   -5.139  3.821   1.00 20.68 ? 122 LEU A N   1 
ATOM   892  C  CA  . LEU A 1 122 ? 0.874   -4.710  2.644   1.00 20.99 ? 122 LEU A CA  1 
ATOM   893  C  C   . LEU A 1 122 ? 1.168   -3.242  2.516   1.00 20.99 ? 122 LEU A C   1 
ATOM   894  O  O   . LEU A 1 122 ? 0.971   -2.473  3.466   1.00 22.41 ? 122 LEU A O   1 
ATOM   895  C  CB  . LEU A 1 122 ? -0.635  -4.875  2.838   1.00 21.98 ? 122 LEU A CB  1 
ATOM   896  C  CG  . LEU A 1 122 ? -1.406  -5.915  2.040   1.00 25.51 ? 122 LEU A CG  1 
ATOM   897  C  CD1 . LEU A 1 122 ? -2.859  -5.859  2.515   1.00 25.48 ? 122 LEU A CD1 1 
ATOM   898  C  CD2 . LEU A 1 122 ? -1.312  -5.654  0.528   1.00 20.77 ? 122 LEU A CD2 1 
ATOM   899  N  N   . HIS A 1 123 ? 1.654   -2.844  1.353   1.00 17.80 ? 123 HIS A N   1 
ATOM   900  C  CA  . HIS A 1 123 ? 1.940   -1.448  1.163   1.00 16.42 ? 123 HIS A CA  1 
ATOM   901  C  C   . HIS A 1 123 ? 1.295   -0.854  -0.073  1.00 17.09 ? 123 HIS A C   1 
ATOM   902  O  O   . HIS A 1 123 ? 1.273   -1.469  -1.147  1.00 18.20 ? 123 HIS A O   1 
ATOM   903  C  CB  . HIS A 1 123 ? 3.446   -1.218  1.095   1.00 16.10 ? 123 HIS A CB  1 
ATOM   904  C  CG  . HIS A 1 123 ? 3.807   0.149   0.611   1.00 15.61 ? 123 HIS A CG  1 
ATOM   905  N  ND1 . HIS A 1 123 ? 3.856   0.470   -0.728  1.00 15.76 ? 123 HIS A ND1 1 
ATOM   906  C  CD2 . HIS A 1 123 ? 4.041   1.297   1.285   1.00 16.81 ? 123 HIS A CD2 1 
ATOM   907  C  CE1 . HIS A 1 123 ? 4.100   1.764   -0.858  1.00 15.51 ? 123 HIS A CE1 1 
ATOM   908  N  NE2 . HIS A 1 123 ? 4.217   2.289   0.347   1.00 19.09 ? 123 HIS A NE2 1 
ATOM   909  N  N   . ASP A 1 124 ? 0.776   0.354   0.087   1.00 15.83 ? 124 ASP A N   1 
ATOM   910  C  CA  . ASP A 1 124 ? 0.193   1.082   -1.023  1.00 18.64 ? 124 ASP A CA  1 
ATOM   911  C  C   . ASP A 1 124 ? 0.514   2.551   -0.780  1.00 17.57 ? 124 ASP A C   1 
ATOM   912  O  O   . ASP A 1 124 ? 0.830   2.959   0.354   1.00 20.61 ? 124 ASP A O   1 
ATOM   913  C  CB  . ASP A 1 124 ? -1.323  0.863   -1.135  1.00 19.79 ? 124 ASP A CB  1 
ATOM   914  C  CG  . ASP A 1 124 ? -1.819  0.986   -2.577  1.00 20.27 ? 124 ASP A CG  1 
ATOM   915  O  OD1 . ASP A 1 124 ? -1.045  1.447   -3.441  1.00 24.32 ? 124 ASP A OD1 1 
ATOM   916  O  OD2 . ASP A 1 124 ? -2.975  0.619   -2.861  1.00 23.21 ? 124 ASP A OD2 1 
ATOM   917  N  N   . ASP A 1 125 ? 0.451   3.356   -1.825  1.00 18.08 ? 125 ASP A N   1 
ATOM   918  C  CA  . ASP A 1 125 ? 0.791   4.763   -1.662  1.00 19.69 ? 125 ASP A CA  1 
ATOM   919  C  C   . ASP A 1 125 ? -0.246  5.633   -0.940  1.00 20.91 ? 125 ASP A C   1 
ATOM   920  O  O   . ASP A 1 125 ? 0.102   6.399   -0.050  1.00 19.82 ? 125 ASP A O   1 
ATOM   921  C  CB  . ASP A 1 125 ? 1.126   5.395   -3.013  1.00 21.18 ? 125 ASP A CB  1 
ATOM   922  C  CG  . ASP A 1 125 ? -0.054  5.417   -3.966  1.00 25.16 ? 125 ASP A CG  1 
ATOM   923  O  OD1 . ASP A 1 125 ? -0.089  6.328   -4.824  1.00 27.77 ? 125 ASP A OD1 1 
ATOM   924  O  OD2 . ASP A 1 125 ? -0.928  4.531   -3.881  1.00 25.58 ? 125 ASP A OD2 1 
ATOM   925  N  N   . VAL A 1 126 ? -1.513  5.497   -1.319  1.00 20.31 ? 126 VAL A N   1 
ATOM   926  C  CA  . VAL A 1 126 ? -2.571  6.312   -0.742  1.00 22.66 ? 126 VAL A CA  1 
ATOM   927  C  C   . VAL A 1 126 ? -3.756  5.504   -0.204  1.00 24.17 ? 126 VAL A C   1 
ATOM   928  O  O   . VAL A 1 126 ? -4.245  4.573   -0.860  1.00 23.74 ? 126 VAL A O   1 
ATOM   929  C  CB  . VAL A 1 126 ? -3.139  7.302   -1.807  1.00 22.71 ? 126 VAL A CB  1 
ATOM   930  C  CG1 . VAL A 1 126 ? -4.352  8.043   -1.251  1.00 23.37 ? 126 VAL A CG1 1 
ATOM   931  C  CG2 . VAL A 1 126 ? -2.080  8.293   -2.230  1.00 22.72 ? 126 VAL A CG2 1 
ATOM   932  N  N   . LEU A 1 127 ? -4.210  5.862   0.992   1.00 25.83 ? 127 LEU A N   1 
ATOM   933  C  CA  . LEU A 1 127 ? -5.382  5.229   1.580   1.00 26.76 ? 127 LEU A CA  1 
ATOM   934  C  C   . LEU A 1 127 ? -6.514  6.240   1.409   1.00 28.90 ? 127 LEU A C   1 
ATOM   935  O  O   . LEU A 1 127 ? -6.508  7.302   2.039   1.00 29.50 ? 127 LEU A O   1 
ATOM   936  C  CB  . LEU A 1 127 ? -5.173  4.934   3.071   1.00 26.44 ? 127 LEU A CB  1 
ATOM   937  C  CG  . LEU A 1 127 ? -6.418  4.589   3.919   1.00 26.24 ? 127 LEU A CG  1 
ATOM   938  C  CD1 . LEU A 1 127 ? -7.184  3.437   3.288   1.00 25.65 ? 127 LEU A CD1 1 
ATOM   939  C  CD2 . LEU A 1 127 ? -6.000  4.239   5.348   1.00 24.65 ? 127 LEU A CD2 1 
ATOM   940  N  N   . ALA A 1 128 ? -7.460  5.927   0.528   1.00 30.20 ? 128 ALA A N   1 
ATOM   941  C  CA  . ALA A 1 128 ? -8.609  6.801   0.302   1.00 30.83 ? 128 ALA A CA  1 
ATOM   942  C  C   . ALA A 1 128 ? -9.782  6.155   1.025   1.00 30.88 ? 128 ALA A C   1 
ATOM   943  O  O   . ALA A 1 128 ? -9.869  6.232   2.249   1.00 30.77 ? 128 ALA A O   1 
ATOM   944  C  CB  . ALA A 1 128 ? -8.902  6.928   -1.187  1.00 28.40 ? 128 ALA A CB  1 
ATOM   945  N  N   . THR A 1 129 ? -10.661 5.495   0.277   1.00 33.02 ? 129 THR A N   1 
ATOM   946  C  CA  . THR A 1 129 ? -11.823 4.835   0.875   1.00 34.73 ? 129 THR A CA  1 
ATOM   947  C  C   . THR A 1 129 ? -11.402 3.591   1.650   1.00 35.55 ? 129 THR A C   1 
ATOM   948  O  O   . THR A 1 129 ? -11.951 3.296   2.718   1.00 36.79 ? 129 THR A O   1 
ATOM   949  C  CB  . THR A 1 129 ? -12.845 4.398   -0.194  1.00 35.16 ? 129 THR A CB  1 
ATOM   950  O  OG1 . THR A 1 129 ? -12.303 3.318   -0.963  1.00 34.48 ? 129 THR A OG1 1 
ATOM   951  C  CG2 . THR A 1 129 ? -13.173 5.558   -1.128  1.00 35.58 ? 129 THR A CG2 1 
ATOM   952  N  N   . GLY A 1 130 ? -10.431 2.861   1.105   1.00 35.09 ? 130 GLY A N   1 
ATOM   953  C  CA  . GLY A 1 130 ? -9.954  1.661   1.764   1.00 33.62 ? 130 GLY A CA  1 
ATOM   954  C  C   . GLY A 1 130 ? -10.364 0.395   1.042   1.00 34.05 ? 130 GLY A C   1 
ATOM   955  O  O   . GLY A 1 130 ? -10.079 -0.709  1.511   1.00 33.69 ? 130 GLY A O   1 
ATOM   956  N  N   . GLY A 1 131 ? -11.028 0.552   -0.103  1.00 33.86 ? 131 GLY A N   1 
ATOM   957  C  CA  . GLY A 1 131 ? -11.466 -0.592  -0.884  1.00 32.46 ? 131 GLY A CA  1 
ATOM   958  C  C   . GLY A 1 131 ? -10.340 -1.420  -1.478  1.00 33.15 ? 131 GLY A C   1 
ATOM   959  O  O   . GLY A 1 131 ? -10.390 -2.653  -1.465  1.00 29.27 ? 131 GLY A O   1 
ATOM   960  N  N   . THR A 1 132 ? -9.314  -0.761  -2.011  1.00 33.21 ? 132 THR A N   1 
ATOM   961  C  CA  . THR A 1 132 ? -8.193  -1.500  -2.590  1.00 31.42 ? 132 THR A CA  1 
ATOM   962  C  C   . THR A 1 132 ? -7.491  -2.333  -1.521  1.00 30.81 ? 132 THR A C   1 
ATOM   963  O  O   . THR A 1 132 ? -7.153  -3.500  -1.747  1.00 32.14 ? 132 THR A O   1 
ATOM   964  C  CB  . THR A 1 132 ? -7.152  -0.553  -3.244  1.00 32.18 ? 132 THR A CB  1 
ATOM   965  O  OG1 . THR A 1 132 ? -7.762  0.161   -4.325  1.00 31.00 ? 132 THR A OG1 1 
ATOM   966  C  CG2 . THR A 1 132 ? -5.965  -1.357  -3.792  1.00 30.93 ? 132 THR A CG2 1 
ATOM   967  N  N   . LEU A 1 133 ? -7.275  -1.739  -0.354  1.00 29.31 ? 133 LEU A N   1 
ATOM   968  C  CA  . LEU A 1 133 ? -6.603  -2.447  0.720   1.00 28.85 ? 133 LEU A CA  1 
ATOM   969  C  C   . LEU A 1 133 ? -7.458  -3.554  1.331   1.00 29.75 ? 133 LEU A C   1 
ATOM   970  O  O   . LEU A 1 133 ? -6.951  -4.633  1.651   1.00 27.04 ? 133 LEU A O   1 
ATOM   971  C  CB  . LEU A 1 133 ? -6.142  -1.464  1.799   1.00 24.88 ? 133 LEU A CB  1 
ATOM   972  C  CG  . LEU A 1 133 ? -4.767  -0.822  1.548   1.00 24.46 ? 133 LEU A CG  1 
ATOM   973  C  CD1 . LEU A 1 133 ? -4.562  0.342   2.494   1.00 21.24 ? 133 LEU A CD1 1 
ATOM   974  C  CD2 . LEU A 1 133 ? -3.656  -1.865  1.742   1.00 22.35 ? 133 LEU A CD2 1 
ATOM   975  N  N   . LEU A 1 134 ? -8.753  -3.303  1.484   1.00 30.11 ? 134 LEU A N   1 
ATOM   976  C  CA  . LEU A 1 134 ? -9.619  -4.321  2.059   1.00 31.73 ? 134 LEU A CA  1 
ATOM   977  C  C   . LEU A 1 134 ? -9.601  -5.519  1.123   1.00 32.33 ? 134 LEU A C   1 
ATOM   978  O  O   . LEU A 1 134 ? -9.510  -6.661  1.561   1.00 33.80 ? 134 LEU A O   1 
ATOM   979  C  CB  . LEU A 1 134 ? -11.048 -3.805  2.209   1.00 33.02 ? 134 LEU A CB  1 
ATOM   980  C  CG  . LEU A 1 134 ? -11.943 -4.691  3.076   1.00 31.67 ? 134 LEU A CG  1 
ATOM   981  C  CD1 . LEU A 1 134 ? -11.538 -4.550  4.539   1.00 32.42 ? 134 LEU A CD1 1 
ATOM   982  C  CD2 . LEU A 1 134 ? -13.400 -4.273  2.879   1.00 34.90 ? 134 LEU A CD2 1 
ATOM   983  N  N   . ALA A 1 135 ? -9.678  -5.245  -0.174  1.00 31.84 ? 135 ALA A N   1 
ATOM   984  C  CA  . ALA A 1 135 ? -9.649  -6.301  -1.170  1.00 32.21 ? 135 ALA A CA  1 
ATOM   985  C  C   . ALA A 1 135 ? -8.280  -6.986  -1.133  1.00 32.83 ? 135 ALA A C   1 
ATOM   986  O  O   . ALA A 1 135 ? -8.165  -8.190  -1.387  1.00 31.98 ? 135 ALA A O   1 
ATOM   987  C  CB  . ALA A 1 135 ? -9.895  -5.719  -2.545  1.00 32.40 ? 135 ALA A CB  1 
ATOM   988  N  N   . ALA A 1 136 ? -7.248  -6.207  -0.817  1.00 31.34 ? 136 ALA A N   1 
ATOM   989  C  CA  . ALA A 1 136 ? -5.887  -6.718  -0.752  1.00 30.24 ? 136 ALA A CA  1 
ATOM   990  C  C   . ALA A 1 136 ? -5.724  -7.675  0.415   1.00 28.64 ? 136 ALA A C   1 
ATOM   991  O  O   . ALA A 1 136 ? -5.050  -8.699  0.292   1.00 27.60 ? 136 ALA A O   1 
ATOM   992  C  CB  . ALA A 1 136 ? -4.896  -5.560  -0.634  1.00 26.13 ? 136 ALA A CB  1 
ATOM   993  N  N   . ILE A 1 137 ? -6.330  -7.330  1.547   1.00 29.39 ? 137 ILE A N   1 
ATOM   994  C  CA  . ILE A 1 137 ? -6.269  -8.179  2.730   1.00 30.35 ? 137 ILE A CA  1 
ATOM   995  C  C   . ILE A 1 137 ? -6.948  -9.516  2.424   1.00 30.59 ? 137 ILE A C   1 
ATOM   996  O  O   . ILE A 1 137 ? -6.470  -10.575 2.834   1.00 29.60 ? 137 ILE A O   1 
ATOM   997  C  CB  . ILE A 1 137 ? -6.965  -7.509  3.949   1.00 30.63 ? 137 ILE A CB  1 
ATOM   998  C  CG1 . ILE A 1 137 ? -6.335  -6.137  4.219   1.00 31.87 ? 137 ILE A CG1 1 
ATOM   999  C  CG2 . ILE A 1 137 ? -6.805  -8.382  5.199   1.00 29.10 ? 137 ILE A CG2 1 
ATOM   1000 C  CD1 . ILE A 1 137 ? -7.031  -5.327  5.304   1.00 30.30 ? 137 ILE A CD1 1 
ATOM   1001 N  N   . GLU A 1 138 ? -8.057  -9.471  1.691   1.00 32.15 ? 138 GLU A N   1 
ATOM   1002 C  CA  . GLU A 1 138 ? -8.770  -10.696 1.341   1.00 33.33 ? 138 GLU A CA  1 
ATOM   1003 C  C   . GLU A 1 138 ? -7.891  -11.585 0.465   1.00 31.48 ? 138 GLU A C   1 
ATOM   1004 O  O   . GLU A 1 138 ? -7.857  -12.813 0.628   1.00 30.15 ? 138 GLU A O   1 
ATOM   1005 C  CB  . GLU A 1 138 ? -10.057 -10.379 0.582   1.00 36.20 ? 138 GLU A CB  1 
ATOM   1006 C  CG  . GLU A 1 138 ? -10.975 -9.385  1.268   1.00 42.65 ? 138 GLU A CG  1 
ATOM   1007 C  CD  . GLU A 1 138 ? -12.331 -9.246  0.565   1.00 46.80 ? 138 GLU A CD  1 
ATOM   1008 O  OE1 . GLU A 1 138 ? -13.007 -8.212  0.789   1.00 46.97 ? 138 GLU A OE1 1 
ATOM   1009 O  OE2 . GLU A 1 138 ? -12.720 -10.173 -0.196  1.00 46.64 ? 138 GLU A OE2 1 
ATOM   1010 N  N   . LEU A 1 139 ? -7.193  -10.963 -0.477  1.00 30.08 ? 139 LEU A N   1 
ATOM   1011 C  CA  . LEU A 1 139 ? -6.322  -11.711 -1.366  1.00 29.09 ? 139 LEU A CA  1 
ATOM   1012 C  C   . LEU A 1 139 ? -5.265  -12.457 -0.570  1.00 28.05 ? 139 LEU A C   1 
ATOM   1013 O  O   . LEU A 1 139 ? -5.061  -13.656 -0.779  1.00 25.76 ? 139 LEU A O   1 
ATOM   1014 C  CB  . LEU A 1 139 ? -5.629  -10.794 -2.382  1.00 29.64 ? 139 LEU A CB  1 
ATOM   1015 C  CG  . LEU A 1 139 ? -6.206  -10.759 -3.800  1.00 32.49 ? 139 LEU A CG  1 
ATOM   1016 C  CD1 . LEU A 1 139 ? -5.316  -9.917  -4.703  1.00 33.44 ? 139 LEU A CD1 1 
ATOM   1017 C  CD2 . LEU A 1 139 ? -6.305  -12.164 -4.348  1.00 32.73 ? 139 LEU A CD2 1 
ATOM   1018 N  N   . CYS A 1 140 ? -4.594  -11.750 0.338   1.00 25.26 ? 140 CYS A N   1 
ATOM   1019 C  CA  . CYS A 1 140 ? -3.548  -12.383 1.128   1.00 23.68 ? 140 CYS A CA  1 
ATOM   1020 C  C   . CYS A 1 140 ? -4.117  -13.515 1.958   1.00 23.33 ? 140 CYS A C   1 
ATOM   1021 O  O   . CYS A 1 140 ? -3.539  -14.594 2.014   1.00 23.70 ? 140 CYS A O   1 
ATOM   1022 C  CB  . CYS A 1 140 ? -2.843  -11.359 2.030   1.00 22.23 ? 140 CYS A CB  1 
ATOM   1023 S  SG  . CYS A 1 140 ? -2.021  -10.037 1.087   1.00 21.49 ? 140 CYS A SG  1 
ATOM   1024 N  N   . GLU A 1 141 ? -5.262  -13.285 2.585   1.00 23.40 ? 141 GLU A N   1 
ATOM   1025 C  CA  . GLU A 1 141 ? -5.864  -14.332 3.398   1.00 23.26 ? 141 GLU A CA  1 
ATOM   1026 C  C   . GLU A 1 141 ? -6.269  -15.548 2.586   1.00 22.78 ? 141 GLU A C   1 
ATOM   1027 O  O   . GLU A 1 141 ? -6.093  -16.682 3.043   1.00 23.08 ? 141 GLU A O   1 
ATOM   1028 C  CB  . GLU A 1 141 ? -7.040  -13.763 4.202   1.00 26.23 ? 141 GLU A CB  1 
ATOM   1029 C  CG  . GLU A 1 141 ? -6.544  -13.047 5.452   1.00 26.25 ? 141 GLU A CG  1 
ATOM   1030 C  CD  . GLU A 1 141 ? -7.520  -12.033 6.026   1.00 30.72 ? 141 GLU A CD  1 
ATOM   1031 O  OE1 . GLU A 1 141 ? -7.164  -11.398 7.043   1.00 28.59 ? 141 GLU A OE1 1 
ATOM   1032 O  OE2 . GLU A 1 141 ? -8.629  -11.865 5.470   1.00 30.41 ? 141 GLU A OE2 1 
ATOM   1033 N  N   . THR A 1 142 ? -6.782  -15.340 1.380   1.00 22.45 ? 142 THR A N   1 
ATOM   1034 C  CA  . THR A 1 142 ? -7.161  -16.481 0.553   1.00 24.65 ? 142 THR A CA  1 
ATOM   1035 C  C   . THR A 1 142 ? -5.916  -17.269 0.136   1.00 26.11 ? 142 THR A C   1 
ATOM   1036 O  O   . THR A 1 142 ? -5.980  -18.480 -0.084  1.00 25.85 ? 142 THR A O   1 
ATOM   1037 C  CB  . THR A 1 142 ? -7.926  -16.043 -0.717  1.00 24.81 ? 142 THR A CB  1 
ATOM   1038 O  OG1 . THR A 1 142 ? -9.107  -15.323 -0.340  1.00 27.62 ? 142 THR A OG1 1 
ATOM   1039 C  CG2 . THR A 1 142 ? -8.335  -17.261 -1.543  1.00 25.76 ? 142 THR A CG2 1 
ATOM   1040 N  N   . ALA A 1 143 ? -4.780  -16.579 0.044   1.00 26.43 ? 143 ALA A N   1 
ATOM   1041 C  CA  . ALA A 1 143 ? -3.521  -17.210 -0.344  1.00 27.28 ? 143 ALA A CA  1 
ATOM   1042 C  C   . ALA A 1 143 ? -2.898  -17.991 0.807   1.00 26.71 ? 143 ALA A C   1 
ATOM   1043 O  O   . ALA A 1 143 ? -1.896  -18.699 0.625   1.00 28.25 ? 143 ALA A O   1 
ATOM   1044 C  CB  . ALA A 1 143 ? -2.544  -16.153 -0.854  1.00 27.78 ? 143 ALA A CB  1 
ATOM   1045 N  N   . GLY A 1 144 ? -3.488  -17.856 1.994   1.00 27.05 ? 144 GLY A N   1 
ATOM   1046 C  CA  . GLY A 1 144 ? -3.003  -18.581 3.155   1.00 24.88 ? 144 GLY A CA  1 
ATOM   1047 C  C   . GLY A 1 144 ? -2.432  -17.789 4.322   1.00 24.03 ? 144 GLY A C   1 
ATOM   1048 O  O   . GLY A 1 144 ? -2.207  -18.367 5.384   1.00 25.36 ? 144 GLY A O   1 
ATOM   1049 N  N   . VAL A 1 145 ? -2.194  -16.492 4.140   1.00 21.69 ? 145 VAL A N   1 
ATOM   1050 C  CA  . VAL A 1 145 ? -1.638  -15.648 5.198   1.00 21.00 ? 145 VAL A CA  1 
ATOM   1051 C  C   . VAL A 1 145 ? -2.626  -15.481 6.337   1.00 21.94 ? 145 VAL A C   1 
ATOM   1052 O  O   . VAL A 1 145 ? -3.793  -15.177 6.102   1.00 21.28 ? 145 VAL A O   1 
ATOM   1053 C  CB  . VAL A 1 145 ? -1.279  -14.234 4.684   1.00 18.88 ? 145 VAL A CB  1 
ATOM   1054 C  CG1 . VAL A 1 145 ? -0.637  -13.416 5.802   1.00 19.58 ? 145 VAL A CG1 1 
ATOM   1055 C  CG2 . VAL A 1 145 ? -0.343  -14.335 3.486   1.00 20.31 ? 145 VAL A CG2 1 
ATOM   1056 N  N   . LYS A 1 146 ? -2.150  -15.653 7.568   1.00 23.25 ? 146 LYS A N   1 
ATOM   1057 C  CA  . LYS A 1 146 ? -3.015  -15.527 8.742   1.00 24.59 ? 146 LYS A CA  1 
ATOM   1058 C  C   . LYS A 1 146 ? -3.377  -14.086 9.047   1.00 25.27 ? 146 LYS A C   1 
ATOM   1059 O  O   . LYS A 1 146 ? -2.519  -13.199 9.020   1.00 25.31 ? 146 LYS A O   1 
ATOM   1060 C  CB  . LYS A 1 146 ? -2.336  -16.136 9.971   1.00 24.26 ? 146 LYS A CB  1 
ATOM   1061 C  CG  . LYS A 1 146 ? -1.935  -17.585 9.824   1.00 25.99 ? 146 LYS A CG  1 
ATOM   1062 C  CD  . LYS A 1 146 ? -1.190  -18.063 11.056  1.00 28.68 ? 146 LYS A CD  1 
ATOM   1063 C  CE  . LYS A 1 146 ? -0.779  -19.523 10.959  1.00 30.54 ? 146 LYS A CE  1 
ATOM   1064 N  NZ  . LYS A 1 146 ? -0.060  -19.946 12.206  1.00 33.39 ? 146 LYS A NZ  1 
ATOM   1065 N  N   . PRO A 1 147 ? -4.657  -13.832 9.371   1.00 26.39 ? 147 PRO A N   1 
ATOM   1066 C  CA  . PRO A 1 147 ? -5.128  -12.484 9.688   1.00 27.10 ? 147 PRO A CA  1 
ATOM   1067 C  C   . PRO A 1 147 ? -4.228  -11.703 10.645  1.00 26.40 ? 147 PRO A C   1 
ATOM   1068 O  O   . PRO A 1 147 ? -3.965  -10.527 10.420  1.00 25.74 ? 147 PRO A O   1 
ATOM   1069 C  CB  . PRO A 1 147 ? -6.520  -12.737 10.277  1.00 27.67 ? 147 PRO A CB  1 
ATOM   1070 C  CG  . PRO A 1 147 ? -7.010  -13.884 9.437   1.00 27.77 ? 147 PRO A CG  1 
ATOM   1071 C  CD  . PRO A 1 147 ? -5.771  -14.799 9.434   1.00 25.18 ? 147 PRO A CD  1 
ATOM   1072 N  N   . GLU A 1 148 ? -3.750  -12.353 11.704  1.00 27.76 ? 148 GLU A N   1 
ATOM   1073 C  CA  . GLU A 1 148 ? -2.901  -11.675 12.685  1.00 28.04 ? 148 GLU A CA  1 
ATOM   1074 C  C   . GLU A 1 148 ? -1.514  -11.344 12.148  1.00 26.36 ? 148 GLU A C   1 
ATOM   1075 O  O   . GLU A 1 148 ? -0.768  -10.602 12.783  1.00 25.45 ? 148 GLU A O   1 
ATOM   1076 C  CB  . GLU A 1 148 ? -2.734  -12.525 13.948  1.00 29.41 ? 148 GLU A CB  1 
ATOM   1077 C  CG  . GLU A 1 148 ? -3.822  -13.540 14.158  1.00 35.84 ? 148 GLU A CG  1 
ATOM   1078 C  CD  . GLU A 1 148 ? -3.616  -14.784 13.321  1.00 34.69 ? 148 GLU A CD  1 
ATOM   1079 O  OE1 . GLU A 1 148 ? -2.739  -15.603 13.669  1.00 38.84 ? 148 GLU A OE1 1 
ATOM   1080 O  OE2 . GLU A 1 148 ? -4.332  -14.944 12.313  1.00 37.01 ? 148 GLU A OE2 1 
ATOM   1081 N  N   . ASN A 1 149 ? -1.179  -11.900 10.989  1.00 26.10 ? 149 ASN A N   1 
ATOM   1082 C  CA  . ASN A 1 149 ? 0.133   -11.687 10.376  1.00 24.32 ? 149 ASN A CA  1 
ATOM   1083 C  C   . ASN A 1 149 ? 0.155   -10.702 9.204   1.00 24.46 ? 149 ASN A C   1 
ATOM   1084 O  O   . ASN A 1 149 ? 1.017   -10.792 8.319   1.00 23.42 ? 149 ASN A O   1 
ATOM   1085 C  CB  . ASN A 1 149 ? 0.725   -13.020 9.916   1.00 24.50 ? 149 ASN A CB  1 
ATOM   1086 C  CG  . ASN A 1 149 ? 1.077   -13.937 11.078  1.00 26.04 ? 149 ASN A CG  1 
ATOM   1087 O  OD1 . ASN A 1 149 ? 1.475   -13.481 12.144  1.00 27.66 ? 149 ASN A OD1 1 
ATOM   1088 N  ND2 . ASN A 1 149 ? 0.954   -15.232 10.864  1.00 22.26 ? 149 ASN A ND2 1 
ATOM   1089 N  N   . ILE A 1 150 ? -0.793  -9.770  9.189   1.00 22.25 ? 150 ILE A N   1 
ATOM   1090 C  CA  . ILE A 1 150 ? -0.832  -8.760  8.149   1.00 20.54 ? 150 ILE A CA  1 
ATOM   1091 C  C   . ILE A 1 150 ? -0.690  -7.389  8.776   1.00 22.72 ? 150 ILE A C   1 
ATOM   1092 O  O   . ILE A 1 150 ? -1.320  -7.078  9.796   1.00 21.50 ? 150 ILE A O   1 
ATOM   1093 C  CB  . ILE A 1 150 ? -2.147  -8.793  7.348   1.00 21.58 ? 150 ILE A CB  1 
ATOM   1094 C  CG1 . ILE A 1 150 ? -2.269  -10.127 6.595   1.00 21.70 ? 150 ILE A CG1 1 
ATOM   1095 C  CG2 . ILE A 1 150 ? -2.198  -7.602  6.398   1.00 22.59 ? 150 ILE A CG2 1 
ATOM   1096 C  CD1 . ILE A 1 150 ? -3.594  -10.326 5.878   1.00 21.27 ? 150 ILE A CD1 1 
ATOM   1097 N  N   . TYR A 1 151 ? 0.170   -6.578  8.177   1.00 20.93 ? 151 TYR A N   1 
ATOM   1098 C  CA  . TYR A 1 151 ? 0.392   -5.225  8.639   1.00 24.31 ? 151 TYR A CA  1 
ATOM   1099 C  C   . TYR A 1 151 ? 0.215   -4.358  7.419   1.00 24.32 ? 151 TYR A C   1 
ATOM   1100 O  O   . TYR A 1 151 ? 0.609   -4.749  6.322   1.00 24.44 ? 151 TYR A O   1 
ATOM   1101 C  CB  . TYR A 1 151 ? 1.809   -5.054  9.183   1.00 24.62 ? 151 TYR A CB  1 
ATOM   1102 C  CG  . TYR A 1 151 ? 2.076   -5.854  10.425  1.00 26.85 ? 151 TYR A CG  1 
ATOM   1103 C  CD1 . TYR A 1 151 ? 2.205   -7.238  10.374  1.00 26.69 ? 151 TYR A CD1 1 
ATOM   1104 C  CD2 . TYR A 1 151 ? 2.174   -5.229  11.659  1.00 28.45 ? 151 TYR A CD2 1 
ATOM   1105 C  CE1 . TYR A 1 151 ? 2.427   -7.988  11.536  1.00 28.91 ? 151 TYR A CE1 1 
ATOM   1106 C  CE2 . TYR A 1 151 ? 2.397   -5.964  12.827  1.00 29.97 ? 151 TYR A CE2 1 
ATOM   1107 C  CZ  . TYR A 1 151 ? 2.524   -7.337  12.759  1.00 29.64 ? 151 TYR A CZ  1 
ATOM   1108 O  OH  . TYR A 1 151 ? 2.763   -8.051  13.916  1.00 31.32 ? 151 TYR A OH  1 
ATOM   1109 N  N   . ILE A 1 152 ? -0.369  -3.183  7.602   1.00 24.69 ? 152 ILE A N   1 
ATOM   1110 C  CA  . ILE A 1 152 ? -0.589  -2.300  6.483   1.00 26.01 ? 152 ILE A CA  1 
ATOM   1111 C  C   . ILE A 1 152 ? 0.139   -0.978  6.605   1.00 25.31 ? 152 ILE A C   1 
ATOM   1112 O  O   . ILE A 1 152 ? 0.172   -0.368  7.670   1.00 26.01 ? 152 ILE A O   1 
ATOM   1113 C  CB  . ILE A 1 152 ? -2.079  -2.023  6.293   1.00 26.33 ? 152 ILE A CB  1 
ATOM   1114 C  CG1 . ILE A 1 152 ? -2.796  -3.342  6.001   1.00 29.46 ? 152 ILE A CG1 1 
ATOM   1115 C  CG2 . ILE A 1 152 ? -2.279  -1.031  5.156   1.00 26.15 ? 152 ILE A CG2 1 
ATOM   1116 C  CD1 . ILE A 1 152 ? -4.280  -3.195  5.775   1.00 29.84 ? 152 ILE A CD1 1 
ATOM   1117 N  N   . ASN A 1 153 ? 0.727   -0.550  5.496   1.00 24.16 ? 153 ASN A N   1 
ATOM   1118 C  CA  . ASN A 1 153 ? 1.439   0.718   5.453   1.00 22.94 ? 153 ASN A CA  1 
ATOM   1119 C  C   . ASN A 1 153 ? 1.097   1.477   4.196   1.00 22.31 ? 153 ASN A C   1 
ATOM   1120 O  O   . ASN A 1 153 ? 1.020   0.897   3.107   1.00 21.79 ? 153 ASN A O   1 
ATOM   1121 C  CB  . ASN A 1 153 ? 2.950   0.513   5.484   1.00 22.89 ? 153 ASN A CB  1 
ATOM   1122 C  CG  . ASN A 1 153 ? 3.718   1.816   5.296   1.00 23.26 ? 153 ASN A CG  1 
ATOM   1123 O  OD1 . ASN A 1 153 ? 3.644   2.720   6.128   1.00 26.84 ? 153 ASN A OD1 1 
ATOM   1124 N  ND2 . ASN A 1 153 ? 4.454   1.919   4.199   1.00 18.65 ? 153 ASN A ND2 1 
ATOM   1125 N  N   . VAL A 1 154 ? 0.879   2.777   4.352   1.00 20.80 ? 154 VAL A N   1 
ATOM   1126 C  CA  . VAL A 1 154 ? 0.599   3.634   3.222   1.00 20.41 ? 154 VAL A CA  1 
ATOM   1127 C  C   . VAL A 1 154 ? 1.417   4.889   3.411   1.00 19.77 ? 154 VAL A C   1 
ATOM   1128 O  O   . VAL A 1 154 ? 1.759   5.277   4.536   1.00 20.06 ? 154 VAL A O   1 
ATOM   1129 C  CB  . VAL A 1 154 ? -0.895  4.013   3.102   1.00 21.86 ? 154 VAL A CB  1 
ATOM   1130 C  CG1 . VAL A 1 154 ? -1.742  2.746   3.057   1.00 20.48 ? 154 VAL A CG1 1 
ATOM   1131 C  CG2 . VAL A 1 154 ? -1.293  4.941   4.249   1.00 20.70 ? 154 VAL A CG2 1 
ATOM   1132 N  N   . LEU A 1 155 ? 1.751   5.515   2.300   1.00 20.75 ? 155 LEU A N   1 
ATOM   1133 C  CA  . LEU A 1 155 ? 2.540   6.730   2.334   1.00 22.75 ? 155 LEU A CA  1 
ATOM   1134 C  C   . LEU A 1 155 ? 1.675   7.894   2.809   1.00 23.49 ? 155 LEU A C   1 
ATOM   1135 O  O   . LEU A 1 155 ? 2.065   8.654   3.700   1.00 25.19 ? 155 LEU A O   1 
ATOM   1136 C  CB  . LEU A 1 155 ? 3.077   7.011   0.929   1.00 23.77 ? 155 LEU A CB  1 
ATOM   1137 C  CG  . LEU A 1 155 ? 3.942   8.246   0.680   1.00 25.00 ? 155 LEU A CG  1 
ATOM   1138 C  CD1 . LEU A 1 155 ? 4.986   8.381   1.753   1.00 22.93 ? 155 LEU A CD1 1 
ATOM   1139 C  CD2 . LEU A 1 155 ? 4.600   8.126   -0.692  1.00 25.35 ? 155 LEU A CD2 1 
ATOM   1140 N  N   . TYR A 1 156 ? 0.478   7.984   2.240   1.00 22.69 ? 156 TYR A N   1 
ATOM   1141 C  CA  . TYR A 1 156 ? -0.440  9.084   2.518   1.00 24.54 ? 156 TYR A CA  1 
ATOM   1142 C  C   . TYR A 1 156 ? -1.846  8.620   2.900   1.00 24.61 ? 156 TYR A C   1 
ATOM   1143 O  O   . TYR A 1 156 ? -2.447  7.813   2.200   1.00 23.56 ? 156 TYR A O   1 
ATOM   1144 C  CB  . TYR A 1 156 ? -0.518  9.953   1.260   1.00 24.79 ? 156 TYR A CB  1 
ATOM   1145 C  CG  . TYR A 1 156 ? -1.219  11.268  1.428   1.00 25.86 ? 156 TYR A CG  1 
ATOM   1146 C  CD1 . TYR A 1 156 ? -0.595  12.331  2.065   1.00 26.31 ? 156 TYR A CD1 1 
ATOM   1147 C  CD2 . TYR A 1 156 ? -2.497  11.464  0.913   1.00 24.72 ? 156 TYR A CD2 1 
ATOM   1148 C  CE1 . TYR A 1 156 ? -1.220  13.568  2.184   1.00 27.79 ? 156 TYR A CE1 1 
ATOM   1149 C  CE2 . TYR A 1 156 ? -3.136  12.695  1.026   1.00 26.59 ? 156 TYR A CE2 1 
ATOM   1150 C  CZ  . TYR A 1 156 ? -2.492  13.742  1.662   1.00 27.71 ? 156 TYR A CZ  1 
ATOM   1151 O  OH  . TYR A 1 156 ? -3.123  14.962  1.799   1.00 28.28 ? 156 TYR A OH  1 
ATOM   1152 N  N   . GLU A 1 157 ? -2.381  9.160   3.991   1.00 25.92 ? 157 GLU A N   1 
ATOM   1153 C  CA  . GLU A 1 157 ? -3.722  8.789   4.430   1.00 27.91 ? 157 GLU A CA  1 
ATOM   1154 C  C   . GLU A 1 157 ? -4.694  9.969   4.379   1.00 29.05 ? 157 GLU A C   1 
ATOM   1155 O  O   . GLU A 1 157 ? -4.479  10.988  5.027   1.00 25.81 ? 157 GLU A O   1 
ATOM   1156 C  CB  . GLU A 1 157 ? -3.686  8.230   5.862   1.00 28.16 ? 157 GLU A CB  1 
ATOM   1157 C  CG  . GLU A 1 157 ? -5.067  7.815   6.395   1.00 29.25 ? 157 GLU A CG  1 
ATOM   1158 C  CD  . GLU A 1 157 ? -5.054  7.363   7.851   1.00 29.12 ? 157 GLU A CD  1 
ATOM   1159 O  OE1 . GLU A 1 157 ? -6.126  6.963   8.343   1.00 30.49 ? 157 GLU A OE1 1 
ATOM   1160 O  OE2 . GLU A 1 157 ? -3.988  7.407   8.504   1.00 32.22 ? 157 GLU A OE2 1 
ATOM   1161 N  N   . ILE A 1 158 ? -5.757  9.827   3.597   1.00 30.84 ? 158 ILE A N   1 
ATOM   1162 C  CA  . ILE A 1 158 ? -6.779  10.867  3.501   1.00 35.08 ? 158 ILE A CA  1 
ATOM   1163 C  C   . ILE A 1 158 ? -7.833  10.554  4.568   1.00 37.23 ? 158 ILE A C   1 
ATOM   1164 O  O   . ILE A 1 158 ? -8.839  9.907   4.282   1.00 37.60 ? 158 ILE A O   1 
ATOM   1165 C  CB  . ILE A 1 158 ? -7.433  10.855  2.116   1.00 35.68 ? 158 ILE A CB  1 
ATOM   1166 C  CG1 . ILE A 1 158 ? -6.361  11.104  1.053   1.00 36.26 ? 158 ILE A CG1 1 
ATOM   1167 C  CG2 . ILE A 1 158 ? -8.526  11.915  2.040   1.00 37.05 ? 158 ILE A CG2 1 
ATOM   1168 C  CD1 . ILE A 1 158 ? -6.825  10.854  -0.358  1.00 37.19 ? 158 ILE A CD1 1 
ATOM   1169 N  N   . GLU A 1 159 ? -7.592  11.002  5.796   1.00 38.86 ? 159 GLU A N   1 
ATOM   1170 C  CA  . GLU A 1 159 ? -8.508  10.730  6.905   1.00 43.48 ? 159 GLU A CA  1 
ATOM   1171 C  C   . GLU A 1 159 ? -9.963  11.104  6.655   1.00 44.36 ? 159 GLU A C   1 
ATOM   1172 O  O   . GLU A 1 159 ? -10.864 10.565  7.299   1.00 44.60 ? 159 GLU A O   1 
ATOM   1173 C  CB  . GLU A 1 159 ? -8.030  11.430  8.182   1.00 44.51 ? 159 GLU A CB  1 
ATOM   1174 C  CG  . GLU A 1 159 ? -6.682  10.942  8.683   1.00 46.04 ? 159 GLU A CG  1 
ATOM   1175 C  CD  . GLU A 1 159 ? -6.195  11.704  9.899   1.00 46.66 ? 159 GLU A CD  1 
ATOM   1176 O  OE1 . GLU A 1 159 ? -6.262  12.953  9.888   1.00 47.39 ? 159 GLU A OE1 1 
ATOM   1177 O  OE2 . GLU A 1 159 ? -5.734  11.052  10.860  1.00 46.30 ? 159 GLU A OE2 1 
ATOM   1178 N  N   . ALA A 1 160 ? -10.193 12.012  5.715   1.00 45.04 ? 160 ALA A N   1 
ATOM   1179 C  CA  . ALA A 1 160 ? -11.546 12.461  5.410   1.00 46.41 ? 160 ALA A CA  1 
ATOM   1180 C  C   . ALA A 1 160 ? -12.495 11.319  5.077   1.00 46.27 ? 160 ALA A C   1 
ATOM   1181 O  O   . ALA A 1 160 ? -13.591 11.232  5.633   1.00 46.52 ? 160 ALA A O   1 
ATOM   1182 C  CB  . ALA A 1 160 ? -11.514 13.464  4.266   1.00 47.42 ? 160 ALA A CB  1 
ATOM   1183 N  N   . LEU A 1 161 ? -12.066 10.435  4.185   1.00 45.46 ? 161 LEU A N   1 
ATOM   1184 C  CA  . LEU A 1 161 ? -12.894 9.315   3.757   1.00 44.36 ? 161 LEU A CA  1 
ATOM   1185 C  C   . LEU A 1 161 ? -12.909 8.135   4.724   1.00 44.62 ? 161 LEU A C   1 
ATOM   1186 O  O   . LEU A 1 161 ? -13.444 7.082   4.402   1.00 45.35 ? 161 LEU A O   1 
ATOM   1187 C  CB  . LEU A 1 161 ? -12.434 8.836   2.380   1.00 44.57 ? 161 LEU A CB  1 
ATOM   1188 C  CG  . LEU A 1 161 ? -12.150 9.924   1.340   1.00 44.68 ? 161 LEU A CG  1 
ATOM   1189 C  CD1 . LEU A 1 161 ? -11.675 9.294   0.035   1.00 43.94 ? 161 LEU A CD1 1 
ATOM   1190 C  CD2 . LEU A 1 161 ? -13.404 10.744  1.115   1.00 45.77 ? 161 LEU A CD2 1 
ATOM   1191 N  N   . LYS A 1 162 ? -12.333 8.312   5.910   1.00 45.54 ? 162 LYS A N   1 
ATOM   1192 C  CA  . LYS A 1 162 ? -12.275 7.255   6.929   1.00 45.77 ? 162 LYS A CA  1 
ATOM   1193 C  C   . LYS A 1 162 ? -12.060 5.828   6.400   1.00 45.01 ? 162 LYS A C   1 
ATOM   1194 O  O   . LYS A 1 162 ? -12.862 4.927   6.643   1.00 44.35 ? 162 LYS A O   1 
ATOM   1195 C  CB  . LYS A 1 162 ? -13.526 7.306   7.828   1.00 47.58 ? 162 LYS A CB  1 
ATOM   1196 C  CG  . LYS A 1 162 ? -14.857 7.522   7.110   1.00 50.42 ? 162 LYS A CG  1 
ATOM   1197 C  CD  . LYS A 1 162 ? -16.004 7.689   8.118   1.00 53.43 ? 162 LYS A CD  1 
ATOM   1198 C  CE  . LYS A 1 162 ? -17.352 7.985   7.441   1.00 53.44 ? 162 LYS A CE  1 
ATOM   1199 N  NZ  . LYS A 1 162 ? -17.813 6.869   6.567   1.00 53.24 ? 162 LYS A NZ  1 
ATOM   1200 N  N   . GLY A 1 163 ? -10.955 5.631   5.686   1.00 43.26 ? 163 GLY A N   1 
ATOM   1201 C  CA  . GLY A 1 163 ? -10.641 4.322   5.145   1.00 39.34 ? 163 GLY A CA  1 
ATOM   1202 C  C   . GLY A 1 163 ? -10.077 3.433   6.230   1.00 38.15 ? 163 GLY A C   1 
ATOM   1203 O  O   . GLY A 1 163 ? -10.212 2.209   6.166   1.00 37.88 ? 163 GLY A O   1 
ATOM   1204 N  N   . ARG A 1 164 ? -9.447  4.044   7.231   1.00 36.94 ? 164 ARG A N   1 
ATOM   1205 C  CA  . ARG A 1 164 ? -8.870  3.291   8.342   1.00 37.01 ? 164 ARG A CA  1 
ATOM   1206 C  C   . ARG A 1 164 ? -9.944  2.464   9.069   1.00 37.08 ? 164 ARG A C   1 
ATOM   1207 O  O   . ARG A 1 164 ? -9.696  1.329   9.493   1.00 33.53 ? 164 ARG A O   1 
ATOM   1208 C  CB  . ARG A 1 164 ? -8.189  4.244   9.329   1.00 37.46 ? 164 ARG A CB  1 
ATOM   1209 C  CG  . ARG A 1 164 ? -7.667  3.574   10.593  1.00 37.68 ? 164 ARG A CG  1 
ATOM   1210 C  CD  . ARG A 1 164 ? -7.041  4.601   11.520  1.00 39.84 ? 164 ARG A CD  1 
ATOM   1211 N  NE  . ARG A 1 164 ? -5.855  5.218   10.933  1.00 40.60 ? 164 ARG A NE  1 
ATOM   1212 C  CZ  . ARG A 1 164 ? -4.612  4.775   11.111  1.00 40.53 ? 164 ARG A CZ  1 
ATOM   1213 N  NH1 . ARG A 1 164 ? -4.378  3.708   11.869  1.00 38.49 ? 164 ARG A NH1 1 
ATOM   1214 N  NH2 . ARG A 1 164 ? -3.597  5.401   10.526  1.00 39.31 ? 164 ARG A NH2 1 
ATOM   1215 N  N   . GLU A 1 165 ? -11.136 3.037   9.220   1.00 38.35 ? 165 GLU A N   1 
ATOM   1216 C  CA  . GLU A 1 165 ? -12.224 2.326   9.886   1.00 40.04 ? 165 GLU A CA  1 
ATOM   1217 C  C   . GLU A 1 165 ? -12.680 1.166   9.007   1.00 38.38 ? 165 GLU A C   1 
ATOM   1218 O  O   . GLU A 1 165 ? -12.892 0.048   9.488   1.00 38.07 ? 165 GLU A O   1 
ATOM   1219 C  CB  . GLU A 1 165 ? -13.401 3.259   10.139  1.00 42.22 ? 165 GLU A CB  1 
ATOM   1220 C  CG  . GLU A 1 165 ? -14.498 2.620   10.968  1.00 46.64 ? 165 GLU A CG  1 
ATOM   1221 C  CD  . GLU A 1 165 ? -15.792 3.398   10.891  1.00 50.37 ? 165 GLU A CD  1 
ATOM   1222 O  OE1 . GLU A 1 165 ? -15.745 4.636   11.073  1.00 49.92 ? 165 GLU A OE1 1 
ATOM   1223 O  OE2 . GLU A 1 165 ? -16.850 2.770   10.647  1.00 52.61 ? 165 GLU A OE2 1 
ATOM   1224 N  N   . LYS A 1 166 ? -12.831 1.450   7.717   1.00 37.85 ? 166 LYS A N   1 
ATOM   1225 C  CA  . LYS A 1 166 ? -13.239 0.458   6.727   1.00 37.07 ? 166 LYS A CA  1 
ATOM   1226 C  C   . LYS A 1 166 ? -12.264 -0.724  6.738   1.00 37.02 ? 166 LYS A C   1 
ATOM   1227 O  O   . LYS A 1 166 ? -12.652 -1.877  6.944   1.00 37.33 ? 166 LYS A O   1 
ATOM   1228 C  CB  . LYS A 1 166 ? -13.249 1.114   5.342   1.00 38.55 ? 166 LYS A CB  1 
ATOM   1229 C  CG  . LYS A 1 166 ? -13.225 0.147   4.164   1.00 42.65 ? 166 LYS A CG  1 
ATOM   1230 C  CD  . LYS A 1 166 ? -14.597 -0.413  3.828   1.00 45.80 ? 166 LYS A CD  1 
ATOM   1231 C  CE  . LYS A 1 166 ? -15.487 0.637   3.157   1.00 47.53 ? 166 LYS A CE  1 
ATOM   1232 N  NZ  . LYS A 1 166 ? -16.802 0.086   2.705   1.00 45.95 ? 166 LYS A NZ  1 
ATOM   1233 N  N   . VAL A 1 167 ? -10.990 -0.427  6.506   1.00 35.98 ? 167 VAL A N   1 
ATOM   1234 C  CA  . VAL A 1 167 ? -9.954  -1.450  6.499   1.00 33.81 ? 167 VAL A CA  1 
ATOM   1235 C  C   . VAL A 1 167 ? -9.863  -2.084  7.884   1.00 34.20 ? 167 VAL A C   1 
ATOM   1236 O  O   . VAL A 1 167 ? -9.444  -3.237  8.025   1.00 34.83 ? 167 VAL A O   1 
ATOM   1237 C  CB  . VAL A 1 167 ? -8.570  -0.840  6.142   1.00 32.66 ? 167 VAL A CB  1 
ATOM   1238 C  CG1 . VAL A 1 167 ? -7.487  -1.894  6.267   1.00 32.90 ? 167 VAL A CG1 1 
ATOM   1239 C  CG2 . VAL A 1 167 ? -8.598  -0.271  4.734   1.00 27.96 ? 167 VAL A CG2 1 
ATOM   1240 N  N   . GLY A 1 168 ? -10.269 -1.322  8.896   1.00 33.75 ? 168 GLY A N   1 
ATOM   1241 C  CA  . GLY A 1 168 ? -10.216 -1.794  10.270  1.00 34.82 ? 168 GLY A CA  1 
ATOM   1242 C  C   . GLY A 1 168 ? -11.023 -3.053  10.539  1.00 35.59 ? 168 GLY A C   1 
ATOM   1243 O  O   . GLY A 1 168 ? -10.767 -3.773  11.513  1.00 36.80 ? 168 GLY A O   1 
ATOM   1244 N  N   . GLN A 1 169 ? -12.009 -3.323  9.693   1.00 34.22 ? 169 GLN A N   1 
ATOM   1245 C  CA  . GLN A 1 169 ? -12.814 -4.518  9.868   1.00 35.22 ? 169 GLN A CA  1 
ATOM   1246 C  C   . GLN A 1 169 ? -11.967 -5.777  9.652   1.00 34.88 ? 169 GLN A C   1 
ATOM   1247 O  O   . GLN A 1 169 ? -12.240 -6.823  10.241  1.00 34.87 ? 169 GLN A O   1 
ATOM   1248 C  CB  . GLN A 1 169 ? -14.012 -4.491  8.907   1.00 34.66 ? 169 GLN A CB  1 
ATOM   1249 C  CG  . GLN A 1 169 ? -15.119 -3.556  9.374   1.00 35.22 ? 169 GLN A CG  1 
ATOM   1250 C  CD  . GLN A 1 169 ? -15.576 -3.876  10.791  1.00 35.10 ? 169 GLN A CD  1 
ATOM   1251 O  OE1 . GLN A 1 169 ? -15.985 -5.000  11.083  1.00 32.75 ? 169 GLN A OE1 1 
ATOM   1252 N  NE2 . GLN A 1 169 ? -15.495 -2.889  11.681  1.00 36.44 ? 169 GLN A NE2 1 
ATOM   1253 N  N   . LYS A 1 170 ? -10.928 -5.664  8.826   1.00 34.69 ? 170 LYS A N   1 
ATOM   1254 C  CA  . LYS A 1 170 ? -10.052 -6.797  8.542   1.00 33.39 ? 170 LYS A CA  1 
ATOM   1255 C  C   . LYS A 1 170 ? -8.632  -6.644  9.098   1.00 33.09 ? 170 LYS A C   1 
ATOM   1256 O  O   . LYS A 1 170 ? -7.967  -7.639  9.392   1.00 31.60 ? 170 LYS A O   1 
ATOM   1257 C  CB  . LYS A 1 170 ? -9.985  -7.052  7.035   1.00 35.43 ? 170 LYS A CB  1 
ATOM   1258 C  CG  . LYS A 1 170 ? -11.275 -7.562  6.421   1.00 36.41 ? 170 LYS A CG  1 
ATOM   1259 C  CD  . LYS A 1 170 ? -11.002 -8.159  5.055   1.00 40.66 ? 170 LYS A CD  1 
ATOM   1260 C  CE  . LYS A 1 170 ? -12.241 -8.793  4.441   1.00 43.85 ? 170 LYS A CE  1 
ATOM   1261 N  NZ  . LYS A 1 170 ? -13.236 -7.778  3.977   1.00 45.67 ? 170 LYS A NZ  1 
ATOM   1262 N  N   . CYS A 1 171 ? -8.159  -5.409  9.242   1.00 31.60 ? 171 CYS A N   1 
ATOM   1263 C  CA  . CYS A 1 171 ? -6.821  -5.189  9.787   1.00 31.58 ? 171 CYS A CA  1 
ATOM   1264 C  C   . CYS A 1 171 ? -6.711  -3.851  10.525  1.00 30.70 ? 171 CYS A C   1 
ATOM   1265 O  O   . CYS A 1 171 ? -7.037  -2.808  9.973   1.00 30.26 ? 171 CYS A O   1 
ATOM   1266 C  CB  . CYS A 1 171 ? -5.774  -5.253  8.664   1.00 28.86 ? 171 CYS A CB  1 
ATOM   1267 S  SG  . CYS A 1 171 ? -4.091  -5.055  9.277   1.00 28.77 ? 171 CYS A SG  1 
ATOM   1268 N  N   . THR A 1 172 ? -6.252  -3.880  11.774  1.00 33.05 ? 172 THR A N   1 
ATOM   1269 C  CA  . THR A 1 172 ? -6.126  -2.642  12.544  1.00 33.25 ? 172 THR A CA  1 
ATOM   1270 C  C   . THR A 1 172 ? -4.677  -2.231  12.810  1.00 34.22 ? 172 THR A C   1 
ATOM   1271 O  O   . THR A 1 172 ? -4.415  -1.355  13.636  1.00 33.61 ? 172 THR A O   1 
ATOM   1272 C  CB  . THR A 1 172 ? -6.866  -2.731  13.902  1.00 33.98 ? 172 THR A CB  1 
ATOM   1273 O  OG1 . THR A 1 172 ? -6.389  -3.861  14.642  1.00 35.47 ? 172 THR A OG1 1 
ATOM   1274 C  CG2 . THR A 1 172 ? -8.367  -2.851  13.682  1.00 33.98 ? 172 THR A CG2 1 
ATOM   1275 N  N   . ARG A 1 173 ? -3.736  -2.879  12.131  1.00 33.49 ? 173 ARG A N   1 
ATOM   1276 C  CA  . ARG A 1 173 ? -2.325  -2.536  12.278  1.00 32.50 ? 173 ARG A CA  1 
ATOM   1277 C  C   . ARG A 1 173 ? -2.036  -1.723  11.026  1.00 31.93 ? 173 ARG A C   1 
ATOM   1278 O  O   . ARG A 1 173 ? -1.478  -2.237  10.054  1.00 31.61 ? 173 ARG A O   1 
ATOM   1279 C  CB  . ARG A 1 173 ? -1.457  -3.795  12.297  1.00 34.66 ? 173 ARG A CB  1 
ATOM   1280 C  CG  . ARG A 1 173 ? -1.882  -4.818  13.338  1.00 36.12 ? 173 ARG A CG  1 
ATOM   1281 C  CD  . ARG A 1 173 ? -1.026  -6.071  13.285  1.00 38.73 ? 173 ARG A CD  1 
ATOM   1282 N  NE  . ARG A 1 173 ? -1.691  -7.185  13.953  1.00 42.67 ? 173 ARG A NE  1 
ATOM   1283 C  CZ  . ARG A 1 173 ? -2.569  -8.000  13.371  1.00 44.17 ? 173 ARG A CZ  1 
ATOM   1284 N  NH1 . ARG A 1 173 ? -2.889  -7.843  12.089  1.00 39.91 ? 173 ARG A NH1 1 
ATOM   1285 N  NH2 . ARG A 1 173 ? -3.153  -8.960  14.083  1.00 46.52 ? 173 ARG A NH2 1 
ATOM   1286 N  N   . LEU A 1 174 ? -2.443  -0.459  11.045  1.00 30.53 ? 174 LEU A N   1 
ATOM   1287 C  CA  . LEU A 1 174 ? -2.256  0.402   9.896   1.00 30.42 ? 174 LEU A CA  1 
ATOM   1288 C  C   . LEU A 1 174 ? -1.394  1.610   10.221  1.00 30.13 ? 174 LEU A C   1 
ATOM   1289 O  O   . LEU A 1 174 ? -1.750  2.428   11.073  1.00 28.97 ? 174 LEU A O   1 
ATOM   1290 C  CB  . LEU A 1 174 ? -3.626  0.839   9.368   1.00 32.53 ? 174 LEU A CB  1 
ATOM   1291 C  CG  . LEU A 1 174 ? -3.714  1.223   7.888   1.00 35.21 ? 174 LEU A CG  1 
ATOM   1292 C  CD1 . LEU A 1 174 ? -5.145  1.041   7.397   1.00 38.60 ? 174 LEU A CD1 1 
ATOM   1293 C  CD2 . LEU A 1 174 ? -3.239  2.651   7.699   1.00 36.90 ? 174 LEU A CD2 1 
ATOM   1294 N  N   . PHE A 1 175 ? -0.251  1.708   9.542   1.00 27.29 ? 175 PHE A N   1 
ATOM   1295 C  CA  . PHE A 1 175 ? 0.682   2.816   9.741   1.00 25.81 ? 175 PHE A CA  1 
ATOM   1296 C  C   . PHE A 1 175 ? 0.793   3.677   8.486   1.00 24.40 ? 175 PHE A C   1 
ATOM   1297 O  O   . PHE A 1 175 ? 1.175   3.187   7.425   1.00 23.69 ? 175 PHE A O   1 
ATOM   1298 C  CB  . PHE A 1 175 ? 2.072   2.289   10.095  1.00 25.89 ? 175 PHE A CB  1 
ATOM   1299 C  CG  . PHE A 1 175 ? 3.131   3.355   10.124  1.00 28.31 ? 175 PHE A CG  1 
ATOM   1300 C  CD1 . PHE A 1 175 ? 2.992   4.471   10.944  1.00 28.79 ? 175 PHE A CD1 1 
ATOM   1301 C  CD2 . PHE A 1 175 ? 4.274   3.241   9.339   1.00 28.17 ? 175 PHE A CD2 1 
ATOM   1302 C  CE1 . PHE A 1 175 ? 3.980   5.459   10.983  1.00 31.66 ? 175 PHE A CE1 1 
ATOM   1303 C  CE2 . PHE A 1 175 ? 5.268   4.226   9.371   1.00 30.07 ? 175 PHE A CE2 1 
ATOM   1304 C  CZ  . PHE A 1 175 ? 5.119   5.336   10.196  1.00 31.13 ? 175 PHE A CZ  1 
ATOM   1305 N  N   . SER A 1 176 ? 0.477   4.958   8.617   1.00 23.13 ? 176 SER A N   1 
ATOM   1306 C  CA  . SER A 1 176 ? 0.557   5.865   7.492   1.00 23.42 ? 176 SER A CA  1 
ATOM   1307 C  C   . SER A 1 176 ? 1.638   6.892   7.774   1.00 24.64 ? 176 SER A C   1 
ATOM   1308 O  O   . SER A 1 176 ? 1.683   7.488   8.848   1.00 23.61 ? 176 SER A O   1 
ATOM   1309 C  CB  . SER A 1 176 ? -0.791  6.553   7.255   1.00 26.44 ? 176 SER A CB  1 
ATOM   1310 O  OG  . SER A 1 176 ? -1.139  7.410   8.327   1.00 31.27 ? 176 SER A OG  1 
ATOM   1311 N  N   . VAL A 1 177 ? 2.529   7.076   6.811   1.00 21.42 ? 177 VAL A N   1 
ATOM   1312 C  CA  . VAL A 1 177 ? 3.602   8.035   6.958   1.00 20.25 ? 177 VAL A CA  1 
ATOM   1313 C  C   . VAL A 1 177 ? 3.066   9.447   7.090   1.00 20.78 ? 177 VAL A C   1 
ATOM   1314 O  O   . VAL A 1 177 ? 3.511   10.208  7.939   1.00 22.82 ? 177 VAL A O   1 
ATOM   1315 C  CB  . VAL A 1 177 ? 4.550   7.986   5.757   1.00 20.07 ? 177 VAL A CB  1 
ATOM   1316 C  CG1 . VAL A 1 177 ? 5.703   8.943   5.980   1.00 18.10 ? 177 VAL A CG1 1 
ATOM   1317 C  CG2 . VAL A 1 177 ? 5.062   6.550   5.571   1.00 19.82 ? 177 VAL A CG2 1 
ATOM   1318 N  N   . ILE A 1 178 ? 2.104   9.791   6.248   1.00 23.22 ? 178 ILE A N   1 
ATOM   1319 C  CA  . ILE A 1 178 ? 1.536   11.127  6.261   1.00 27.45 ? 178 ILE A CA  1 
ATOM   1320 C  C   . ILE A 1 178 ? 0.015   11.103  6.277   1.00 30.37 ? 178 ILE A C   1 
ATOM   1321 O  O   . ILE A 1 178 ? -0.613  10.285  5.599   1.00 28.80 ? 178 ILE A O   1 
ATOM   1322 C  CB  . ILE A 1 178 ? 1.986   11.923  5.015   1.00 27.67 ? 178 ILE A CB  1 
ATOM   1323 C  CG1 . ILE A 1 178 ? 3.518   11.982  4.953   1.00 27.68 ? 178 ILE A CG1 1 
ATOM   1324 C  CG2 . ILE A 1 178 ? 1.383   13.325  5.056   1.00 28.74 ? 178 ILE A CG2 1 
ATOM   1325 C  CD1 . ILE A 1 178 ? 4.058   12.512  3.632   1.00 29.01 ? 178 ILE A CD1 1 
ATOM   1326 N  N   . ARG A 1 179 ? -0.566  12.012  7.055   1.00 34.34 ? 179 ARG A N   1 
ATOM   1327 C  CA  . ARG A 1 179 ? -2.014  12.142  7.153   1.00 38.03 ? 179 ARG A CA  1 
ATOM   1328 C  C   . ARG A 1 179 ? -2.358  13.518  6.609   1.00 38.74 ? 179 ARG A C   1 
ATOM   1329 O  O   . ARG A 1 179 ? -1.695  14.503  6.934   1.00 40.08 ? 179 ARG A O   1 
ATOM   1330 C  CB  . ARG A 1 179 ? -2.445  12.005  8.612   1.00 41.18 ? 179 ARG A CB  1 
ATOM   1331 C  CG  . ARG A 1 179 ? -2.022  10.678  9.197   1.00 44.44 ? 179 ARG A CG  1 
ATOM   1332 C  CD  . ARG A 1 179 ? -2.037  10.674  10.704  1.00 49.37 ? 179 ARG A CD  1 
ATOM   1333 N  NE  . ARG A 1 179 ? -1.323  9.511   11.224  1.00 52.11 ? 179 ARG A NE  1 
ATOM   1334 C  CZ  . ARG A 1 179 ? -0.009  9.326   11.113  1.00 52.95 ? 179 ARG A CZ  1 
ATOM   1335 N  NH1 . ARG A 1 179 ? 0.746   10.233  10.504  1.00 53.17 ? 179 ARG A NH1 1 
ATOM   1336 N  NH2 . ARG A 1 179 ? 0.552   8.227   11.605  1.00 53.74 ? 179 ARG A NH2 1 
ATOM   1337 N  N   . GLU A 1 180 ? -3.374  13.586  5.759   1.00 39.61 ? 180 GLU A N   1 
ATOM   1338 C  CA  . GLU A 1 180 ? -3.765  14.854  5.168   1.00 41.41 ? 180 GLU A CA  1 
ATOM   1339 C  C   . GLU A 1 180 ? -4.137  15.880  6.231   1.00 41.66 ? 180 GLU A C   1 
ATOM   1340 O  O   . GLU A 1 180 ? -4.731  15.471  7.252   1.00 40.52 ? 180 GLU A O   1 
ATOM   1341 C  CB  . GLU A 1 180 ? -4.938  14.646  4.213   1.00 42.17 ? 180 GLU A CB  1 
ATOM   1342 C  CG  . GLU A 1 180 ? -5.422  15.918  3.555   1.00 44.57 ? 180 GLU A CG  1 
ATOM   1343 C  CD  . GLU A 1 180 ? -6.454  15.650  2.483   1.00 47.07 ? 180 GLU A CD  1 
ATOM   1344 O  OE1 . GLU A 1 180 ? -6.994  16.623  1.919   1.00 50.25 ? 180 GLU A OE1 1 
ATOM   1345 O  OE2 . GLU A 1 180 ? -6.721  14.465  2.196   1.00 49.15 ? 180 GLU A OE2 1 
HETATM 1346 MG MG  . MG  B 2 .   ? -2.949  2.095   -6.809  1.00 25.63 ? 400 MG  A MG  1 
HETATM 1347 N  N1  . 9DA C 3 .   ? -5.345  11.264  -4.676  1.00 47.68 ? 201 9DA A N1  1 
HETATM 1348 C  C2  . 9DA C 3 .   ? -4.357  10.372  -5.082  1.00 47.22 ? 201 9DA A C2  1 
HETATM 1349 N  N3  . 9DA C 3 .   ? -4.619  9.073   -5.280  1.00 48.31 ? 201 9DA A N3  1 
HETATM 1350 C  C4  . 9DA C 3 .   ? -5.929  8.742   -5.042  1.00 49.20 ? 201 9DA A C4  1 
HETATM 1351 C  C5  . 9DA C 3 .   ? -6.959  9.576   -4.636  1.00 49.80 ? 201 9DA A C5  1 
HETATM 1352 C  C6  . 9DA C 3 .   ? -6.695  10.961  -4.425  1.00 49.36 ? 201 9DA A C6  1 
HETATM 1353 N  N6  . 9DA C 3 .   ? -7.461  11.888  -4.065  1.00 50.50 ? 201 9DA A N6  1 
HETATM 1354 N  N7  . 9DA C 3 .   ? -8.111  8.824   -4.519  1.00 50.83 ? 201 9DA A N7  1 
HETATM 1355 C  C8  . 9DA C 3 .   ? -7.787  7.552   -4.847  1.00 50.37 ? 201 9DA A C8  1 
HETATM 1356 C  C9  . 9DA C 3 .   ? -6.448  7.458   -5.177  1.00 49.82 ? 201 9DA A C9  1 
HETATM 1357 C  C1  . PRP D 4 .   ? -5.271  4.443   -6.287  1.00 34.24 ? 301 PRP A C1  1 
HETATM 1358 C  C2  . PRP D 4 .   ? -4.209  4.585   -5.174  1.00 33.85 ? 301 PRP A C2  1 
HETATM 1359 C  C3  . PRP D 4 .   ? -4.608  3.508   -4.176  1.00 33.36 ? 301 PRP A C3  1 
HETATM 1360 C  C4  . PRP D 4 .   ? -6.107  3.434   -4.267  1.00 34.11 ? 301 PRP A C4  1 
HETATM 1361 C  C5  . PRP D 4 .   ? -6.701  4.092   -3.222  1.00 35.66 ? 301 PRP A C5  1 
HETATM 1362 O  O1  . PRP D 4 .   ? -4.775  3.436   -7.214  1.00 35.27 ? 301 PRP A O1  1 
HETATM 1363 O  O2  . PRP D 4 .   ? -2.905  4.403   -5.733  1.00 32.13 ? 301 PRP A O2  1 
HETATM 1364 O  O3  . PRP D 4 .   ? -4.011  2.257   -4.577  1.00 29.90 ? 301 PRP A O3  1 
HETATM 1365 O  O4  . PRP D 4 .   ? -6.437  4.027   -5.610  1.00 36.42 ? 301 PRP A O4  1 
HETATM 1366 O  O5  . PRP D 4 .   ? -8.119  4.194   -3.305  1.00 35.38 ? 301 PRP A O5  1 
HETATM 1367 P  P   . PRP D 4 .   ? -9.112  3.485   -2.256  1.00 33.63 ? 301 PRP A P   1 
HETATM 1368 O  O1P . PRP D 4 .   ? -8.593  3.706   -0.838  1.00 32.35 ? 301 PRP A O1P 1 
HETATM 1369 O  O2P . PRP D 4 .   ? -9.250  2.017   -2.641  1.00 35.11 ? 301 PRP A O2P 1 
HETATM 1370 O  O3P . PRP D 4 .   ? -10.393 4.282   -2.491  1.00 37.05 ? 301 PRP A O3P 1 
HETATM 1371 P  PA  . PRP D 4 .   ? -5.403  3.260   -8.692  1.00 39.41 ? 301 PRP A PA  1 
HETATM 1372 O  O1A . PRP D 4 .   ? -6.552  2.322   -8.594  1.00 37.04 ? 301 PRP A O1A 1 
HETATM 1373 O  O2A . PRP D 4 .   ? -5.700  4.614   -9.240  1.00 39.73 ? 301 PRP A O2A 1 
HETATM 1374 O  O3A . PRP D 4 .   ? -4.204  2.515   -9.455  1.00 36.94 ? 301 PRP A O3A 1 
HETATM 1375 P  PB  . PRP D 4 .   ? -2.693  3.056   -9.840  1.00 38.54 ? 301 PRP A PB  1 
HETATM 1376 O  O1B . PRP D 4 .   ? -2.825  4.574   -10.051 1.00 38.17 ? 301 PRP A O1B 1 
HETATM 1377 O  O2B . PRP D 4 .   ? -2.276  2.289   -11.072 1.00 35.44 ? 301 PRP A O2B 1 
HETATM 1378 O  O3B . PRP D 4 .   ? -1.847  2.728   -8.660  1.00 36.69 ? 301 PRP A O3B 1 
HETATM 1379 O  O   . HOH E 5 .   ? 0.518   -16.138 8.245   1.00 20.39 ? 401 HOH A O   1 
HETATM 1380 O  O   . HOH E 5 .   ? 4.755   3.079   -3.433  1.00 19.02 ? 402 HOH A O   1 
HETATM 1381 O  O   . HOH E 5 .   ? 3.261   9.569   -7.713  1.00 31.97 ? 403 HOH A O   1 
HETATM 1382 O  O   . HOH E 5 .   ? 1.184   -1.602  10.239  1.00 25.94 ? 404 HOH A O   1 
HETATM 1383 O  O   . HOH E 5 .   ? -8.444  6.903   7.559   1.00 32.68 ? 405 HOH A O   1 
HETATM 1384 O  O   . HOH E 5 .   ? 1.789   -12.188 -7.290  1.00 19.39 ? 406 HOH A O   1 
HETATM 1385 O  O   . HOH E 5 .   ? 16.151  12.969  4.269   1.00 25.86 ? 407 HOH A O   1 
HETATM 1386 O  O   . HOH E 5 .   ? -9.022  7.311   4.931   1.00 36.71 ? 408 HOH A O   1 
HETATM 1387 O  O   . HOH E 5 .   ? 11.403  -12.806 2.368   1.00 26.94 ? 409 HOH A O   1 
HETATM 1388 O  O   . HOH E 5 .   ? 15.743  2.634   5.774   1.00 33.90 ? 410 HOH A O   1 
HETATM 1389 O  O   . HOH E 5 .   ? 6.881   -16.455 10.013  1.00 29.21 ? 411 HOH A O   1 
HETATM 1390 O  O   . HOH E 5 .   ? 16.925  15.609  -2.252  1.00 21.28 ? 412 HOH A O   1 
HETATM 1391 O  O   . HOH E 5 .   ? -11.423 6.110   10.003  1.00 38.05 ? 413 HOH A O   1 
HETATM 1392 O  O   . HOH E 5 .   ? 0.147   10.500  -6.367  1.00 25.26 ? 414 HOH A O   1 
HETATM 1393 O  O   . HOH E 5 .   ? -3.505  -20.351 6.414   1.00 36.57 ? 415 HOH A O   1 
HETATM 1394 O  O   . HOH E 5 .   ? 4.374   15.995  -5.689  1.00 22.84 ? 416 HOH A O   1 
HETATM 1395 O  O   . HOH E 5 .   ? 3.969   -19.943 3.591   1.00 31.96 ? 417 HOH A O   1 
HETATM 1396 O  O   . HOH E 5 .   ? 1.226   -19.349 -8.151  1.00 26.56 ? 418 HOH A O   1 
HETATM 1397 O  O   . HOH E 5 .   ? 9.406   22.067  3.571   1.00 28.59 ? 419 HOH A O   1 
HETATM 1398 O  O   . HOH E 5 .   ? 7.541   -11.125 -6.759  1.00 29.09 ? 420 HOH A O   1 
HETATM 1399 O  O   . HOH E 5 .   ? 17.823  16.998  2.537   1.00 29.54 ? 421 HOH A O   1 
HETATM 1400 O  O   . HOH E 5 .   ? -7.284  1.278   0.153   1.00 20.99 ? 422 HOH A O   1 
HETATM 1401 O  O   . HOH E 5 .   ? 0.705   10.906  -8.961  1.00 34.98 ? 424 HOH A O   1 
HETATM 1402 O  O   . HOH E 5 .   ? 9.750   20.569  1.427   1.00 27.02 ? 425 HOH A O   1 
HETATM 1403 O  O   . HOH E 5 .   ? -7.424  0.264   10.147  1.00 38.58 ? 426 HOH A O   1 
HETATM 1404 O  O   . HOH E 5 .   ? 4.343   21.380  -3.077  1.00 35.67 ? 427 HOH A O   1 
HETATM 1405 O  O   . HOH E 5 .   ? 8.041   -14.073 10.770  1.00 32.52 ? 428 HOH A O   1 
HETATM 1406 O  O   . HOH E 5 .   ? 11.567  -8.353  8.614   1.00 36.27 ? 429 HOH A O   1 
HETATM 1407 O  O   . HOH E 5 .   ? 11.879  -12.063 7.704   1.00 33.81 ? 430 HOH A O   1 
HETATM 1408 O  O   . HOH E 5 .   ? 11.996  22.954  6.045   1.00 35.81 ? 431 HOH A O   1 
HETATM 1409 O  O   . HOH E 5 .   ? 18.920  17.750  8.998   1.00 33.87 ? 432 HOH A O   1 
HETATM 1410 O  O   . HOH E 5 .   ? 1.134   17.674  -10.908 1.00 29.78 ? 433 HOH A O   1 
HETATM 1411 O  O   . HOH E 5 .   ? 15.132  -12.117 4.694   1.00 39.19 ? 434 HOH A O   1 
HETATM 1412 O  O   . HOH E 5 .   ? 2.887   -11.107 13.618  1.00 40.25 ? 435 HOH A O   1 
HETATM 1413 O  O   . HOH E 5 .   ? -2.503  -16.788 -14.584 1.00 32.98 ? 436 HOH A O   1 
HETATM 1414 O  O   . HOH E 5 .   ? -0.706  5.438   11.361  1.00 36.67 ? 437 HOH A O   1 
HETATM 1415 O  O   . HOH E 5 .   ? 1.661   -21.801 -11.756 1.00 38.41 ? 438 HOH A O   1 
HETATM 1416 O  O   . HOH E 5 .   ? 8.679   -17.034 1.197   1.00 34.94 ? 439 HOH A O   1 
HETATM 1417 O  O   . HOH E 5 .   ? 11.543  12.748  9.358   1.00 37.37 ? 440 HOH A O   1 
HETATM 1418 O  O   . HOH E 5 .   ? 4.018   23.194  -0.181  1.00 40.33 ? 441 HOH A O   1 
HETATM 1419 O  O   . HOH E 5 .   ? 1.442   8.342   -5.417  1.00 38.17 ? 442 HOH A O   1 
HETATM 1420 O  O   . HOH E 5 .   ? 15.281  -7.851  -0.753  1.00 34.59 ? 443 HOH A O   1 
HETATM 1421 O  O   . HOH E 5 .   ? 16.453  10.841  5.848   1.00 35.37 ? 444 HOH A O   1 
HETATM 1422 O  O   . HOH E 5 .   ? 12.691  10.158  8.606   1.00 31.65 ? 445 HOH A O   1 
HETATM 1423 O  O   . HOH E 5 .   ? 8.694   15.577  10.240  1.00 29.45 ? 446 HOH A O   1 
HETATM 1424 O  O   . HOH E 5 .   ? 3.668   15.829  7.937   1.00 37.15 ? 447 HOH A O   1 
HETATM 1425 O  O   . HOH E 5 .   ? -0.037  16.416  8.804   1.00 37.79 ? 448 HOH A O   1 
HETATM 1426 O  O   . HOH E 5 .   ? 13.402  16.479  -7.847  1.00 36.31 ? 449 HOH A O   1 
HETATM 1427 O  O   . HOH E 5 .   ? 6.733   4.697   14.065  1.00 36.69 ? 450 HOH A O   1 
HETATM 1428 O  O   . HOH E 5 .   ? 14.568  -11.228 7.480   1.00 36.85 ? 451 HOH A O   1 
HETATM 1429 O  O   . HOH E 5 .   ? 2.045   -1.253  13.183  1.00 34.18 ? 452 HOH A O   1 
HETATM 1430 O  O   . HOH E 5 .   ? 19.678  10.445  3.183   1.00 35.73 ? 453 HOH A O   1 
HETATM 1431 O  O   . HOH E 5 .   ? 18.670  12.785  2.521   1.00 38.48 ? 454 HOH A O   1 
HETATM 1432 O  O   . HOH E 5 .   ? 7.111   -15.403 -2.221  1.00 29.82 ? 455 HOH A O   1 
HETATM 1433 O  O   . HOH E 5 .   ? 5.441   -20.380 10.169  1.00 35.80 ? 456 HOH A O   1 
HETATM 1434 O  O   . HOH E 5 .   ? 19.573  15.061  -2.267  1.00 33.64 ? 457 HOH A O   1 
HETATM 1435 O  O   . HOH E 5 .   ? 11.088  -5.762  9.642   1.00 34.51 ? 458 HOH A O   1 
HETATM 1436 O  O   . HOH E 5 .   ? 5.353   9.726   10.470  1.00 37.94 ? 459 HOH A O   1 
HETATM 1437 O  O   . HOH E 5 .   ? 3.302   8.809   12.077  1.00 38.45 ? 460 HOH A O   1 
HETATM 1438 O  O   . HOH E 5 .   ? -6.157  18.530  6.312   1.00 36.34 ? 461 HOH A O   1 
HETATM 1439 O  O   . HOH E 5 .   ? -8.597  14.921  7.081   1.00 37.24 ? 462 HOH A O   1 
HETATM 1440 O  O   . HOH E 5 .   ? -1.224  1.181   -5.992  1.00 22.83 ? 463 HOH A O   1 
HETATM 1441 O  O   . HOH E 5 .   ? -3.990  0.360   -7.482  1.00 26.33 ? 464 HOH A O   1 
HETATM 1442 O  O   . HOH E 5 .   ? -4.485  1.670   -0.998  1.00 26.72 ? 465 HOH A O   1 
HETATM 1443 O  O   . HOH E 5 .   ? 7.538   21.858  -3.553  0.50 21.74 ? 466 HOH A O   1 
HETATM 1444 O  O   . HOH E 5 .   ? -0.655  21.985  -5.111  1.00 34.39 ? 467 HOH A O   1 
HETATM 1445 O  O   . HOH E 5 .   ? 0.134   22.936  -7.698  1.00 35.95 ? 468 HOH A O   1 
HETATM 1446 O  O   . HOH E 5 .   ? 1.775   22.217  -9.526  1.00 32.02 ? 469 HOH A O   1 
HETATM 1447 O  O   . HOH E 5 .   ? 7.872   20.213  -8.260  1.00 32.08 ? 470 HOH A O   1 
HETATM 1448 O  O   . HOH E 5 .   ? 18.647  7.342   -1.211  1.00 31.90 ? 471 HOH A O   1 
HETATM 1449 O  O   . HOH E 5 .   ? 10.727  0.083   -5.870  0.50 28.99 ? 472 HOH A O   1 
HETATM 1450 O  O   . HOH E 5 .   ? 18.075  0.907   2.135   1.00 31.27 ? 473 HOH A O   1 
HETATM 1451 O  O   . HOH E 5 .   ? 16.160  -15.239 3.856   1.00 36.60 ? 474 HOH A O   1 
HETATM 1452 O  O   . HOH E 5 .   ? -2.617  -10.410 -12.652 1.00 30.89 ? 475 HOH A O   1 
HETATM 1453 O  O   . HOH E 5 .   ? -3.398  -13.381 -14.445 1.00 27.71 ? 476 HOH A O   1 
HETATM 1454 O  O   . HOH E 5 .   ? 5.991   -17.193 0.745   1.00 26.69 ? 477 HOH A O   1 
HETATM 1455 O  O   . HOH E 5 .   ? 6.539   -19.095 -0.501  1.00 39.58 ? 478 HOH A O   1 
HETATM 1456 O  O   . HOH E 5 .   ? -2.878  -0.071  -12.580 1.00 38.45 ? 479 HOH A O   1 
HETATM 1457 O  O   . HOH E 5 .   ? -3.865  6.942   -11.622 1.00 35.60 ? 480 HOH A O   1 
# 
loop_
_pdbx_poly_seq_scheme.asym_id 
_pdbx_poly_seq_scheme.entity_id 
_pdbx_poly_seq_scheme.seq_id 
_pdbx_poly_seq_scheme.mon_id 
_pdbx_poly_seq_scheme.ndb_seq_num 
_pdbx_poly_seq_scheme.pdb_seq_num 
_pdbx_poly_seq_scheme.auth_seq_num 
_pdbx_poly_seq_scheme.pdb_mon_id 
_pdbx_poly_seq_scheme.auth_mon_id 
_pdbx_poly_seq_scheme.pdb_strand_id 
_pdbx_poly_seq_scheme.pdb_ins_code 
_pdbx_poly_seq_scheme.hetero 
A 1 1   MET 1   1   ?   ?   ?   A . n 
A 1 2   THR 2   2   2   THR THR A . n 
A 1 3   MET 3   3   3   MET MET A . n 
A 1 4   SER 4   4   4   SER SER A . n 
A 1 5   VAL 5   5   5   VAL VAL A . n 
A 1 6   ALA 6   6   6   ALA ALA A . n 
A 1 7   ASP 7   7   7   ASP ASP A . n 
A 1 8   ALA 8   8   8   ALA ALA A . n 
A 1 9   HIS 9   9   9   HIS HIS A . n 
A 1 10  ALA 10  10  10  ALA ALA A . n 
A 1 11  LEU 11  11  11  LEU LEU A . n 
A 1 12  ILE 12  12  12  ILE ILE A . n 
A 1 13  LYS 13  13  13  LYS LYS A . n 
A 1 14  THR 14  14  14  THR THR A . n 
A 1 15  ILE 15  15  15  ILE ILE A . n 
A 1 16  PRO 16  16  16  PRO PRO A . n 
A 1 17  ASP 17  17  17  ASP ASP A . n 
A 1 18  PHE 18  18  18  PHE PHE A . n 
A 1 19  PRO 19  19  19  PRO PRO A . n 
A 1 20  THR 20  20  20  THR THR A . n 
A 1 21  LYS 21  21  21  LYS LYS A . n 
A 1 22  GLY 22  22  22  GLY GLY A . n 
A 1 23  ILE 23  23  23  ILE ILE A . n 
A 1 24  ALA 24  24  24  ALA ALA A . n 
A 1 25  PHE 25  25  25  PHE PHE A . n 
A 1 26  LYS 26  26  26  LYS LYS A . n 
A 1 27  ASP 27  27  27  ASP ASP A . n 
A 1 28  LEU 28  28  28  LEU LEU A . n 
A 1 29  SER 29  29  29  SER SER A . n 
A 1 30  ASP 30  30  30  ASP ASP A . n 
A 1 31  ILE 31  31  31  ILE ILE A . n 
A 1 32  LEU 32  32  32  LEU LEU A . n 
A 1 33  SER 33  33  33  SER SER A . n 
A 1 34  THR 34  34  34  THR THR A . n 
A 1 35  PRO 35  35  35  PRO PRO A . n 
A 1 36  ALA 36  36  36  ALA ALA A . n 
A 1 37  ALA 37  37  37  ALA ALA A . n 
A 1 38  LEU 38  38  38  LEU LEU A . n 
A 1 39  ASP 39  39  39  ASP ASP A . n 
A 1 40  ALA 40  40  40  ALA ALA A . n 
A 1 41  VAL 41  41  41  VAL VAL A . n 
A 1 42  ARG 42  42  42  ARG ARG A . n 
A 1 43  LYS 43  43  43  LYS LYS A . n 
A 1 44  GLU 44  44  44  GLU GLU A . n 
A 1 45  VAL 45  45  45  VAL VAL A . n 
A 1 46  THR 46  46  46  THR THR A . n 
A 1 47  ALA 47  47  47  ALA ALA A . n 
A 1 48  HIS 48  48  48  HIS HIS A . n 
A 1 49  TYR 49  49  49  TYR TYR A . n 
A 1 50  LYS 50  50  50  LYS LYS A . n 
A 1 51  ASP 51  51  51  ASP ASP A . n 
A 1 52  VAL 52  52  52  VAL VAL A . n 
A 1 53  PRO 53  53  53  PRO PRO A . n 
A 1 54  ILE 54  54  54  ILE ILE A . n 
A 1 55  THR 55  55  55  THR THR A . n 
A 1 56  LYS 56  56  56  LYS LYS A . n 
A 1 57  VAL 57  57  57  VAL VAL A . n 
A 1 58  VAL 58  58  58  VAL VAL A . n 
A 1 59  GLY 59  59  59  GLY GLY A . n 
A 1 60  ILE 60  60  60  ILE ILE A . n 
A 1 61  GLU 61  61  61  GLU GLU A . n 
A 1 62  SER 62  62  62  SER SER A . n 
A 1 63  ARG 63  63  63  ARG ARG A . n 
A 1 64  GLY 64  64  64  GLY GLY A . n 
A 1 65  PHE 65  65  65  PHE PHE A . n 
A 1 66  ILE 66  66  66  ILE ILE A . n 
A 1 67  LEU 67  67  67  LEU LEU A . n 
A 1 68  GLY 68  68  68  GLY GLY A . n 
A 1 69  GLY 69  69  69  GLY GLY A . n 
A 1 70  ILE 70  70  70  ILE ILE A . n 
A 1 71  VAL 71  71  71  VAL VAL A . n 
A 1 72  ALA 72  72  72  ALA ALA A . n 
A 1 73  ASN 73  73  73  ASN ASN A . n 
A 1 74  SER 74  74  74  SER SER A . n 
A 1 75  LEU 75  75  75  LEU LEU A . n 
A 1 76  GLY 76  76  76  GLY GLY A . n 
A 1 77  VAL 77  77  77  VAL VAL A . n 
A 1 78  GLY 78  78  78  GLY GLY A . n 
A 1 79  PHE 79  79  79  PHE PHE A . n 
A 1 80  VAL 80  80  80  VAL VAL A . n 
A 1 81  ALA 81  81  81  ALA ALA A . n 
A 1 82  LEU 82  82  82  LEU LEU A . n 
A 1 83  ARG 83  83  83  ARG ARG A . n 
A 1 84  LYS 84  84  84  LYS LYS A . n 
A 1 85  ALA 85  85  85  ALA ALA A . n 
A 1 86  GLY 86  86  86  GLY GLY A . n 
A 1 87  LYS 87  87  87  LYS LYS A . n 
A 1 88  LEU 88  88  88  LEU LEU A . n 
A 1 89  PRO 89  89  89  PRO PRO A . n 
A 1 90  GLY 90  90  90  GLY GLY A . n 
A 1 91  ASP 91  91  91  ASP ASP A . n 
A 1 92  VAL 92  92  92  VAL VAL A . n 
A 1 93  CYS 93  93  93  CYS CYS A . n 
A 1 94  LYS 94  94  94  LYS LYS A . n 
A 1 95  CYS 95  95  95  CYS CYS A . n 
A 1 96  THR 96  96  96  THR THR A . n 
A 1 97  PHE 97  97  97  PHE PHE A . n 
A 1 98  ASP 98  98  98  ASP ASP A . n 
A 1 99  MET 99  99  99  MET MET A . n 
A 1 100 GLU 100 100 100 GLU GLU A . n 
A 1 101 TYR 101 101 101 TYR TYR A . n 
A 1 102 GLN 102 102 102 GLN ALA A . n 
A 1 103 LYS 103 103 103 LYS ALA A . n 
A 1 104 GLY 104 104 104 GLY GLY A . n 
A 1 105 VAL 105 105 105 VAL ALA A . n 
A 1 106 THR 106 106 106 THR THR A . n 
A 1 107 ILE 107 107 107 ILE ILE A . n 
A 1 108 GLU 108 108 108 GLU GLU A . n 
A 1 109 VAL 109 109 109 VAL VAL A . n 
A 1 110 GLN 110 110 110 GLN GLN A . n 
A 1 111 LYS 111 111 111 LYS LYS A . n 
A 1 112 ARG 112 112 112 ARG ARG A . n 
A 1 113 GLN 113 113 113 GLN GLN A . n 
A 1 114 LEU 114 114 114 LEU LEU A . n 
A 1 115 GLY 115 115 115 GLY GLY A . n 
A 1 116 PRO 116 116 116 PRO PRO A . n 
A 1 117 HIS 117 117 117 HIS HIS A . n 
A 1 118 ASP 118 118 118 ASP ASP A . n 
A 1 119 VAL 119 119 119 VAL VAL A . n 
A 1 120 VAL 120 120 120 VAL VAL A . n 
A 1 121 LEU 121 121 121 LEU LEU A . n 
A 1 122 LEU 122 122 122 LEU LEU A . n 
A 1 123 HIS 123 123 123 HIS HIS A . n 
A 1 124 ASP 124 124 124 ASP ASP A . n 
A 1 125 ASP 125 125 125 ASP ASP A . n 
A 1 126 VAL 126 126 126 VAL VAL A . n 
A 1 127 LEU 127 127 127 LEU LEU A . n 
A 1 128 ALA 128 128 128 ALA ALA A . n 
A 1 129 THR 129 129 129 THR THR A . n 
A 1 130 GLY 130 130 130 GLY GLY A . n 
A 1 131 GLY 131 131 131 GLY GLY A . n 
A 1 132 THR 132 132 132 THR THR A . n 
A 1 133 LEU 133 133 133 LEU LEU A . n 
A 1 134 LEU 134 134 134 LEU LEU A . n 
A 1 135 ALA 135 135 135 ALA ALA A . n 
A 1 136 ALA 136 136 136 ALA ALA A . n 
A 1 137 ILE 137 137 137 ILE ILE A . n 
A 1 138 GLU 138 138 138 GLU GLU A . n 
A 1 139 LEU 139 139 139 LEU LEU A . n 
A 1 140 CYS 140 140 140 CYS CYS A . n 
A 1 141 GLU 141 141 141 GLU GLU A . n 
A 1 142 THR 142 142 142 THR THR A . n 
A 1 143 ALA 143 143 143 ALA ALA A . n 
A 1 144 GLY 144 144 144 GLY GLY A . n 
A 1 145 VAL 145 145 145 VAL VAL A . n 
A 1 146 LYS 146 146 146 LYS LYS A . n 
A 1 147 PRO 147 147 147 PRO PRO A . n 
A 1 148 GLU 148 148 148 GLU GLU A . n 
A 1 149 ASN 149 149 149 ASN ASN A . n 
A 1 150 ILE 150 150 150 ILE ILE A . n 
A 1 151 TYR 151 151 151 TYR TYR A . n 
A 1 152 ILE 152 152 152 ILE ILE A . n 
A 1 153 ASN 153 153 153 ASN ASN A . n 
A 1 154 VAL 154 154 154 VAL VAL A . n 
A 1 155 LEU 155 155 155 LEU LEU A . n 
A 1 156 TYR 156 156 156 TYR TYR A . n 
A 1 157 GLU 157 157 157 GLU GLU A . n 
A 1 158 ILE 158 158 158 ILE ILE A . n 
A 1 159 GLU 159 159 159 GLU GLU A . n 
A 1 160 ALA 160 160 160 ALA ALA A . n 
A 1 161 LEU 161 161 161 LEU LEU A . n 
A 1 162 LYS 162 162 162 LYS LYS A . n 
A 1 163 GLY 163 163 163 GLY GLY A . n 
A 1 164 ARG 164 164 164 ARG ARG A . n 
A 1 165 GLU 165 165 165 GLU GLU A . n 
A 1 166 LYS 166 166 166 LYS LYS A . n 
A 1 167 VAL 167 167 167 VAL VAL A . n 
A 1 168 GLY 168 168 168 GLY GLY A . n 
A 1 169 GLN 169 169 169 GLN GLN A . n 
A 1 170 LYS 170 170 170 LYS LYS A . n 
A 1 171 CYS 171 171 171 CYS CYS A . n 
A 1 172 THR 172 172 172 THR THR A . n 
A 1 173 ARG 173 173 173 ARG ARG A . n 
A 1 174 LEU 174 174 174 LEU LEU A . n 
A 1 175 PHE 175 175 175 PHE PHE A . n 
A 1 176 SER 176 176 176 SER SER A . n 
A 1 177 VAL 177 177 177 VAL VAL A . n 
A 1 178 ILE 178 178 178 ILE ILE A . n 
A 1 179 ARG 179 179 179 ARG ARG A . n 
A 1 180 GLU 180 180 180 GLU GLU A . n 
A 1 181 HIS 181 181 ?   ?   ?   A . n 
A 1 182 HIS 182 182 ?   ?   ?   A . n 
A 1 183 HIS 183 183 ?   ?   ?   A . n 
A 1 184 HIS 184 184 ?   ?   ?   A . n 
A 1 185 HIS 185 185 ?   ?   ?   A . n 
A 1 186 HIS 186 186 ?   ?   ?   A . n 
# 
loop_
_pdbx_nonpoly_scheme.asym_id 
_pdbx_nonpoly_scheme.entity_id 
_pdbx_nonpoly_scheme.mon_id 
_pdbx_nonpoly_scheme.ndb_seq_num 
_pdbx_nonpoly_scheme.pdb_seq_num 
_pdbx_nonpoly_scheme.auth_seq_num 
_pdbx_nonpoly_scheme.pdb_mon_id 
_pdbx_nonpoly_scheme.auth_mon_id 
_pdbx_nonpoly_scheme.pdb_strand_id 
_pdbx_nonpoly_scheme.pdb_ins_code 
B 2 MG  1  400 400 MG  MG  A . 
C 3 9DA 1  201 201 9DA 9DA A . 
D 4 PRP 1  301 301 PRP PRP A . 
E 5 HOH 1  401 401 HOH HOH A . 
E 5 HOH 2  402 402 HOH HOH A . 
E 5 HOH 3  403 403 HOH HOH A . 
E 5 HOH 4  404 404 HOH HOH A . 
E 5 HOH 5  405 405 HOH HOH A . 
E 5 HOH 6  406 406 HOH HOH A . 
E 5 HOH 7  407 407 HOH HOH A . 
E 5 HOH 8  408 408 HOH HOH A . 
E 5 HOH 9  409 409 HOH HOH A . 
E 5 HOH 10 410 410 HOH HOH A . 
E 5 HOH 11 411 411 HOH HOH A . 
E 5 HOH 12 412 412 HOH HOH A . 
E 5 HOH 13 413 413 HOH HOH A . 
E 5 HOH 14 414 414 HOH HOH A . 
E 5 HOH 15 415 415 HOH HOH A . 
E 5 HOH 16 416 416 HOH HOH A . 
E 5 HOH 17 417 417 HOH HOH A . 
E 5 HOH 18 418 418 HOH HOH A . 
E 5 HOH 19 419 419 HOH HOH A . 
E 5 HOH 20 420 420 HOH HOH A . 
E 5 HOH 21 421 421 HOH HOH A . 
E 5 HOH 22 422 422 HOH HOH A . 
E 5 HOH 23 424 424 HOH HOH A . 
E 5 HOH 24 425 425 HOH HOH A . 
E 5 HOH 25 426 426 HOH HOH A . 
E 5 HOH 26 427 427 HOH HOH A . 
E 5 HOH 27 428 428 HOH HOH A . 
E 5 HOH 28 429 429 HOH HOH A . 
E 5 HOH 29 430 430 HOH HOH A . 
E 5 HOH 30 431 431 HOH HOH A . 
E 5 HOH 31 432 432 HOH HOH A . 
E 5 HOH 32 433 433 HOH HOH A . 
E 5 HOH 33 434 434 HOH HOH A . 
E 5 HOH 34 435 435 HOH HOH A . 
E 5 HOH 35 436 436 HOH HOH A . 
E 5 HOH 36 437 437 HOH HOH A . 
E 5 HOH 37 438 438 HOH HOH A . 
E 5 HOH 38 439 439 HOH HOH A . 
E 5 HOH 39 440 440 HOH HOH A . 
E 5 HOH 40 441 441 HOH HOH A . 
E 5 HOH 41 442 442 HOH HOH A . 
E 5 HOH 42 443 443 HOH HOH A . 
E 5 HOH 43 444 444 HOH HOH A . 
E 5 HOH 44 445 445 HOH HOH A . 
E 5 HOH 45 446 446 HOH HOH A . 
E 5 HOH 46 447 447 HOH HOH A . 
E 5 HOH 47 448 448 HOH HOH A . 
E 5 HOH 48 449 449 HOH HOH A . 
E 5 HOH 49 450 450 HOH HOH A . 
E 5 HOH 50 451 451 HOH HOH A . 
E 5 HOH 51 452 452 HOH HOH A . 
E 5 HOH 52 453 453 HOH HOH A . 
E 5 HOH 53 454 454 HOH HOH A . 
E 5 HOH 54 455 455 HOH HOH A . 
E 5 HOH 55 456 456 HOH HOH A . 
E 5 HOH 56 457 457 HOH HOH A . 
E 5 HOH 57 458 458 HOH HOH A . 
E 5 HOH 58 459 459 HOH HOH A . 
E 5 HOH 59 460 460 HOH HOH A . 
E 5 HOH 60 461 461 HOH HOH A . 
E 5 HOH 61 462 462 HOH HOH A . 
E 5 HOH 62 463 463 HOH HOH A . 
E 5 HOH 63 464 464 HOH HOH A . 
E 5 HOH 64 465 465 HOH HOH A . 
E 5 HOH 65 466 466 HOH HOH A . 
E 5 HOH 66 467 467 HOH HOH A . 
E 5 HOH 67 468 468 HOH HOH A . 
E 5 HOH 68 469 469 HOH HOH A . 
E 5 HOH 69 470 470 HOH HOH A . 
E 5 HOH 70 471 471 HOH HOH A . 
E 5 HOH 71 472 472 HOH HOH A . 
E 5 HOH 72 473 473 HOH HOH A . 
E 5 HOH 73 474 474 HOH HOH A . 
E 5 HOH 74 475 475 HOH HOH A . 
E 5 HOH 75 476 476 HOH HOH A . 
E 5 HOH 76 477 477 HOH HOH A . 
E 5 HOH 77 478 478 HOH HOH A . 
E 5 HOH 78 479 479 HOH HOH A . 
E 5 HOH 79 480 480 HOH HOH A . 
# 
_pdbx_struct_assembly.id                   1 
_pdbx_struct_assembly.details              author_and_software_defined_assembly 
_pdbx_struct_assembly.method_details       PISA,PQS 
_pdbx_struct_assembly.oligomeric_details   dimeric 
_pdbx_struct_assembly.oligomeric_count     2 
# 
_pdbx_struct_assembly_gen.assembly_id       1 
_pdbx_struct_assembly_gen.oper_expression   1,2 
_pdbx_struct_assembly_gen.asym_id_list      A,B,C,D,E 
# 
loop_
_pdbx_struct_assembly_prop.biol_id 
_pdbx_struct_assembly_prop.type 
_pdbx_struct_assembly_prop.value 
_pdbx_struct_assembly_prop.details 
1 'ABSA (A^2)' 5220  ? 
1 MORE         -39   ? 
1 'SSA (A^2)'  13850 ? 
# 
loop_
_pdbx_struct_oper_list.id 
_pdbx_struct_oper_list.type 
_pdbx_struct_oper_list.name 
_pdbx_struct_oper_list.symmetry_operation 
_pdbx_struct_oper_list.matrix[1][1] 
_pdbx_struct_oper_list.matrix[1][2] 
_pdbx_struct_oper_list.matrix[1][3] 
_pdbx_struct_oper_list.vector[1] 
_pdbx_struct_oper_list.matrix[2][1] 
_pdbx_struct_oper_list.matrix[2][2] 
_pdbx_struct_oper_list.matrix[2][3] 
_pdbx_struct_oper_list.vector[2] 
_pdbx_struct_oper_list.matrix[3][1] 
_pdbx_struct_oper_list.matrix[3][2] 
_pdbx_struct_oper_list.matrix[3][3] 
_pdbx_struct_oper_list.vector[3] 
1 'identity operation'         1_555 x,y,z             1.0000000000 0.0000000000 0.0000000000 0.0000000000  0.0000000000 1.0000000000  0.0000000000 0.0000000000  0.0000000000 0.0000000000 1.0000000000  0.0000000000   
2 'crystal symmetry operation' 5_675 x-y+1,-y+2,-z+2/3 0.2793544834 0.0559755884 0.9585550616 13.3525443912 0.0559755884 -0.9975509004 0.0419396533 -0.3701494522 0.9585550616 0.0419396533 -0.2818035829 -17.7996224543 
# 
loop_
_pdbx_struct_special_symmetry.id 
_pdbx_struct_special_symmetry.PDB_model_num 
_pdbx_struct_special_symmetry.auth_asym_id 
_pdbx_struct_special_symmetry.auth_comp_id 
_pdbx_struct_special_symmetry.auth_seq_id 
_pdbx_struct_special_symmetry.PDB_ins_code 
_pdbx_struct_special_symmetry.label_asym_id 
_pdbx_struct_special_symmetry.label_comp_id 
_pdbx_struct_special_symmetry.label_seq_id 
1 1 A HOH 466 ? E HOH . 
2 1 A HOH 472 ? E HOH . 
# 
loop_
_pdbx_struct_conn_angle.id 
_pdbx_struct_conn_angle.ptnr1_label_atom_id 
_pdbx_struct_conn_angle.ptnr1_label_alt_id 
_pdbx_struct_conn_angle.ptnr1_label_asym_id 
_pdbx_struct_conn_angle.ptnr1_label_comp_id 
_pdbx_struct_conn_angle.ptnr1_label_seq_id 
_pdbx_struct_conn_angle.ptnr1_auth_atom_id 
_pdbx_struct_conn_angle.ptnr1_auth_asym_id 
_pdbx_struct_conn_angle.ptnr1_auth_comp_id 
_pdbx_struct_conn_angle.ptnr1_auth_seq_id 
_pdbx_struct_conn_angle.ptnr1_PDB_ins_code 
_pdbx_struct_conn_angle.ptnr1_symmetry 
_pdbx_struct_conn_angle.ptnr2_label_atom_id 
_pdbx_struct_conn_angle.ptnr2_label_alt_id 
_pdbx_struct_conn_angle.ptnr2_label_asym_id 
_pdbx_struct_conn_angle.ptnr2_label_comp_id 
_pdbx_struct_conn_angle.ptnr2_label_seq_id 
_pdbx_struct_conn_angle.ptnr2_auth_atom_id 
_pdbx_struct_conn_angle.ptnr2_auth_asym_id 
_pdbx_struct_conn_angle.ptnr2_auth_comp_id 
_pdbx_struct_conn_angle.ptnr2_auth_seq_id 
_pdbx_struct_conn_angle.ptnr2_PDB_ins_code 
_pdbx_struct_conn_angle.ptnr2_symmetry 
_pdbx_struct_conn_angle.ptnr3_label_atom_id 
_pdbx_struct_conn_angle.ptnr3_label_alt_id 
_pdbx_struct_conn_angle.ptnr3_label_asym_id 
_pdbx_struct_conn_angle.ptnr3_label_comp_id 
_pdbx_struct_conn_angle.ptnr3_label_seq_id 
_pdbx_struct_conn_angle.ptnr3_auth_atom_id 
_pdbx_struct_conn_angle.ptnr3_auth_asym_id 
_pdbx_struct_conn_angle.ptnr3_auth_comp_id 
_pdbx_struct_conn_angle.ptnr3_auth_seq_id 
_pdbx_struct_conn_angle.ptnr3_PDB_ins_code 
_pdbx_struct_conn_angle.ptnr3_symmetry 
_pdbx_struct_conn_angle.value 
_pdbx_struct_conn_angle.value_esd 
1  O3A ? D PRP . ? A PRP 301 ? 1_555 MG ? B MG . ? A MG 400 ? 1_555 O1  ? D PRP . ? A PRP 301 ? 1_555 54.8  ? 
2  O3A ? D PRP . ? A PRP 301 ? 1_555 MG ? B MG . ? A MG 400 ? 1_555 O2  ? D PRP . ? A PRP 301 ? 1_555 104.8 ? 
3  O1  ? D PRP . ? A PRP 301 ? 1_555 MG ? B MG . ? A MG 400 ? 1_555 O2  ? D PRP . ? A PRP 301 ? 1_555 63.9  ? 
4  O3A ? D PRP . ? A PRP 301 ? 1_555 MG ? B MG . ? A MG 400 ? 1_555 O3  ? D PRP . ? A PRP 301 ? 1_555 127.9 ? 
5  O1  ? D PRP . ? A PRP 301 ? 1_555 MG ? B MG . ? A MG 400 ? 1_555 O3  ? D PRP . ? A PRP 301 ? 1_555 77.3  ? 
6  O2  ? D PRP . ? A PRP 301 ? 1_555 MG ? B MG . ? A MG 400 ? 1_555 O3  ? D PRP . ? A PRP 301 ? 1_555 64.4  ? 
7  O3A ? D PRP . ? A PRP 301 ? 1_555 MG ? B MG . ? A MG 400 ? 1_555 O3B ? D PRP . ? A PRP 301 ? 1_555 55.3  ? 
8  O1  ? D PRP . ? A PRP 301 ? 1_555 MG ? B MG . ? A MG 400 ? 1_555 O3B ? D PRP . ? A PRP 301 ? 1_555 94.6  ? 
9  O2  ? D PRP . ? A PRP 301 ? 1_555 MG ? B MG . ? A MG 400 ? 1_555 O3B ? D PRP . ? A PRP 301 ? 1_555 94.8  ? 
10 O3  ? D PRP . ? A PRP 301 ? 1_555 MG ? B MG . ? A MG 400 ? 1_555 O3B ? D PRP . ? A PRP 301 ? 1_555 159.2 ? 
11 O3A ? D PRP . ? A PRP 301 ? 1_555 MG ? B MG . ? A MG 400 ? 1_555 O   ? E HOH . ? A HOH 463 ? 1_555 138.8 ? 
12 O1  ? D PRP . ? A PRP 301 ? 1_555 MG ? B MG . ? A MG 400 ? 1_555 O   ? E HOH . ? A HOH 463 ? 1_555 165.1 ? 
13 O2  ? D PRP . ? A PRP 301 ? 1_555 MG ? B MG . ? A MG 400 ? 1_555 O   ? E HOH . ? A HOH 463 ? 1_555 102.4 ? 
14 O3  ? D PRP . ? A PRP 301 ? 1_555 MG ? B MG . ? A MG 400 ? 1_555 O   ? E HOH . ? A HOH 463 ? 1_555 91.8  ? 
15 O3B ? D PRP . ? A PRP 301 ? 1_555 MG ? B MG . ? A MG 400 ? 1_555 O   ? E HOH . ? A HOH 463 ? 1_555 92.3  ? 
16 O3A ? D PRP . ? A PRP 301 ? 1_555 MG ? B MG . ? A MG 400 ? 1_555 O   ? E HOH . ? A HOH 464 ? 1_555 68.0  ? 
17 O1  ? D PRP . ? A PRP 301 ? 1_555 MG ? B MG . ? A MG 400 ? 1_555 O   ? E HOH . ? A HOH 464 ? 1_555 91.8  ? 
18 O2  ? D PRP . ? A PRP 301 ? 1_555 MG ? B MG . ? A MG 400 ? 1_555 O   ? E HOH . ? A HOH 464 ? 1_555 151.5 ? 
19 O3  ? D PRP . ? A PRP 301 ? 1_555 MG ? B MG . ? A MG 400 ? 1_555 O   ? E HOH . ? A HOH 464 ? 1_555 97.4  ? 
20 O3B ? D PRP . ? A PRP 301 ? 1_555 MG ? B MG . ? A MG 400 ? 1_555 O   ? E HOH . ? A HOH 464 ? 1_555 102.0 ? 
21 O   ? E HOH . ? A HOH 463 ? 1_555 MG ? B MG . ? A MG 400 ? 1_555 O   ? E HOH . ? A HOH 464 ? 1_555 99.7  ? 
# 
loop_
_pdbx_audit_revision_history.ordinal 
_pdbx_audit_revision_history.data_content_type 
_pdbx_audit_revision_history.major_revision 
_pdbx_audit_revision_history.minor_revision 
_pdbx_audit_revision_history.revision_date 
1 'Structure model' 1 0 2002-11-27 
2 'Structure model' 1 1 2008-04-28 
3 'Structure model' 1 2 2011-07-13 
4 'Structure model' 1 3 2020-07-29 
5 'Structure model' 1 4 2023-08-16 
# 
loop_
_pdbx_audit_revision_details.ordinal 
_pdbx_audit_revision_details.revision_ordinal 
_pdbx_audit_revision_details.data_content_type 
_pdbx_audit_revision_details.provider 
_pdbx_audit_revision_details.type 
_pdbx_audit_revision_details.description 
_pdbx_audit_revision_details.details 
1 1 'Structure model' repository 'Initial release' ?                          ? 
2 4 'Structure model' repository Remediation       'Carbohydrate remediation' ? 
# 
loop_
_pdbx_audit_revision_group.ordinal 
_pdbx_audit_revision_group.revision_ordinal 
_pdbx_audit_revision_group.data_content_type 
_pdbx_audit_revision_group.group 
1  2 'Structure model' 'Version format compliance' 
2  3 'Structure model' 'Derived calculations'      
3  3 'Structure model' 'Version format compliance' 
4  4 'Structure model' 'Data collection'           
5  4 'Structure model' 'Database references'       
6  4 'Structure model' 'Derived calculations'      
7  4 'Structure model' 'Structure summary'         
8  5 'Structure model' 'Data collection'           
9  5 'Structure model' 'Database references'       
10 5 'Structure model' 'Refinement description'    
11 5 'Structure model' 'Structure summary'         
# 
loop_
_pdbx_audit_revision_category.ordinal 
_pdbx_audit_revision_category.revision_ordinal 
_pdbx_audit_revision_category.data_content_type 
_pdbx_audit_revision_category.category 
1  4 'Structure model' chem_comp                     
2  4 'Structure model' entity                        
3  4 'Structure model' pdbx_chem_comp_identifier     
4  4 'Structure model' pdbx_entity_nonpoly           
5  4 'Structure model' struct_conn                   
6  4 'Structure model' struct_ref_seq_dif            
7  4 'Structure model' struct_site                   
8  4 'Structure model' struct_site_gen               
9  5 'Structure model' chem_comp                     
10 5 'Structure model' chem_comp_atom                
11 5 'Structure model' chem_comp_bond                
12 5 'Structure model' database_2                    
13 5 'Structure model' pdbx_initial_refinement_model 
# 
loop_
_pdbx_audit_revision_item.ordinal 
_pdbx_audit_revision_item.revision_ordinal 
_pdbx_audit_revision_item.data_content_type 
_pdbx_audit_revision_item.item 
1  4 'Structure model' '_chem_comp.mon_nstd_flag'            
2  4 'Structure model' '_chem_comp.name'                     
3  4 'Structure model' '_chem_comp.type'                     
4  4 'Structure model' '_entity.pdbx_description'            
5  4 'Structure model' '_pdbx_entity_nonpoly.name'           
6  4 'Structure model' '_struct_conn.ptnr1_auth_comp_id'     
7  4 'Structure model' '_struct_conn.ptnr1_auth_seq_id'      
8  4 'Structure model' '_struct_conn.ptnr1_label_asym_id'    
9  4 'Structure model' '_struct_conn.ptnr1_label_atom_id'    
10 4 'Structure model' '_struct_conn.ptnr1_label_comp_id'    
11 4 'Structure model' '_struct_conn.ptnr2_auth_comp_id'     
12 4 'Structure model' '_struct_conn.ptnr2_auth_seq_id'      
13 4 'Structure model' '_struct_conn.ptnr2_label_asym_id'    
14 4 'Structure model' '_struct_conn.ptnr2_label_atom_id'    
15 4 'Structure model' '_struct_conn.ptnr2_label_comp_id'    
16 4 'Structure model' '_struct_ref_seq_dif.details'         
17 5 'Structure model' '_chem_comp.pdbx_synonyms'            
18 5 'Structure model' '_database_2.pdbx_DOI'                
19 5 'Structure model' '_database_2.pdbx_database_accession' 
# 
loop_
_software.name 
_software.classification 
_software.version 
_software.citation_id 
_software.pdbx_ordinal 
DENZO     'data reduction' . ? 1 
SCALEPACK 'data scaling'   . ? 2 
CNS       refinement       . ? 3 
CNS       phasing          . ? 4 
# 
loop_
_pdbx_validate_torsion.id 
_pdbx_validate_torsion.PDB_model_num 
_pdbx_validate_torsion.auth_comp_id 
_pdbx_validate_torsion.auth_asym_id 
_pdbx_validate_torsion.auth_seq_id 
_pdbx_validate_torsion.PDB_ins_code 
_pdbx_validate_torsion.label_alt_id 
_pdbx_validate_torsion.phi 
_pdbx_validate_torsion.psi 
1 1 PRO A 53  ? ? -73.61  49.81   
2 1 GLN A 102 ? ? -170.68 128.40  
3 1 ALA A 128 ? ? -103.25 -102.38 
4 1 LYS A 162 ? ? 37.17   58.45   
5 1 ARG A 173 ? ? -102.30 78.77   
# 
loop_
_pdbx_unobs_or_zero_occ_atoms.id 
_pdbx_unobs_or_zero_occ_atoms.PDB_model_num 
_pdbx_unobs_or_zero_occ_atoms.polymer_flag 
_pdbx_unobs_or_zero_occ_atoms.occupancy_flag 
_pdbx_unobs_or_zero_occ_atoms.auth_asym_id 
_pdbx_unobs_or_zero_occ_atoms.auth_comp_id 
_pdbx_unobs_or_zero_occ_atoms.auth_seq_id 
_pdbx_unobs_or_zero_occ_atoms.PDB_ins_code 
_pdbx_unobs_or_zero_occ_atoms.auth_atom_id 
_pdbx_unobs_or_zero_occ_atoms.label_alt_id 
_pdbx_unobs_or_zero_occ_atoms.label_asym_id 
_pdbx_unobs_or_zero_occ_atoms.label_comp_id 
_pdbx_unobs_or_zero_occ_atoms.label_seq_id 
_pdbx_unobs_or_zero_occ_atoms.label_atom_id 
1  1 Y 1 A GLN 102 ? CG  ? A GLN 102 CG  
2  1 Y 1 A GLN 102 ? CD  ? A GLN 102 CD  
3  1 Y 1 A GLN 102 ? OE1 ? A GLN 102 OE1 
4  1 Y 1 A GLN 102 ? NE2 ? A GLN 102 NE2 
5  1 Y 1 A LYS 103 ? CG  ? A LYS 103 CG  
6  1 Y 1 A LYS 103 ? CD  ? A LYS 103 CD  
7  1 Y 1 A LYS 103 ? CE  ? A LYS 103 CE  
8  1 Y 1 A LYS 103 ? NZ  ? A LYS 103 NZ  
9  1 Y 1 A VAL 105 ? CG1 ? A VAL 105 CG1 
10 1 Y 1 A VAL 105 ? CG2 ? A VAL 105 CG2 
# 
loop_
_pdbx_unobs_or_zero_occ_residues.id 
_pdbx_unobs_or_zero_occ_residues.PDB_model_num 
_pdbx_unobs_or_zero_occ_residues.polymer_flag 
_pdbx_unobs_or_zero_occ_residues.occupancy_flag 
_pdbx_unobs_or_zero_occ_residues.auth_asym_id 
_pdbx_unobs_or_zero_occ_residues.auth_comp_id 
_pdbx_unobs_or_zero_occ_residues.auth_seq_id 
_pdbx_unobs_or_zero_occ_residues.PDB_ins_code 
_pdbx_unobs_or_zero_occ_residues.label_asym_id 
_pdbx_unobs_or_zero_occ_residues.label_comp_id 
_pdbx_unobs_or_zero_occ_residues.label_seq_id 
1 1 Y 1 A MET 1   ? A MET 1   
2 1 Y 1 A HIS 181 ? A HIS 181 
3 1 Y 1 A HIS 182 ? A HIS 182 
4 1 Y 1 A HIS 183 ? A HIS 183 
5 1 Y 1 A HIS 184 ? A HIS 184 
6 1 Y 1 A HIS 185 ? A HIS 185 
7 1 Y 1 A HIS 186 ? A HIS 186 
# 
loop_
_chem_comp_atom.comp_id 
_chem_comp_atom.atom_id 
_chem_comp_atom.type_symbol 
_chem_comp_atom.pdbx_aromatic_flag 
_chem_comp_atom.pdbx_stereo_config 
_chem_comp_atom.pdbx_ordinal 
9DA N1   N  Y N 1   
9DA C2   C  Y N 2   
9DA N3   N  Y N 3   
9DA C4   C  Y N 4   
9DA C5   C  Y N 5   
9DA C6   C  Y N 6   
9DA N6   N  N N 7   
9DA N7   N  Y N 8   
9DA C8   C  Y N 9   
9DA C9   C  Y N 10  
9DA HC2  H  N N 11  
9DA HN61 H  N N 12  
9DA HN62 H  N N 13  
9DA HN7  H  N N 14  
9DA HC8  H  N N 15  
9DA HC9  H  N N 16  
ALA N    N  N N 17  
ALA CA   C  N S 18  
ALA C    C  N N 19  
ALA O    O  N N 20  
ALA CB   C  N N 21  
ALA OXT  O  N N 22  
ALA H    H  N N 23  
ALA H2   H  N N 24  
ALA HA   H  N N 25  
ALA HB1  H  N N 26  
ALA HB2  H  N N 27  
ALA HB3  H  N N 28  
ALA HXT  H  N N 29  
ARG N    N  N N 30  
ARG CA   C  N S 31  
ARG C    C  N N 32  
ARG O    O  N N 33  
ARG CB   C  N N 34  
ARG CG   C  N N 35  
ARG CD   C  N N 36  
ARG NE   N  N N 37  
ARG CZ   C  N N 38  
ARG NH1  N  N N 39  
ARG NH2  N  N N 40  
ARG OXT  O  N N 41  
ARG H    H  N N 42  
ARG H2   H  N N 43  
ARG HA   H  N N 44  
ARG HB2  H  N N 45  
ARG HB3  H  N N 46  
ARG HG2  H  N N 47  
ARG HG3  H  N N 48  
ARG HD2  H  N N 49  
ARG HD3  H  N N 50  
ARG HE   H  N N 51  
ARG HH11 H  N N 52  
ARG HH12 H  N N 53  
ARG HH21 H  N N 54  
ARG HH22 H  N N 55  
ARG HXT  H  N N 56  
ASN N    N  N N 57  
ASN CA   C  N S 58  
ASN C    C  N N 59  
ASN O    O  N N 60  
ASN CB   C  N N 61  
ASN CG   C  N N 62  
ASN OD1  O  N N 63  
ASN ND2  N  N N 64  
ASN OXT  O  N N 65  
ASN H    H  N N 66  
ASN H2   H  N N 67  
ASN HA   H  N N 68  
ASN HB2  H  N N 69  
ASN HB3  H  N N 70  
ASN HD21 H  N N 71  
ASN HD22 H  N N 72  
ASN HXT  H  N N 73  
ASP N    N  N N 74  
ASP CA   C  N S 75  
ASP C    C  N N 76  
ASP O    O  N N 77  
ASP CB   C  N N 78  
ASP CG   C  N N 79  
ASP OD1  O  N N 80  
ASP OD2  O  N N 81  
ASP OXT  O  N N 82  
ASP H    H  N N 83  
ASP H2   H  N N 84  
ASP HA   H  N N 85  
ASP HB2  H  N N 86  
ASP HB3  H  N N 87  
ASP HD2  H  N N 88  
ASP HXT  H  N N 89  
CYS N    N  N N 90  
CYS CA   C  N R 91  
CYS C    C  N N 92  
CYS O    O  N N 93  
CYS CB   C  N N 94  
CYS SG   S  N N 95  
CYS OXT  O  N N 96  
CYS H    H  N N 97  
CYS H2   H  N N 98  
CYS HA   H  N N 99  
CYS HB2  H  N N 100 
CYS HB3  H  N N 101 
CYS HG   H  N N 102 
CYS HXT  H  N N 103 
GLN N    N  N N 104 
GLN CA   C  N S 105 
GLN C    C  N N 106 
GLN O    O  N N 107 
GLN CB   C  N N 108 
GLN CG   C  N N 109 
GLN CD   C  N N 110 
GLN OE1  O  N N 111 
GLN NE2  N  N N 112 
GLN OXT  O  N N 113 
GLN H    H  N N 114 
GLN H2   H  N N 115 
GLN HA   H  N N 116 
GLN HB2  H  N N 117 
GLN HB3  H  N N 118 
GLN HG2  H  N N 119 
GLN HG3  H  N N 120 
GLN HE21 H  N N 121 
GLN HE22 H  N N 122 
GLN HXT  H  N N 123 
GLU N    N  N N 124 
GLU CA   C  N S 125 
GLU C    C  N N 126 
GLU O    O  N N 127 
GLU CB   C  N N 128 
GLU CG   C  N N 129 
GLU CD   C  N N 130 
GLU OE1  O  N N 131 
GLU OE2  O  N N 132 
GLU OXT  O  N N 133 
GLU H    H  N N 134 
GLU H2   H  N N 135 
GLU HA   H  N N 136 
GLU HB2  H  N N 137 
GLU HB3  H  N N 138 
GLU HG2  H  N N 139 
GLU HG3  H  N N 140 
GLU HE2  H  N N 141 
GLU HXT  H  N N 142 
GLY N    N  N N 143 
GLY CA   C  N N 144 
GLY C    C  N N 145 
GLY O    O  N N 146 
GLY OXT  O  N N 147 
GLY H    H  N N 148 
GLY H2   H  N N 149 
GLY HA2  H  N N 150 
GLY HA3  H  N N 151 
GLY HXT  H  N N 152 
HIS N    N  N N 153 
HIS CA   C  N S 154 
HIS C    C  N N 155 
HIS O    O  N N 156 
HIS CB   C  N N 157 
HIS CG   C  Y N 158 
HIS ND1  N  Y N 159 
HIS CD2  C  Y N 160 
HIS CE1  C  Y N 161 
HIS NE2  N  Y N 162 
HIS OXT  O  N N 163 
HIS H    H  N N 164 
HIS H2   H  N N 165 
HIS HA   H  N N 166 
HIS HB2  H  N N 167 
HIS HB3  H  N N 168 
HIS HD1  H  N N 169 
HIS HD2  H  N N 170 
HIS HE1  H  N N 171 
HIS HE2  H  N N 172 
HIS HXT  H  N N 173 
HOH O    O  N N 174 
HOH H1   H  N N 175 
HOH H2   H  N N 176 
ILE N    N  N N 177 
ILE CA   C  N S 178 
ILE C    C  N N 179 
ILE O    O  N N 180 
ILE CB   C  N S 181 
ILE CG1  C  N N 182 
ILE CG2  C  N N 183 
ILE CD1  C  N N 184 
ILE OXT  O  N N 185 
ILE H    H  N N 186 
ILE H2   H  N N 187 
ILE HA   H  N N 188 
ILE HB   H  N N 189 
ILE HG12 H  N N 190 
ILE HG13 H  N N 191 
ILE HG21 H  N N 192 
ILE HG22 H  N N 193 
ILE HG23 H  N N 194 
ILE HD11 H  N N 195 
ILE HD12 H  N N 196 
ILE HD13 H  N N 197 
ILE HXT  H  N N 198 
LEU N    N  N N 199 
LEU CA   C  N S 200 
LEU C    C  N N 201 
LEU O    O  N N 202 
LEU CB   C  N N 203 
LEU CG   C  N N 204 
LEU CD1  C  N N 205 
LEU CD2  C  N N 206 
LEU OXT  O  N N 207 
LEU H    H  N N 208 
LEU H2   H  N N 209 
LEU HA   H  N N 210 
LEU HB2  H  N N 211 
LEU HB3  H  N N 212 
LEU HG   H  N N 213 
LEU HD11 H  N N 214 
LEU HD12 H  N N 215 
LEU HD13 H  N N 216 
LEU HD21 H  N N 217 
LEU HD22 H  N N 218 
LEU HD23 H  N N 219 
LEU HXT  H  N N 220 
LYS N    N  N N 221 
LYS CA   C  N S 222 
LYS C    C  N N 223 
LYS O    O  N N 224 
LYS CB   C  N N 225 
LYS CG   C  N N 226 
LYS CD   C  N N 227 
LYS CE   C  N N 228 
LYS NZ   N  N N 229 
LYS OXT  O  N N 230 
LYS H    H  N N 231 
LYS H2   H  N N 232 
LYS HA   H  N N 233 
LYS HB2  H  N N 234 
LYS HB3  H  N N 235 
LYS HG2  H  N N 236 
LYS HG3  H  N N 237 
LYS HD2  H  N N 238 
LYS HD3  H  N N 239 
LYS HE2  H  N N 240 
LYS HE3  H  N N 241 
LYS HZ1  H  N N 242 
LYS HZ2  H  N N 243 
LYS HZ3  H  N N 244 
LYS HXT  H  N N 245 
MET N    N  N N 246 
MET CA   C  N S 247 
MET C    C  N N 248 
MET O    O  N N 249 
MET CB   C  N N 250 
MET CG   C  N N 251 
MET SD   S  N N 252 
MET CE   C  N N 253 
MET OXT  O  N N 254 
MET H    H  N N 255 
MET H2   H  N N 256 
MET HA   H  N N 257 
MET HB2  H  N N 258 
MET HB3  H  N N 259 
MET HG2  H  N N 260 
MET HG3  H  N N 261 
MET HE1  H  N N 262 
MET HE2  H  N N 263 
MET HE3  H  N N 264 
MET HXT  H  N N 265 
MG  MG   MG N N 266 
PHE N    N  N N 267 
PHE CA   C  N S 268 
PHE C    C  N N 269 
PHE O    O  N N 270 
PHE CB   C  N N 271 
PHE CG   C  Y N 272 
PHE CD1  C  Y N 273 
PHE CD2  C  Y N 274 
PHE CE1  C  Y N 275 
PHE CE2  C  Y N 276 
PHE CZ   C  Y N 277 
PHE OXT  O  N N 278 
PHE H    H  N N 279 
PHE H2   H  N N 280 
PHE HA   H  N N 281 
PHE HB2  H  N N 282 
PHE HB3  H  N N 283 
PHE HD1  H  N N 284 
PHE HD2  H  N N 285 
PHE HE1  H  N N 286 
PHE HE2  H  N N 287 
PHE HZ   H  N N 288 
PHE HXT  H  N N 289 
PRO N    N  N N 290 
PRO CA   C  N S 291 
PRO C    C  N N 292 
PRO O    O  N N 293 
PRO CB   C  N N 294 
PRO CG   C  N N 295 
PRO CD   C  N N 296 
PRO OXT  O  N N 297 
PRO H    H  N N 298 
PRO HA   H  N N 299 
PRO HB2  H  N N 300 
PRO HB3  H  N N 301 
PRO HG2  H  N N 302 
PRO HG3  H  N N 303 
PRO HD2  H  N N 304 
PRO HD3  H  N N 305 
PRO HXT  H  N N 306 
PRP C1   C  N R 307 
PRP C2   C  N R 308 
PRP C3   C  N S 309 
PRP C4   C  N R 310 
PRP C5   C  N N 311 
PRP O1   O  N N 312 
PRP O2   O  N N 313 
PRP O3   O  N N 314 
PRP O4   O  N N 315 
PRP O5   O  N N 316 
PRP P    P  N N 317 
PRP O1P  O  N N 318 
PRP O2P  O  N N 319 
PRP O3P  O  N N 320 
PRP PA   P  N R 321 
PRP O1A  O  N N 322 
PRP O2A  O  N N 323 
PRP O3A  O  N N 324 
PRP PB   P  N N 325 
PRP O1B  O  N N 326 
PRP O2B  O  N N 327 
PRP O3B  O  N N 328 
PRP H1   H  N N 329 
PRP H2   H  N N 330 
PRP H3   H  N N 331 
PRP H4   H  N N 332 
PRP H51  H  N N 333 
PRP H52  H  N N 334 
PRP HO2  H  N N 335 
PRP HO3  H  N N 336 
PRP HOP2 H  N N 337 
PRP HOP3 H  N N 338 
PRP HOA2 H  N N 339 
PRP HOB2 H  N N 340 
PRP HOB3 H  N N 341 
SER N    N  N N 342 
SER CA   C  N S 343 
SER C    C  N N 344 
SER O    O  N N 345 
SER CB   C  N N 346 
SER OG   O  N N 347 
SER OXT  O  N N 348 
SER H    H  N N 349 
SER H2   H  N N 350 
SER HA   H  N N 351 
SER HB2  H  N N 352 
SER HB3  H  N N 353 
SER HG   H  N N 354 
SER HXT  H  N N 355 
THR N    N  N N 356 
THR CA   C  N S 357 
THR C    C  N N 358 
THR O    O  N N 359 
THR CB   C  N R 360 
THR OG1  O  N N 361 
THR CG2  C  N N 362 
THR OXT  O  N N 363 
THR H    H  N N 364 
THR H2   H  N N 365 
THR HA   H  N N 366 
THR HB   H  N N 367 
THR HG1  H  N N 368 
THR HG21 H  N N 369 
THR HG22 H  N N 370 
THR HG23 H  N N 371 
THR HXT  H  N N 372 
TYR N    N  N N 373 
TYR CA   C  N S 374 
TYR C    C  N N 375 
TYR O    O  N N 376 
TYR CB   C  N N 377 
TYR CG   C  Y N 378 
TYR CD1  C  Y N 379 
TYR CD2  C  Y N 380 
TYR CE1  C  Y N 381 
TYR CE2  C  Y N 382 
TYR CZ   C  Y N 383 
TYR OH   O  N N 384 
TYR OXT  O  N N 385 
TYR H    H  N N 386 
TYR H2   H  N N 387 
TYR HA   H  N N 388 
TYR HB2  H  N N 389 
TYR HB3  H  N N 390 
TYR HD1  H  N N 391 
TYR HD2  H  N N 392 
TYR HE1  H  N N 393 
TYR HE2  H  N N 394 
TYR HH   H  N N 395 
TYR HXT  H  N N 396 
VAL N    N  N N 397 
VAL CA   C  N S 398 
VAL C    C  N N 399 
VAL O    O  N N 400 
VAL CB   C  N N 401 
VAL CG1  C  N N 402 
VAL CG2  C  N N 403 
VAL OXT  O  N N 404 
VAL H    H  N N 405 
VAL H2   H  N N 406 
VAL HA   H  N N 407 
VAL HB   H  N N 408 
VAL HG11 H  N N 409 
VAL HG12 H  N N 410 
VAL HG13 H  N N 411 
VAL HG21 H  N N 412 
VAL HG22 H  N N 413 
VAL HG23 H  N N 414 
VAL HXT  H  N N 415 
# 
loop_
_chem_comp_bond.comp_id 
_chem_comp_bond.atom_id_1 
_chem_comp_bond.atom_id_2 
_chem_comp_bond.value_order 
_chem_comp_bond.pdbx_aromatic_flag 
_chem_comp_bond.pdbx_stereo_config 
_chem_comp_bond.pdbx_ordinal 
9DA N1  C2   doub Y N 1   
9DA N1  C6   sing Y N 2   
9DA C2  N3   sing Y N 3   
9DA C2  HC2  sing N N 4   
9DA N3  C4   doub Y N 5   
9DA C4  C5   sing Y N 6   
9DA C4  C9   sing Y N 7   
9DA C5  C6   doub Y N 8   
9DA C5  N7   sing Y N 9   
9DA C6  N6   sing N N 10  
9DA N6  HN61 sing N N 11  
9DA N6  HN62 sing N N 12  
9DA N7  C8   sing Y N 13  
9DA N7  HN7  sing N N 14  
9DA C8  C9   doub Y N 15  
9DA C8  HC8  sing N N 16  
9DA C9  HC9  sing N N 17  
ALA N   CA   sing N N 18  
ALA N   H    sing N N 19  
ALA N   H2   sing N N 20  
ALA CA  C    sing N N 21  
ALA CA  CB   sing N N 22  
ALA CA  HA   sing N N 23  
ALA C   O    doub N N 24  
ALA C   OXT  sing N N 25  
ALA CB  HB1  sing N N 26  
ALA CB  HB2  sing N N 27  
ALA CB  HB3  sing N N 28  
ALA OXT HXT  sing N N 29  
ARG N   CA   sing N N 30  
ARG N   H    sing N N 31  
ARG N   H2   sing N N 32  
ARG CA  C    sing N N 33  
ARG CA  CB   sing N N 34  
ARG CA  HA   sing N N 35  
ARG C   O    doub N N 36  
ARG C   OXT  sing N N 37  
ARG CB  CG   sing N N 38  
ARG CB  HB2  sing N N 39  
ARG CB  HB3  sing N N 40  
ARG CG  CD   sing N N 41  
ARG CG  HG2  sing N N 42  
ARG CG  HG3  sing N N 43  
ARG CD  NE   sing N N 44  
ARG CD  HD2  sing N N 45  
ARG CD  HD3  sing N N 46  
ARG NE  CZ   sing N N 47  
ARG NE  HE   sing N N 48  
ARG CZ  NH1  sing N N 49  
ARG CZ  NH2  doub N N 50  
ARG NH1 HH11 sing N N 51  
ARG NH1 HH12 sing N N 52  
ARG NH2 HH21 sing N N 53  
ARG NH2 HH22 sing N N 54  
ARG OXT HXT  sing N N 55  
ASN N   CA   sing N N 56  
ASN N   H    sing N N 57  
ASN N   H2   sing N N 58  
ASN CA  C    sing N N 59  
ASN CA  CB   sing N N 60  
ASN CA  HA   sing N N 61  
ASN C   O    doub N N 62  
ASN C   OXT  sing N N 63  
ASN CB  CG   sing N N 64  
ASN CB  HB2  sing N N 65  
ASN CB  HB3  sing N N 66  
ASN CG  OD1  doub N N 67  
ASN CG  ND2  sing N N 68  
ASN ND2 HD21 sing N N 69  
ASN ND2 HD22 sing N N 70  
ASN OXT HXT  sing N N 71  
ASP N   CA   sing N N 72  
ASP N   H    sing N N 73  
ASP N   H2   sing N N 74  
ASP CA  C    sing N N 75  
ASP CA  CB   sing N N 76  
ASP CA  HA   sing N N 77  
ASP C   O    doub N N 78  
ASP C   OXT  sing N N 79  
ASP CB  CG   sing N N 80  
ASP CB  HB2  sing N N 81  
ASP CB  HB3  sing N N 82  
ASP CG  OD1  doub N N 83  
ASP CG  OD2  sing N N 84  
ASP OD2 HD2  sing N N 85  
ASP OXT HXT  sing N N 86  
CYS N   CA   sing N N 87  
CYS N   H    sing N N 88  
CYS N   H2   sing N N 89  
CYS CA  C    sing N N 90  
CYS CA  CB   sing N N 91  
CYS CA  HA   sing N N 92  
CYS C   O    doub N N 93  
CYS C   OXT  sing N N 94  
CYS CB  SG   sing N N 95  
CYS CB  HB2  sing N N 96  
CYS CB  HB3  sing N N 97  
CYS SG  HG   sing N N 98  
CYS OXT HXT  sing N N 99  
GLN N   CA   sing N N 100 
GLN N   H    sing N N 101 
GLN N   H2   sing N N 102 
GLN CA  C    sing N N 103 
GLN CA  CB   sing N N 104 
GLN CA  HA   sing N N 105 
GLN C   O    doub N N 106 
GLN C   OXT  sing N N 107 
GLN CB  CG   sing N N 108 
GLN CB  HB2  sing N N 109 
GLN CB  HB3  sing N N 110 
GLN CG  CD   sing N N 111 
GLN CG  HG2  sing N N 112 
GLN CG  HG3  sing N N 113 
GLN CD  OE1  doub N N 114 
GLN CD  NE2  sing N N 115 
GLN NE2 HE21 sing N N 116 
GLN NE2 HE22 sing N N 117 
GLN OXT HXT  sing N N 118 
GLU N   CA   sing N N 119 
GLU N   H    sing N N 120 
GLU N   H2   sing N N 121 
GLU CA  C    sing N N 122 
GLU CA  CB   sing N N 123 
GLU CA  HA   sing N N 124 
GLU C   O    doub N N 125 
GLU C   OXT  sing N N 126 
GLU CB  CG   sing N N 127 
GLU CB  HB2  sing N N 128 
GLU CB  HB3  sing N N 129 
GLU CG  CD   sing N N 130 
GLU CG  HG2  sing N N 131 
GLU CG  HG3  sing N N 132 
GLU CD  OE1  doub N N 133 
GLU CD  OE2  sing N N 134 
GLU OE2 HE2  sing N N 135 
GLU OXT HXT  sing N N 136 
GLY N   CA   sing N N 137 
GLY N   H    sing N N 138 
GLY N   H2   sing N N 139 
GLY CA  C    sing N N 140 
GLY CA  HA2  sing N N 141 
GLY CA  HA3  sing N N 142 
GLY C   O    doub N N 143 
GLY C   OXT  sing N N 144 
GLY OXT HXT  sing N N 145 
HIS N   CA   sing N N 146 
HIS N   H    sing N N 147 
HIS N   H2   sing N N 148 
HIS CA  C    sing N N 149 
HIS CA  CB   sing N N 150 
HIS CA  HA   sing N N 151 
HIS C   O    doub N N 152 
HIS C   OXT  sing N N 153 
HIS CB  CG   sing N N 154 
HIS CB  HB2  sing N N 155 
HIS CB  HB3  sing N N 156 
HIS CG  ND1  sing Y N 157 
HIS CG  CD2  doub Y N 158 
HIS ND1 CE1  doub Y N 159 
HIS ND1 HD1  sing N N 160 
HIS CD2 NE2  sing Y N 161 
HIS CD2 HD2  sing N N 162 
HIS CE1 NE2  sing Y N 163 
HIS CE1 HE1  sing N N 164 
HIS NE2 HE2  sing N N 165 
HIS OXT HXT  sing N N 166 
HOH O   H1   sing N N 167 
HOH O   H2   sing N N 168 
ILE N   CA   sing N N 169 
ILE N   H    sing N N 170 
ILE N   H2   sing N N 171 
ILE CA  C    sing N N 172 
ILE CA  CB   sing N N 173 
ILE CA  HA   sing N N 174 
ILE C   O    doub N N 175 
ILE C   OXT  sing N N 176 
ILE CB  CG1  sing N N 177 
ILE CB  CG2  sing N N 178 
ILE CB  HB   sing N N 179 
ILE CG1 CD1  sing N N 180 
ILE CG1 HG12 sing N N 181 
ILE CG1 HG13 sing N N 182 
ILE CG2 HG21 sing N N 183 
ILE CG2 HG22 sing N N 184 
ILE CG2 HG23 sing N N 185 
ILE CD1 HD11 sing N N 186 
ILE CD1 HD12 sing N N 187 
ILE CD1 HD13 sing N N 188 
ILE OXT HXT  sing N N 189 
LEU N   CA   sing N N 190 
LEU N   H    sing N N 191 
LEU N   H2   sing N N 192 
LEU CA  C    sing N N 193 
LEU CA  CB   sing N N 194 
LEU CA  HA   sing N N 195 
LEU C   O    doub N N 196 
LEU C   OXT  sing N N 197 
LEU CB  CG   sing N N 198 
LEU CB  HB2  sing N N 199 
LEU CB  HB3  sing N N 200 
LEU CG  CD1  sing N N 201 
LEU CG  CD2  sing N N 202 
LEU CG  HG   sing N N 203 
LEU CD1 HD11 sing N N 204 
LEU CD1 HD12 sing N N 205 
LEU CD1 HD13 sing N N 206 
LEU CD2 HD21 sing N N 207 
LEU CD2 HD22 sing N N 208 
LEU CD2 HD23 sing N N 209 
LEU OXT HXT  sing N N 210 
LYS N   CA   sing N N 211 
LYS N   H    sing N N 212 
LYS N   H2   sing N N 213 
LYS CA  C    sing N N 214 
LYS CA  CB   sing N N 215 
LYS CA  HA   sing N N 216 
LYS C   O    doub N N 217 
LYS C   OXT  sing N N 218 
LYS CB  CG   sing N N 219 
LYS CB  HB2  sing N N 220 
LYS CB  HB3  sing N N 221 
LYS CG  CD   sing N N 222 
LYS CG  HG2  sing N N 223 
LYS CG  HG3  sing N N 224 
LYS CD  CE   sing N N 225 
LYS CD  HD2  sing N N 226 
LYS CD  HD3  sing N N 227 
LYS CE  NZ   sing N N 228 
LYS CE  HE2  sing N N 229 
LYS CE  HE3  sing N N 230 
LYS NZ  HZ1  sing N N 231 
LYS NZ  HZ2  sing N N 232 
LYS NZ  HZ3  sing N N 233 
LYS OXT HXT  sing N N 234 
MET N   CA   sing N N 235 
MET N   H    sing N N 236 
MET N   H2   sing N N 237 
MET CA  C    sing N N 238 
MET CA  CB   sing N N 239 
MET CA  HA   sing N N 240 
MET C   O    doub N N 241 
MET C   OXT  sing N N 242 
MET CB  CG   sing N N 243 
MET CB  HB2  sing N N 244 
MET CB  HB3  sing N N 245 
MET CG  SD   sing N N 246 
MET CG  HG2  sing N N 247 
MET CG  HG3  sing N N 248 
MET SD  CE   sing N N 249 
MET CE  HE1  sing N N 250 
MET CE  HE2  sing N N 251 
MET CE  HE3  sing N N 252 
MET OXT HXT  sing N N 253 
PHE N   CA   sing N N 254 
PHE N   H    sing N N 255 
PHE N   H2   sing N N 256 
PHE CA  C    sing N N 257 
PHE CA  CB   sing N N 258 
PHE CA  HA   sing N N 259 
PHE C   O    doub N N 260 
PHE C   OXT  sing N N 261 
PHE CB  CG   sing N N 262 
PHE CB  HB2  sing N N 263 
PHE CB  HB3  sing N N 264 
PHE CG  CD1  doub Y N 265 
PHE CG  CD2  sing Y N 266 
PHE CD1 CE1  sing Y N 267 
PHE CD1 HD1  sing N N 268 
PHE CD2 CE2  doub Y N 269 
PHE CD2 HD2  sing N N 270 
PHE CE1 CZ   doub Y N 271 
PHE CE1 HE1  sing N N 272 
PHE CE2 CZ   sing Y N 273 
PHE CE2 HE2  sing N N 274 
PHE CZ  HZ   sing N N 275 
PHE OXT HXT  sing N N 276 
PRO N   CA   sing N N 277 
PRO N   CD   sing N N 278 
PRO N   H    sing N N 279 
PRO CA  C    sing N N 280 
PRO CA  CB   sing N N 281 
PRO CA  HA   sing N N 282 
PRO C   O    doub N N 283 
PRO C   OXT  sing N N 284 
PRO CB  CG   sing N N 285 
PRO CB  HB2  sing N N 286 
PRO CB  HB3  sing N N 287 
PRO CG  CD   sing N N 288 
PRO CG  HG2  sing N N 289 
PRO CG  HG3  sing N N 290 
PRO CD  HD2  sing N N 291 
PRO CD  HD3  sing N N 292 
PRO OXT HXT  sing N N 293 
PRP C1  C2   sing N N 294 
PRP C1  O1   sing N N 295 
PRP C1  O4   sing N N 296 
PRP C1  H1   sing N N 297 
PRP C2  C3   sing N N 298 
PRP C2  O2   sing N N 299 
PRP C2  H2   sing N N 300 
PRP C3  C4   sing N N 301 
PRP C3  O3   sing N N 302 
PRP C3  H3   sing N N 303 
PRP C4  C5   sing N N 304 
PRP C4  O4   sing N N 305 
PRP C4  H4   sing N N 306 
PRP C5  O5   sing N N 307 
PRP C5  H51  sing N N 308 
PRP C5  H52  sing N N 309 
PRP O1  PA   sing N N 310 
PRP O2  HO2  sing N N 311 
PRP O3  HO3  sing N N 312 
PRP O5  P    sing N N 313 
PRP P   O1P  doub N N 314 
PRP P   O2P  sing N N 315 
PRP P   O3P  sing N N 316 
PRP O2P HOP2 sing N N 317 
PRP O3P HOP3 sing N N 318 
PRP PA  O1A  doub N N 319 
PRP PA  O2A  sing N N 320 
PRP PA  O3A  sing N N 321 
PRP O2A HOA2 sing N N 322 
PRP O3A PB   sing N N 323 
PRP PB  O1B  doub N N 324 
PRP PB  O2B  sing N N 325 
PRP PB  O3B  sing N N 326 
PRP O2B HOB2 sing N N 327 
PRP O3B HOB3 sing N N 328 
SER N   CA   sing N N 329 
SER N   H    sing N N 330 
SER N   H2   sing N N 331 
SER CA  C    sing N N 332 
SER CA  CB   sing N N 333 
SER CA  HA   sing N N 334 
SER C   O    doub N N 335 
SER C   OXT  sing N N 336 
SER CB  OG   sing N N 337 
SER CB  HB2  sing N N 338 
SER CB  HB3  sing N N 339 
SER OG  HG   sing N N 340 
SER OXT HXT  sing N N 341 
THR N   CA   sing N N 342 
THR N   H    sing N N 343 
THR N   H2   sing N N 344 
THR CA  C    sing N N 345 
THR CA  CB   sing N N 346 
THR CA  HA   sing N N 347 
THR C   O    doub N N 348 
THR C   OXT  sing N N 349 
THR CB  OG1  sing N N 350 
THR CB  CG2  sing N N 351 
THR CB  HB   sing N N 352 
THR OG1 HG1  sing N N 353 
THR CG2 HG21 sing N N 354 
THR CG2 HG22 sing N N 355 
THR CG2 HG23 sing N N 356 
THR OXT HXT  sing N N 357 
TYR N   CA   sing N N 358 
TYR N   H    sing N N 359 
TYR N   H2   sing N N 360 
TYR CA  C    sing N N 361 
TYR CA  CB   sing N N 362 
TYR CA  HA   sing N N 363 
TYR C   O    doub N N 364 
TYR C   OXT  sing N N 365 
TYR CB  CG   sing N N 366 
TYR CB  HB2  sing N N 367 
TYR CB  HB3  sing N N 368 
TYR CG  CD1  doub Y N 369 
TYR CG  CD2  sing Y N 370 
TYR CD1 CE1  sing Y N 371 
TYR CD1 HD1  sing N N 372 
TYR CD2 CE2  doub Y N 373 
TYR CD2 HD2  sing N N 374 
TYR CE1 CZ   doub Y N 375 
TYR CE1 HE1  sing N N 376 
TYR CE2 CZ   sing Y N 377 
TYR CE2 HE2  sing N N 378 
TYR CZ  OH   sing N N 379 
TYR OH  HH   sing N N 380 
TYR OXT HXT  sing N N 381 
VAL N   CA   sing N N 382 
VAL N   H    sing N N 383 
VAL N   H2   sing N N 384 
VAL CA  C    sing N N 385 
VAL CA  CB   sing N N 386 
VAL CA  HA   sing N N 387 
VAL C   O    doub N N 388 
VAL C   OXT  sing N N 389 
VAL CB  CG1  sing N N 390 
VAL CB  CG2  sing N N 391 
VAL CB  HB   sing N N 392 
VAL CG1 HG11 sing N N 393 
VAL CG1 HG12 sing N N 394 
VAL CG1 HG13 sing N N 395 
VAL CG2 HG21 sing N N 396 
VAL CG2 HG22 sing N N 397 
VAL CG2 HG23 sing N N 398 
VAL OXT HXT  sing N N 399 
# 
_pdbx_chem_comp_identifier.comp_id           PRP 
_pdbx_chem_comp_identifier.type              'IUPAC CARBOHYDRATE SYMBOL' 
_pdbx_chem_comp_identifier.program           PDB-CARE 
_pdbx_chem_comp_identifier.program_version   1.0 
_pdbx_chem_comp_identifier.identifier        a-D-Ribf1PO35PO3 
# 
loop_
_pdbx_entity_nonpoly.entity_id 
_pdbx_entity_nonpoly.name 
_pdbx_entity_nonpoly.comp_id 
2 'MAGNESIUM ION'                                      MG  
3 9-DEAZAADENINE                                       9DA 
4 1-O-pyrophosphono-5-O-phosphono-alpha-D-ribofuranose PRP 
5 water                                                HOH 
# 
_pdbx_initial_refinement_model.id               1 
_pdbx_initial_refinement_model.entity_id_list   ? 
_pdbx_initial_refinement_model.type             'experimental model' 
_pdbx_initial_refinement_model.source_name      PDB 
_pdbx_initial_refinement_model.accession_code   1L1Q 
_pdbx_initial_refinement_model.details          'PDB ENTRY 1L1Q' 
# 
